data_6N7N
#
_entry.id   6N7N
#
_cell.length_a   1
_cell.length_b   1
_cell.length_c   1
_cell.angle_alpha   90
_cell.angle_beta   90
_cell.angle_gamma   90
#
_symmetry.space_group_name_H-M   'P 1'
#
loop_
_entity.id
_entity.type
_entity.pdbx_description
1 polymer 'DNA primase/helicase'
2 polymer "DNA (5'-D(P*TP*TP*TP*TP*TP*TP*TP*TP*TP*TP*TP*TP*TP*TP*T)-3')"
3 non-polymer "THYMIDINE-5'-TRIPHOSPHATE"
4 non-polymer 'MAGNESIUM ION'
#
loop_
_entity_poly.entity_id
_entity_poly.type
_entity_poly.pdbx_seq_one_letter_code
_entity_poly.pdbx_strand_id
1 'polypeptide(L)'
;MDNSHDSDSVFLYHIPCDNCGSSDGNSLFSDGHTFCYVCEKWTAGNEDTKERASKRKPSGGKPMTYNVWNFGESNGRYSA
LTARGISKETCQKAGYWIAKVDGVMYQVADYRDQNGNIVSQKVRDKDKNFKTTGSHKSDALFGKHLWNGGKKIVVTEGEI
DMLTVMELQDCKYPVVSLGHGASAAKKTCAANYEYFDQFEQIILMFDMDEAGRKAVEEAAQVLPAGKVRVAVLPCKDANE
CHLNGHDREIMEQVWNAGPWIPDGVVSALSLRERIREHLSSEESVGLLFSGCTGINDKTLGARGGEVIMVTSGSGMGKST
FVRQQALQWGTAMGKKVGLAMLQESVEETAEDLIGLHNRVRLRQSDSLKREIIENGKFDQWFDELFGNDTFHLYDSFAEA
ETDRLLAKLAYMRSGLGCDVIILDHISIVVSASGESDERKMIDNLMTKLKGFAKSTGVVLVVICHLKNPDKGKAHEEGRP
VSITDLRGSGALRQLSDTIIALERNQQGDMPNLVLVRILKCRFTGDTGIAGYMEYNKETGWLEPSSYSGEEESHSESTDW
SNDTDF
;
A,B,C,D,E,F
2 'polydeoxyribonucleotide' (DT)(DT)(DT)(DT)(DT)(DT)(DT)(DT)(DT)(DT)(DT)(DT)(DT)(DT)(DT) T
#
loop_
_chem_comp.id
_chem_comp.type
_chem_comp.name
_chem_comp.formula
DT DNA linking THYMIDINE-5'-MONOPHOSPHATE 'C10 H15 N2 O8 P'
MG non-polymer 'MAGNESIUM ION' 'Mg 2'
TTP non-polymer THYMIDINE-5'-TRIPHOSPHATE 'C10 H17 N2 O14 P3'
#
# COMPACT_ATOMS: atom_id res chain seq x y z
N GLY A 264 -17.47 22.47 -25.50
CA GLY A 264 -17.44 21.06 -25.80
C GLY A 264 -18.81 20.49 -26.14
N VAL A 265 -19.86 21.21 -25.76
CA VAL A 265 -21.23 20.79 -26.05
C VAL A 265 -21.49 21.04 -27.54
N VAL A 266 -21.64 19.97 -28.30
CA VAL A 266 -21.69 20.04 -29.76
C VAL A 266 -23.04 19.54 -30.25
N SER A 267 -23.78 20.42 -30.90
CA SER A 267 -24.97 20.02 -31.64
C SER A 267 -24.57 19.43 -32.99
N ALA A 268 -25.37 18.48 -33.48
CA ALA A 268 -25.06 17.79 -34.72
C ALA A 268 -25.49 18.55 -35.96
N LEU A 269 -26.00 19.77 -35.82
CA LEU A 269 -26.39 20.60 -36.96
C LEU A 269 -25.24 21.40 -37.52
N SER A 270 -24.22 21.70 -36.72
CA SER A 270 -23.09 22.49 -37.19
C SER A 270 -22.01 21.64 -37.86
N LEU A 271 -22.23 20.33 -37.98
CA LEU A 271 -21.30 19.41 -38.63
C LEU A 271 -21.62 19.23 -40.11
N ARG A 272 -22.20 20.24 -40.74
CA ARG A 272 -22.60 20.11 -42.14
C ARG A 272 -21.38 20.15 -43.06
N GLU A 273 -20.39 20.99 -42.75
CA GLU A 273 -19.22 21.14 -43.58
C GLU A 273 -17.94 20.56 -43.00
N ARG A 274 -17.92 20.24 -41.70
CA ARG A 274 -16.73 19.63 -41.12
C ARG A 274 -16.57 18.18 -41.55
N ILE A 275 -17.67 17.42 -41.53
CA ILE A 275 -17.67 16.03 -41.98
C ILE A 275 -17.29 15.95 -43.46
N ARG A 276 -17.79 16.91 -44.26
CA ARG A 276 -17.41 17.01 -45.66
C ARG A 276 -15.92 17.27 -45.83
N GLU A 277 -15.31 17.96 -44.86
CA GLU A 277 -13.87 18.17 -44.93
C GLU A 277 -13.11 16.91 -44.51
N HIS A 278 -13.74 16.03 -43.73
CA HIS A 278 -13.04 14.86 -43.22
C HIS A 278 -12.98 13.74 -44.25
N LEU A 279 -13.94 13.69 -45.18
CA LEU A 279 -14.00 12.59 -46.12
C LEU A 279 -12.93 12.72 -47.20
N SER A 280 -12.66 13.93 -47.66
CA SER A 280 -11.67 14.16 -48.70
C SER A 280 -10.33 14.63 -48.11
N VAL A 285 -6.58 8.21 -44.57
CA VAL A 285 -5.65 7.77 -45.61
C VAL A 285 -4.59 6.86 -45.00
N GLY A 286 -4.56 5.61 -45.46
CA GLY A 286 -3.65 4.62 -44.91
C GLY A 286 -2.22 4.72 -45.39
N LEU A 287 -1.27 4.62 -44.46
CA LEU A 287 0.14 4.48 -44.80
C LEU A 287 0.53 3.01 -44.64
N LEU A 288 0.89 2.37 -45.75
CA LEU A 288 0.90 0.91 -45.80
C LEU A 288 2.24 0.35 -45.35
N PHE A 289 2.24 -0.92 -44.97
CA PHE A 289 3.44 -1.57 -44.46
C PHE A 289 4.21 -2.24 -45.59
N SER A 290 5.53 -2.10 -45.57
CA SER A 290 6.41 -2.71 -46.56
C SER A 290 7.04 -3.98 -46.02
N GLY A 291 7.54 -4.80 -46.94
CA GLY A 291 8.22 -6.04 -46.60
C GLY A 291 7.30 -7.23 -46.38
N CYS A 292 6.01 -6.99 -46.13
CA CYS A 292 5.06 -8.08 -45.92
C CYS A 292 3.68 -7.57 -46.31
N THR A 293 3.09 -8.19 -47.34
CA THR A 293 1.74 -7.85 -47.74
C THR A 293 0.68 -8.46 -46.83
N GLY A 294 1.05 -9.43 -45.99
CA GLY A 294 0.08 -10.05 -45.10
C GLY A 294 -0.38 -9.15 -43.98
N ILE A 295 0.42 -8.18 -43.58
CA ILE A 295 -0.02 -7.17 -42.62
C ILE A 295 -0.99 -6.21 -43.29
N ASN A 296 -0.78 -5.95 -44.59
CA ASN A 296 -1.61 -5.01 -45.32
C ASN A 296 -3.02 -5.56 -45.59
N ASP A 297 -3.19 -6.89 -45.57
CA ASP A 297 -4.45 -7.48 -45.96
C ASP A 297 -5.53 -7.32 -44.88
N LYS A 298 -5.14 -7.00 -43.65
CA LYS A 298 -6.08 -6.96 -42.53
C LYS A 298 -5.83 -5.79 -41.58
N THR A 299 -5.33 -4.67 -42.08
CA THR A 299 -5.13 -3.48 -41.26
C THR A 299 -5.60 -2.19 -41.93
N LEU A 300 -5.63 -2.15 -43.27
CA LEU A 300 -5.93 -0.95 -44.08
C LEU A 300 -5.00 0.22 -43.75
N GLY A 301 -3.73 -0.10 -43.49
CA GLY A 301 -2.73 0.92 -43.28
C GLY A 301 -2.74 1.57 -41.91
N ALA A 302 -2.71 2.90 -41.88
CA ALA A 302 -2.68 3.68 -40.65
C ALA A 302 -3.16 5.09 -40.95
N ARG A 303 -4.14 5.55 -40.16
CA ARG A 303 -4.71 6.90 -40.35
C ARG A 303 -4.29 7.81 -39.20
N GLY A 304 -4.69 9.08 -39.25
CA GLY A 304 -4.36 10.03 -38.21
C GLY A 304 -4.90 9.57 -36.88
N GLY A 305 -4.03 9.28 -35.93
CA GLY A 305 -4.43 8.67 -34.69
C GLY A 305 -4.57 7.17 -34.79
N GLU A 306 -3.45 6.50 -35.11
CA GLU A 306 -3.42 5.03 -35.26
C GLU A 306 -2.20 4.51 -34.48
N VAL A 307 -2.37 4.25 -33.18
CA VAL A 307 -1.28 3.80 -32.33
C VAL A 307 -1.00 2.34 -32.67
N ILE A 308 0.22 2.07 -33.12
CA ILE A 308 0.63 0.73 -33.54
C ILE A 308 1.65 0.21 -32.54
N MET A 309 1.24 -0.76 -31.75
CA MET A 309 2.10 -1.41 -30.76
C MET A 309 2.80 -2.56 -31.45
N VAL A 310 4.13 -2.62 -31.30
CA VAL A 310 4.94 -3.67 -31.92
C VAL A 310 5.69 -4.39 -30.80
N THR A 311 5.69 -5.72 -30.85
CA THR A 311 6.44 -6.49 -29.85
C THR A 311 6.95 -7.79 -30.45
N SER A 312 7.89 -8.40 -29.74
CA SER A 312 8.36 -9.75 -30.05
C SER A 312 8.97 -10.34 -28.78
N GLY A 313 9.68 -11.45 -28.93
CA GLY A 313 10.32 -12.11 -27.81
C GLY A 313 11.60 -11.42 -27.36
N SER A 314 12.46 -12.21 -26.73
CA SER A 314 13.71 -11.69 -26.19
C SER A 314 14.74 -11.60 -27.32
N GLY A 315 14.72 -10.48 -28.04
CA GLY A 315 15.66 -10.26 -29.12
C GLY A 315 15.23 -10.84 -30.46
N MET A 316 13.94 -10.85 -30.75
CA MET A 316 13.44 -11.43 -31.99
C MET A 316 13.21 -10.39 -33.09
N GLY A 317 13.76 -9.20 -32.94
CA GLY A 317 13.74 -8.22 -34.02
C GLY A 317 12.61 -7.22 -34.03
N LYS A 318 12.42 -6.50 -32.91
CA LYS A 318 11.46 -5.41 -32.89
C LYS A 318 12.00 -4.19 -33.63
N SER A 319 13.17 -3.71 -33.20
CA SER A 319 13.73 -2.47 -33.73
C SER A 319 14.16 -2.63 -35.18
N THR A 320 14.54 -3.85 -35.58
CA THR A 320 14.82 -4.16 -36.98
C THR A 320 13.62 -3.88 -37.87
N PHE A 321 12.46 -4.45 -37.52
CA PHE A 321 11.26 -4.30 -38.33
C PHE A 321 10.72 -2.87 -38.28
N VAL A 322 10.74 -2.24 -37.10
CA VAL A 322 10.20 -0.88 -36.99
C VAL A 322 11.09 0.13 -37.71
N ARG A 323 12.42 -0.04 -37.63
CA ARG A 323 13.32 0.86 -38.33
C ARG A 323 13.28 0.61 -39.84
N GLN A 324 13.01 -0.64 -40.24
CA GLN A 324 12.80 -0.96 -41.65
C GLN A 324 11.56 -0.29 -42.20
N GLN A 325 10.48 -0.27 -41.43
CA GLN A 325 9.27 0.44 -41.87
C GLN A 325 9.48 1.95 -41.87
N ALA A 326 10.28 2.45 -40.93
CA ALA A 326 10.64 3.87 -40.92
C ALA A 326 11.48 4.24 -42.13
N LEU A 327 12.35 3.33 -42.57
CA LEU A 327 13.15 3.54 -43.75
C LEU A 327 12.31 3.51 -45.02
N GLN A 328 11.36 2.58 -45.11
CA GLN A 328 10.53 2.49 -46.31
C GLN A 328 9.46 3.57 -46.37
N TRP A 329 9.08 4.16 -45.24
CA TRP A 329 8.10 5.23 -45.28
C TRP A 329 8.72 6.60 -45.59
N GLY A 330 10.03 6.74 -45.45
CA GLY A 330 10.65 8.03 -45.61
C GLY A 330 11.28 8.30 -46.96
N THR A 331 12.08 7.35 -47.45
CA THR A 331 12.83 7.56 -48.68
C THR A 331 12.06 7.16 -49.94
N ALA A 332 10.90 6.53 -49.79
CA ALA A 332 10.16 6.04 -50.94
C ALA A 332 8.73 6.57 -51.04
N MET A 333 8.20 7.16 -49.96
CA MET A 333 6.83 7.66 -49.98
C MET A 333 6.70 9.13 -49.60
N GLY A 334 7.78 9.78 -49.18
CA GLY A 334 7.74 11.21 -48.92
C GLY A 334 7.11 11.62 -47.61
N LYS A 335 7.20 10.79 -46.57
CA LYS A 335 6.63 11.12 -45.27
C LYS A 335 7.75 11.39 -44.26
N LYS A 336 7.56 12.45 -43.47
CA LYS A 336 8.52 12.80 -42.43
C LYS A 336 8.40 11.81 -41.27
N VAL A 337 9.49 11.09 -40.99
CA VAL A 337 9.51 10.07 -39.96
C VAL A 337 10.41 10.56 -38.83
N GLY A 338 9.86 10.61 -37.62
CA GLY A 338 10.65 11.01 -36.47
C GLY A 338 10.91 9.86 -35.51
N LEU A 339 12.15 9.40 -35.46
CA LEU A 339 12.56 8.30 -34.59
C LEU A 339 12.98 8.83 -33.23
N ALA A 340 12.68 8.06 -32.19
CA ALA A 340 13.15 8.37 -30.84
C ALA A 340 13.66 7.10 -30.18
N MET A 341 14.55 6.40 -30.91
CA MET A 341 15.12 5.14 -30.43
C MET A 341 15.92 5.35 -29.15
N LEU A 342 15.55 4.64 -28.10
CA LEU A 342 16.19 4.79 -26.80
C LEU A 342 16.91 3.52 -26.35
N GLN A 343 16.93 2.48 -27.19
CA GLN A 343 17.80 1.34 -26.92
C GLN A 343 19.27 1.75 -27.07
N GLU A 344 19.59 2.44 -28.16
CA GLU A 344 20.92 2.94 -28.43
C GLU A 344 20.86 4.44 -28.73
N SER A 345 22.02 5.05 -28.93
CA SER A 345 22.10 6.49 -29.09
C SER A 345 21.87 6.94 -30.53
N VAL A 346 22.18 8.20 -30.81
CA VAL A 346 21.87 8.80 -32.11
C VAL A 346 22.80 8.27 -33.20
N GLU A 347 24.09 8.16 -32.90
CA GLU A 347 25.06 7.73 -33.90
C GLU A 347 24.88 6.26 -34.25
N GLU A 348 24.51 5.42 -33.27
CA GLU A 348 24.32 4.01 -33.54
C GLU A 348 23.08 3.74 -34.38
N THR A 349 21.98 4.46 -34.13
CA THR A 349 20.81 4.27 -34.98
C THR A 349 21.00 4.92 -36.35
N ALA A 350 21.87 5.95 -36.45
CA ALA A 350 22.18 6.50 -37.77
C ALA A 350 23.03 5.54 -38.58
N GLU A 351 23.93 4.85 -37.88
CA GLU A 351 24.79 3.81 -38.50
C GLU A 351 23.89 2.66 -38.95
N ASP A 352 22.89 2.32 -38.13
CA ASP A 352 21.94 1.27 -38.48
C ASP A 352 21.11 1.65 -39.71
N LEU A 353 20.63 2.90 -39.77
CA LEU A 353 19.88 3.38 -40.93
C LEU A 353 20.71 3.33 -42.20
N ILE A 354 21.94 3.85 -42.17
CA ILE A 354 22.74 3.93 -43.39
C ILE A 354 23.25 2.54 -43.80
N GLY A 355 23.68 1.73 -42.83
CA GLY A 355 24.17 0.40 -43.16
C GLY A 355 23.07 -0.57 -43.56
N LEU A 356 21.84 -0.31 -43.13
CA LEU A 356 20.72 -1.14 -43.59
C LEU A 356 20.21 -0.69 -44.94
N HIS A 357 20.16 0.63 -45.18
CA HIS A 357 19.73 1.13 -46.48
C HIS A 357 20.74 0.83 -47.57
N ASN A 358 22.03 0.74 -47.22
CA ASN A 358 23.05 0.37 -48.19
C ASN A 358 23.32 -1.13 -48.22
N ARG A 359 22.47 -1.93 -47.55
CA ARG A 359 22.40 -3.39 -47.67
C ARG A 359 23.71 -4.09 -47.29
N VAL A 360 24.35 -3.64 -46.22
CA VAL A 360 25.56 -4.31 -45.73
C VAL A 360 25.36 -4.65 -44.27
N ARG A 361 26.28 -5.43 -43.73
CA ARG A 361 26.31 -5.74 -42.29
C ARG A 361 27.41 -4.88 -41.69
N LEU A 362 27.04 -3.69 -41.22
CA LEU A 362 28.00 -2.64 -40.91
C LEU A 362 28.78 -2.92 -39.63
N ARG A 363 28.08 -3.31 -38.57
CA ARG A 363 28.69 -3.50 -37.26
C ARG A 363 29.12 -4.93 -37.00
N GLN A 364 29.15 -5.78 -38.03
CA GLN A 364 29.54 -7.17 -37.88
C GLN A 364 30.99 -7.44 -38.25
N SER A 365 31.69 -6.47 -38.81
CA SER A 365 33.10 -6.64 -39.18
C SER A 365 33.77 -5.28 -39.18
N ASP A 366 34.97 -5.21 -38.60
CA ASP A 366 35.71 -3.96 -38.53
C ASP A 366 36.38 -3.64 -39.87
N SER A 367 36.49 -4.62 -40.76
CA SER A 367 37.12 -4.41 -42.05
C SER A 367 36.24 -3.57 -42.97
N LEU A 368 34.93 -3.61 -42.76
CA LEU A 368 34.02 -2.84 -43.62
C LEU A 368 33.93 -1.39 -43.17
N LYS A 369 34.08 -1.12 -41.87
CA LYS A 369 34.00 0.26 -41.38
C LYS A 369 35.23 1.07 -41.74
N ARG A 370 36.33 0.41 -42.10
CA ARG A 370 37.55 1.09 -42.49
C ARG A 370 37.60 1.40 -43.98
N GLU A 371 36.98 0.53 -44.79
CA GLU A 371 37.01 0.72 -46.25
C GLU A 371 36.15 1.90 -46.68
N ILE A 372 35.04 2.15 -45.99
CA ILE A 372 34.09 3.19 -46.39
C ILE A 372 34.59 4.60 -46.16
N ILE A 373 35.65 4.78 -45.37
CA ILE A 373 36.11 6.12 -45.03
C ILE A 373 37.40 6.48 -45.77
N GLU A 374 38.04 5.51 -46.44
CA GLU A 374 39.28 5.80 -47.16
C GLU A 374 39.06 6.19 -48.61
N ASN A 375 37.89 5.88 -49.18
CA ASN A 375 37.62 6.19 -50.57
C ASN A 375 36.54 7.26 -50.76
N GLY A 376 36.03 7.83 -49.68
CA GLY A 376 35.09 8.93 -49.78
C GLY A 376 33.69 8.55 -50.21
N LYS A 377 33.35 7.26 -50.22
CA LYS A 377 32.02 6.83 -50.58
C LYS A 377 31.04 6.89 -49.40
N PHE A 378 31.52 7.28 -48.23
CA PHE A 378 30.62 7.55 -47.12
C PHE A 378 29.77 8.78 -47.37
N ASP A 379 30.36 9.83 -47.96
CA ASP A 379 29.65 11.07 -48.23
C ASP A 379 28.60 10.93 -49.31
N GLN A 380 28.68 9.90 -50.15
CA GLN A 380 27.60 9.55 -51.05
C GLN A 380 26.38 9.01 -50.33
N TRP A 381 26.57 8.45 -49.13
CA TRP A 381 25.50 7.79 -48.41
C TRP A 381 24.77 8.70 -47.44
N PHE A 382 25.33 9.85 -47.12
CA PHE A 382 24.58 10.87 -46.37
C PHE A 382 23.59 11.57 -47.28
N ASP A 383 23.97 11.81 -48.53
CA ASP A 383 23.14 12.58 -49.46
C ASP A 383 21.94 11.77 -49.93
N GLU A 384 22.07 10.44 -50.01
CA GLU A 384 20.99 9.61 -50.53
C GLU A 384 19.85 9.44 -49.54
N LEU A 385 20.08 9.66 -48.25
CA LEU A 385 19.04 9.52 -47.24
C LEU A 385 18.69 10.84 -46.57
N PHE A 386 19.68 11.51 -45.97
CA PHE A 386 19.39 12.60 -45.03
C PHE A 386 19.30 13.95 -45.73
N GLY A 387 19.34 13.97 -47.05
CA GLY A 387 19.34 15.23 -47.79
C GLY A 387 17.96 15.77 -48.08
N ASN A 388 16.94 14.92 -47.96
CA ASN A 388 15.58 15.31 -48.29
C ASN A 388 14.79 15.81 -47.08
N ASP A 389 15.40 15.78 -45.88
CA ASP A 389 14.79 16.20 -44.60
C ASP A 389 13.54 15.38 -44.25
N THR A 390 13.45 14.16 -44.78
CA THR A 390 12.33 13.28 -44.48
C THR A 390 12.62 12.36 -43.30
N PHE A 391 13.64 12.66 -42.50
CA PHE A 391 13.95 11.90 -41.31
C PHE A 391 14.36 12.84 -40.19
N HIS A 392 14.02 12.48 -38.96
CA HIS A 392 14.44 13.23 -37.79
C HIS A 392 14.71 12.26 -36.65
N LEU A 393 15.62 12.62 -35.75
CA LEU A 393 16.01 11.77 -34.64
C LEU A 393 15.79 12.49 -33.31
N TYR A 394 16.20 11.81 -32.24
CA TYR A 394 15.97 12.29 -30.88
C TYR A 394 17.14 11.86 -30.01
N ASP A 395 17.64 12.79 -29.18
CA ASP A 395 18.76 12.53 -28.30
C ASP A 395 18.30 12.62 -26.86
N SER A 396 18.63 11.60 -26.08
CA SER A 396 18.24 11.54 -24.68
C SER A 396 19.44 11.71 -23.76
N THR A 402 8.96 11.68 -17.99
CA THR A 402 8.12 11.35 -19.12
C THR A 402 7.37 12.59 -19.63
N ASP A 403 7.13 13.53 -18.72
CA ASP A 403 6.45 14.78 -19.07
C ASP A 403 7.36 15.77 -19.77
N ARG A 404 8.67 15.51 -19.83
CA ARG A 404 9.59 16.25 -20.67
C ARG A 404 9.60 15.76 -22.11
N LEU A 405 8.94 14.63 -22.37
CA LEU A 405 8.99 13.99 -23.69
C LEU A 405 7.83 14.41 -24.57
N LEU A 406 6.64 14.60 -23.98
CA LEU A 406 5.45 14.89 -24.78
C LEU A 406 5.46 16.31 -25.32
N ALA A 407 6.04 17.26 -24.59
CA ALA A 407 6.16 18.62 -25.11
C ALA A 407 7.18 18.72 -26.23
N LYS A 408 8.14 17.79 -26.29
CA LYS A 408 9.05 17.71 -27.43
C LYS A 408 8.38 17.04 -28.62
N LEU A 409 7.62 15.97 -28.39
CA LEU A 409 6.92 15.30 -29.47
C LEU A 409 5.82 16.17 -30.07
N ALA A 410 5.21 17.03 -29.27
CA ALA A 410 4.19 17.94 -29.78
C ALA A 410 4.80 18.98 -30.73
N TYR A 411 6.01 19.46 -30.41
CA TYR A 411 6.66 20.40 -31.32
C TYR A 411 7.23 19.68 -32.53
N MET A 412 7.61 18.40 -32.36
CA MET A 412 8.01 17.58 -33.51
C MET A 412 6.86 17.42 -34.49
N ARG A 413 5.64 17.25 -33.99
CA ARG A 413 4.49 17.07 -34.85
C ARG A 413 3.98 18.39 -35.44
N SER A 414 3.77 19.39 -34.59
CA SER A 414 3.15 20.63 -35.05
C SER A 414 4.14 21.57 -35.71
N GLY A 415 5.32 21.75 -35.12
CA GLY A 415 6.28 22.71 -35.61
C GLY A 415 7.03 22.26 -36.84
N LEU A 416 7.59 21.06 -36.80
CA LEU A 416 8.27 20.51 -37.97
C LEU A 416 7.28 20.10 -39.05
N GLY A 417 6.15 19.53 -38.66
CA GLY A 417 5.17 19.06 -39.61
C GLY A 417 5.43 17.63 -40.05
N CYS A 418 5.60 16.72 -39.10
CA CYS A 418 5.85 15.33 -39.41
C CYS A 418 4.54 14.56 -39.43
N ASP A 419 4.62 13.28 -39.76
CA ASP A 419 3.44 12.44 -39.92
C ASP A 419 3.54 11.12 -39.17
N VAL A 420 4.74 10.59 -38.97
CA VAL A 420 4.96 9.33 -38.27
C VAL A 420 5.96 9.62 -37.15
N ILE A 421 5.65 9.18 -35.93
CA ILE A 421 6.55 9.31 -34.80
C ILE A 421 6.72 7.94 -34.16
N ILE A 422 7.97 7.53 -33.93
CA ILE A 422 8.30 6.21 -33.39
C ILE A 422 8.98 6.38 -32.04
N LEU A 423 8.50 5.65 -31.03
CA LEU A 423 9.14 5.58 -29.73
C LEU A 423 9.52 4.14 -29.41
N ASP A 424 10.72 3.96 -28.85
CA ASP A 424 11.30 2.65 -28.63
C ASP A 424 11.62 2.45 -27.15
N HIS A 425 11.52 1.19 -26.72
CA HIS A 425 12.01 0.68 -25.44
C HIS A 425 11.35 1.39 -24.26
N ILE A 426 10.05 1.10 -24.11
CA ILE A 426 9.21 1.74 -23.11
C ILE A 426 9.58 1.36 -21.67
N SER A 427 10.40 0.32 -21.48
CA SER A 427 10.67 -0.19 -20.13
C SER A 427 11.53 0.77 -19.31
N ILE A 428 12.45 1.50 -19.94
CA ILE A 428 13.23 2.48 -19.19
C ILE A 428 12.42 3.77 -19.00
N VAL A 429 11.50 4.06 -19.93
CA VAL A 429 10.67 5.26 -19.84
C VAL A 429 9.77 5.21 -18.60
N VAL A 430 9.24 4.04 -18.28
CA VAL A 430 8.44 3.88 -17.07
C VAL A 430 9.32 3.48 -15.89
N ASP A 437 5.41 0.40 -7.66
CA ASP A 437 4.19 0.33 -8.45
C ASP A 437 4.44 0.86 -9.86
N GLU A 438 4.72 -0.07 -10.78
CA GLU A 438 5.01 0.24 -12.18
C GLU A 438 3.79 0.02 -13.06
N ARG A 439 2.60 0.29 -12.55
CA ARG A 439 1.36 0.13 -13.28
C ARG A 439 0.66 1.47 -13.51
N LYS A 440 0.63 2.32 -12.50
CA LYS A 440 0.05 3.66 -12.64
C LYS A 440 0.89 4.51 -13.58
N MET A 441 2.22 4.33 -13.55
CA MET A 441 3.12 5.06 -14.44
C MET A 441 2.86 4.72 -15.90
N ILE A 442 2.83 3.43 -16.24
CA ILE A 442 2.63 3.03 -17.63
C ILE A 442 1.20 3.26 -18.06
N ASP A 443 0.24 3.23 -17.12
CA ASP A 443 -1.14 3.58 -17.46
C ASP A 443 -1.27 5.06 -17.82
N ASN A 444 -0.67 5.94 -17.02
CA ASN A 444 -0.69 7.36 -17.35
C ASN A 444 0.10 7.66 -18.62
N LEU A 445 1.19 6.91 -18.86
CA LEU A 445 1.97 7.09 -20.08
C LEU A 445 1.16 6.72 -21.32
N MET A 446 0.50 5.57 -21.27
CA MET A 446 -0.29 5.12 -22.41
C MET A 446 -1.49 6.01 -22.65
N THR A 447 -2.10 6.53 -21.56
CA THR A 447 -3.21 7.46 -21.71
C THR A 447 -2.75 8.78 -22.34
N LYS A 448 -1.60 9.30 -21.92
CA LYS A 448 -1.08 10.54 -22.48
C LYS A 448 -0.69 10.37 -23.95
N LEU A 449 -0.09 9.23 -24.31
CA LEU A 449 0.27 9.01 -25.71
C LEU A 449 -0.95 8.79 -26.60
N LYS A 450 -1.99 8.11 -26.11
CA LYS A 450 -3.20 7.95 -26.90
C LYS A 450 -3.94 9.27 -27.06
N GLY A 451 -4.03 10.07 -26.00
CA GLY A 451 -4.66 11.37 -26.11
C GLY A 451 -3.84 12.36 -26.94
N PHE A 452 -2.53 12.13 -27.06
CA PHE A 452 -1.74 12.95 -27.97
C PHE A 452 -1.92 12.51 -29.42
N ALA A 453 -2.00 11.19 -29.66
CA ALA A 453 -2.19 10.71 -31.01
C ALA A 453 -3.57 11.08 -31.55
N LYS A 454 -4.57 11.15 -30.68
CA LYS A 454 -5.88 11.64 -31.08
C LYS A 454 -5.83 13.17 -31.20
N SER A 455 -6.65 13.71 -32.12
CA SER A 455 -6.88 15.14 -32.32
C SER A 455 -5.63 15.88 -32.79
N THR A 456 -4.64 15.16 -33.27
CA THR A 456 -3.44 15.77 -33.84
C THR A 456 -3.10 15.18 -35.20
N GLY A 457 -3.29 13.87 -35.39
CA GLY A 457 -3.12 13.26 -36.69
C GLY A 457 -1.74 12.70 -36.96
N VAL A 458 -1.27 11.82 -36.09
CA VAL A 458 0.05 11.22 -36.23
C VAL A 458 -0.08 9.71 -36.07
N VAL A 459 0.76 8.96 -36.79
CA VAL A 459 0.90 7.53 -36.58
C VAL A 459 2.01 7.33 -35.56
N LEU A 460 1.62 6.95 -34.35
CA LEU A 460 2.53 6.86 -33.22
C LEU A 460 2.86 5.40 -32.99
N VAL A 461 3.99 4.95 -33.53
CA VAL A 461 4.44 3.59 -33.34
C VAL A 461 5.13 3.52 -31.99
N VAL A 462 4.70 2.58 -31.16
CA VAL A 462 5.23 2.41 -29.80
C VAL A 462 5.76 1.00 -29.68
N ILE A 463 7.02 0.86 -29.25
CA ILE A 463 7.64 -0.45 -29.08
C ILE A 463 7.63 -0.82 -27.61
N CYS A 464 7.05 -1.97 -27.29
CA CYS A 464 6.99 -2.48 -25.92
C CYS A 464 7.69 -3.82 -25.86
N HIS A 465 7.60 -4.48 -24.71
CA HIS A 465 8.19 -5.80 -24.50
C HIS A 465 7.11 -6.81 -24.16
N LEU A 466 7.53 -8.04 -23.91
CA LEU A 466 6.67 -9.10 -23.40
C LEU A 466 7.16 -9.52 -22.02
N LYS A 467 6.23 -10.01 -21.21
CA LYS A 467 6.64 -10.51 -19.91
C LYS A 467 7.17 -11.94 -20.03
N ASN A 468 7.75 -12.42 -18.95
CA ASN A 468 8.43 -13.71 -18.98
C ASN A 468 7.41 -14.84 -18.88
N PRO A 469 7.59 -15.92 -19.64
CA PRO A 469 6.65 -17.03 -19.57
C PRO A 469 6.87 -17.87 -18.31
N ASP A 470 5.76 -18.27 -17.69
CA ASP A 470 5.83 -19.07 -16.47
C ASP A 470 5.98 -20.56 -16.79
N LYS A 471 5.00 -21.13 -17.49
CA LYS A 471 4.97 -22.55 -17.79
C LYS A 471 4.94 -22.76 -19.30
N GLY A 472 4.99 -24.03 -19.69
CA GLY A 472 5.00 -24.38 -21.10
C GLY A 472 6.36 -24.19 -21.73
N LYS A 473 6.34 -23.86 -23.01
CA LYS A 473 7.55 -23.53 -23.75
C LYS A 473 7.81 -22.03 -23.71
N ALA A 474 9.07 -21.66 -23.87
CA ALA A 474 9.47 -20.27 -23.79
C ALA A 474 9.22 -19.55 -25.11
N HIS A 475 9.56 -18.26 -25.14
CA HIS A 475 9.40 -17.47 -26.36
C HIS A 475 10.60 -17.58 -27.28
N GLU A 476 11.69 -18.20 -26.82
CA GLU A 476 12.83 -18.52 -27.66
C GLU A 476 12.65 -19.84 -28.39
N GLU A 477 11.54 -20.54 -28.13
CA GLU A 477 11.31 -21.86 -28.72
C GLU A 477 10.13 -21.89 -29.68
N GLY A 478 9.38 -20.80 -29.81
CA GLY A 478 8.26 -20.76 -30.73
C GLY A 478 6.90 -20.91 -30.09
N ARG A 479 6.70 -20.27 -28.94
CA ARG A 479 5.38 -20.25 -28.32
C ARG A 479 4.47 -19.28 -29.08
N PRO A 480 3.22 -19.66 -29.33
CA PRO A 480 2.24 -18.69 -29.85
C PRO A 480 1.95 -17.61 -28.82
N VAL A 481 2.13 -16.36 -29.23
CA VAL A 481 2.01 -15.22 -28.31
C VAL A 481 0.54 -14.97 -28.01
N SER A 482 0.26 -14.50 -26.80
CA SER A 482 -1.08 -14.13 -26.38
C SER A 482 -1.22 -12.62 -26.27
N ILE A 483 -2.46 -12.16 -26.16
CA ILE A 483 -2.72 -10.73 -26.11
C ILE A 483 -2.44 -10.16 -24.71
N THR A 484 -2.41 -11.00 -23.68
CA THR A 484 -2.21 -10.54 -22.31
C THR A 484 -0.78 -10.70 -21.82
N ASP A 485 0.20 -10.71 -22.73
CA ASP A 485 1.60 -10.75 -22.34
C ASP A 485 2.27 -9.38 -22.38
N LEU A 486 1.51 -8.31 -22.59
CA LEU A 486 2.06 -6.96 -22.59
C LEU A 486 2.32 -6.54 -21.15
N ARG A 487 3.59 -6.47 -20.77
CA ARG A 487 3.95 -6.31 -19.36
C ARG A 487 3.81 -4.88 -18.90
N GLY A 488 3.48 -4.72 -17.62
CA GLY A 488 3.43 -3.41 -16.98
C GLY A 488 2.04 -3.01 -16.52
N SER A 489 1.04 -3.23 -17.36
CA SER A 489 -0.35 -2.99 -17.04
C SER A 489 -1.21 -3.74 -18.04
N GLY A 490 -2.50 -3.43 -18.06
CA GLY A 490 -3.39 -3.94 -19.08
C GLY A 490 -3.78 -2.83 -20.02
N ALA A 491 -3.22 -1.64 -19.82
CA ALA A 491 -3.51 -0.50 -20.67
C ALA A 491 -2.76 -0.53 -21.99
N LEU A 492 -1.84 -1.46 -22.17
CA LEU A 492 -1.09 -1.56 -23.41
C LEU A 492 -1.89 -2.24 -24.51
N ARG A 493 -2.95 -2.98 -24.18
CA ARG A 493 -3.83 -3.53 -25.19
C ARG A 493 -5.20 -2.88 -25.15
N GLN A 494 -5.41 -1.92 -24.27
CA GLN A 494 -6.70 -1.27 -24.11
C GLN A 494 -6.69 0.19 -24.52
N LEU A 495 -5.56 0.68 -25.03
CA LEU A 495 -5.47 1.98 -25.68
C LEU A 495 -4.81 1.92 -27.04
N SER A 496 -4.37 0.74 -27.48
CA SER A 496 -3.82 0.57 -28.81
C SER A 496 -4.92 0.62 -29.86
N ASP A 497 -4.52 0.94 -31.09
CA ASP A 497 -5.37 0.77 -32.25
C ASP A 497 -4.98 -0.45 -33.07
N THR A 498 -3.70 -0.78 -33.13
CA THR A 498 -3.24 -1.99 -33.80
C THR A 498 -2.13 -2.60 -32.96
N ILE A 499 -2.11 -3.94 -32.87
CA ILE A 499 -1.08 -4.66 -32.12
C ILE A 499 -0.48 -5.73 -33.01
N ILE A 500 0.84 -5.68 -33.21
CA ILE A 500 1.59 -6.58 -34.07
C ILE A 500 2.65 -7.26 -33.22
N ALA A 501 2.76 -8.58 -33.33
CA ALA A 501 3.79 -9.32 -32.62
C ALA A 501 4.58 -10.18 -33.58
N LEU A 502 5.81 -10.49 -33.20
CA LEU A 502 6.70 -11.31 -34.01
C LEU A 502 7.16 -12.51 -33.20
N GLU A 503 7.22 -13.67 -33.86
CA GLU A 503 7.62 -14.91 -33.22
C GLU A 503 8.75 -15.53 -34.03
N ARG A 504 9.84 -15.91 -33.37
CA ARG A 504 10.94 -16.55 -34.08
C ARG A 504 11.55 -17.62 -33.20
N ASN A 505 11.76 -18.81 -33.77
CA ASN A 505 12.32 -19.94 -33.06
C ASN A 505 13.81 -19.99 -33.41
N GLN A 506 14.64 -19.40 -32.55
CA GLN A 506 16.07 -19.36 -32.79
C GLN A 506 16.78 -20.66 -32.42
N GLN A 507 16.05 -21.67 -31.95
CA GLN A 507 16.62 -22.99 -31.71
C GLN A 507 16.06 -24.06 -32.64
N GLY A 508 15.02 -23.76 -33.41
CA GLY A 508 14.34 -24.75 -34.21
C GLY A 508 15.01 -25.02 -35.54
N ASP A 509 14.19 -25.43 -36.51
CA ASP A 509 14.72 -25.83 -37.80
C ASP A 509 15.17 -24.62 -38.62
N MET A 510 14.34 -23.57 -38.70
CA MET A 510 14.67 -22.35 -39.41
C MET A 510 14.77 -21.21 -38.42
N PRO A 511 15.96 -20.88 -37.93
CA PRO A 511 16.11 -19.77 -36.99
C PRO A 511 16.04 -18.39 -37.64
N ASN A 512 15.95 -18.32 -38.95
CA ASN A 512 15.89 -17.06 -39.67
C ASN A 512 14.49 -16.80 -40.22
N LEU A 513 13.49 -17.43 -39.62
CA LEU A 513 12.11 -17.32 -40.09
C LEU A 513 11.26 -16.69 -38.98
N VAL A 514 10.73 -15.50 -39.25
CA VAL A 514 9.84 -14.84 -38.30
C VAL A 514 8.40 -15.05 -38.74
N LEU A 515 7.50 -14.94 -37.77
CA LEU A 515 6.06 -15.09 -37.97
C LEU A 515 5.40 -13.84 -37.42
N VAL A 516 4.65 -13.15 -38.27
CA VAL A 516 4.00 -11.90 -37.91
C VAL A 516 2.55 -12.19 -37.60
N ARG A 517 2.10 -11.74 -36.42
CA ARG A 517 0.76 -12.04 -35.93
C ARG A 517 0.08 -10.76 -35.48
N ILE A 518 -1.05 -10.46 -36.11
CA ILE A 518 -1.91 -9.36 -35.65
C ILE A 518 -2.72 -9.86 -34.47
N LEU A 519 -2.71 -9.10 -33.38
CA LEU A 519 -3.43 -9.49 -32.17
C LEU A 519 -4.58 -8.56 -31.82
N LYS A 520 -4.62 -7.36 -32.40
CA LYS A 520 -5.71 -6.42 -32.14
C LYS A 520 -5.81 -5.46 -33.32
N CYS A 521 -7.04 -5.25 -33.79
CA CYS A 521 -7.31 -4.23 -34.80
C CYS A 521 -8.66 -3.60 -34.48
N ARG A 522 -8.67 -2.28 -34.33
CA ARG A 522 -9.92 -1.56 -34.05
C ARG A 522 -10.68 -1.22 -35.33
N PHE A 523 -9.95 -0.95 -36.41
CA PHE A 523 -10.57 -0.45 -37.63
C PHE A 523 -11.30 -1.55 -38.39
N THR A 524 -10.65 -2.69 -38.59
CA THR A 524 -11.26 -3.82 -39.27
C THR A 524 -11.69 -4.91 -38.30
N GLY A 525 -10.79 -5.36 -37.45
CA GLY A 525 -11.06 -6.46 -36.56
C GLY A 525 -10.62 -7.80 -37.07
N ASP A 526 -9.73 -7.85 -38.04
CA ASP A 526 -9.25 -9.10 -38.62
C ASP A 526 -7.85 -9.38 -38.09
N THR A 527 -7.73 -10.38 -37.22
CA THR A 527 -6.47 -10.70 -36.56
C THR A 527 -6.09 -12.15 -36.83
N GLY A 528 -4.82 -12.47 -36.55
CA GLY A 528 -4.30 -13.81 -36.76
C GLY A 528 -2.93 -13.76 -37.42
N ILE A 529 -2.53 -14.89 -38.00
CA ILE A 529 -1.22 -14.97 -38.66
C ILE A 529 -1.28 -14.19 -39.96
N ALA A 530 -0.58 -13.05 -40.00
CA ALA A 530 -0.58 -12.19 -41.17
C ALA A 530 0.24 -12.79 -42.31
N GLY A 531 1.48 -13.16 -42.04
CA GLY A 531 2.32 -13.73 -43.07
C GLY A 531 3.64 -14.21 -42.48
N TYR A 532 4.61 -14.43 -43.37
CA TYR A 532 5.92 -14.89 -42.96
C TYR A 532 6.98 -14.00 -43.60
N MET A 533 8.07 -13.79 -42.88
CA MET A 533 9.25 -13.12 -43.43
C MET A 533 10.50 -13.89 -43.02
N GLU A 534 11.54 -13.78 -43.86
CA GLU A 534 12.78 -14.52 -43.67
C GLU A 534 13.91 -13.56 -43.31
N TYR A 535 14.66 -13.90 -42.26
CA TYR A 535 15.77 -13.10 -41.78
C TYR A 535 17.04 -13.45 -42.56
N ASN A 536 17.90 -12.44 -42.76
CA ASN A 536 19.07 -12.59 -43.60
C ASN A 536 20.34 -12.29 -42.81
N LYS A 537 21.36 -13.13 -42.98
CA LYS A 537 22.67 -12.95 -42.36
C LYS A 537 23.70 -12.45 -43.35
N GLU A 538 23.27 -11.72 -44.38
CA GLU A 538 24.17 -11.21 -45.42
C GLU A 538 24.08 -9.70 -45.57
N THR A 539 22.88 -9.12 -45.47
CA THR A 539 22.68 -7.68 -45.55
C THR A 539 22.06 -7.09 -44.30
N GLY A 540 21.65 -7.91 -43.34
CA GLY A 540 20.93 -7.45 -42.17
C GLY A 540 19.43 -7.36 -42.35
N TRP A 541 18.95 -7.42 -43.58
CA TRP A 541 17.52 -7.25 -43.86
C TRP A 541 16.72 -8.49 -43.48
N LEU A 542 15.41 -8.38 -43.66
CA LEU A 542 14.49 -9.51 -43.64
C LEU A 542 13.48 -9.30 -44.76
N GLU A 543 13.34 -10.27 -45.58
CA GLU A 543 12.68 -10.36 -46.88
C GLU A 543 11.32 -11.02 -46.73
N PRO A 544 10.38 -10.81 -47.68
CA PRO A 544 9.15 -11.62 -47.67
C PRO A 544 9.46 -13.08 -48.01
N SER A 545 8.83 -13.98 -47.28
CA SER A 545 9.06 -15.41 -47.40
C SER A 545 7.85 -16.10 -48.00
N SER A 546 7.98 -17.40 -48.23
CA SER A 546 6.91 -18.23 -48.80
C SER A 546 6.83 -19.56 -48.07
N TYR A 547 6.94 -19.53 -46.75
CA TYR A 547 6.96 -20.75 -45.95
C TYR A 547 5.57 -21.38 -45.88
N SER A 548 5.52 -22.69 -46.06
CA SER A 548 4.28 -23.45 -46.03
C SER A 548 4.27 -24.39 -44.84
N GLY A 549 3.07 -24.67 -44.33
CA GLY A 549 2.92 -25.53 -43.18
C GLY A 549 1.87 -26.62 -43.39
N GLY B 264 -34.48 18.34 3.54
CA GLY B 264 -34.98 18.00 4.85
C GLY B 264 -35.74 16.68 4.88
N VAL B 265 -36.21 16.31 6.06
CA VAL B 265 -36.97 15.06 6.22
C VAL B 265 -38.37 15.25 5.65
N VAL B 266 -39.02 14.14 5.32
CA VAL B 266 -40.34 14.17 4.72
C VAL B 266 -41.31 13.37 5.58
N SER B 267 -42.57 13.80 5.55
CA SER B 267 -43.67 13.11 6.21
C SER B 267 -44.45 12.29 5.20
N ALA B 268 -44.89 11.12 5.61
CA ALA B 268 -45.45 10.13 4.70
C ALA B 268 -46.88 10.42 4.26
N LEU B 269 -47.50 11.50 4.76
CA LEU B 269 -48.81 11.92 4.28
C LEU B 269 -48.74 13.02 3.25
N SER B 270 -47.58 13.66 3.09
CA SER B 270 -47.36 14.58 1.99
C SER B 270 -46.95 13.87 0.71
N LEU B 271 -46.71 12.56 0.78
CA LEU B 271 -46.42 11.75 -0.39
C LEU B 271 -47.67 11.20 -1.06
N ARG B 272 -48.86 11.72 -0.73
CA ARG B 272 -50.05 11.23 -1.39
C ARG B 272 -50.23 11.86 -2.75
N GLU B 273 -49.74 13.08 -2.93
CA GLU B 273 -49.88 13.80 -4.19
C GLU B 273 -48.72 13.58 -5.16
N ARG B 274 -47.57 13.09 -4.68
CA ARG B 274 -46.42 12.90 -5.55
C ARG B 274 -46.22 11.46 -5.99
N ILE B 275 -46.47 10.47 -5.12
CA ILE B 275 -46.49 9.07 -5.53
C ILE B 275 -47.60 8.83 -6.56
N ARG B 276 -48.71 9.58 -6.43
CA ARG B 276 -49.71 9.65 -7.50
C ARG B 276 -49.11 10.15 -8.81
N GLU B 277 -48.37 11.26 -8.75
CA GLU B 277 -47.80 11.85 -9.97
C GLU B 277 -46.70 10.97 -10.55
N HIS B 278 -45.97 10.26 -9.68
CA HIS B 278 -45.00 9.28 -10.13
C HIS B 278 -45.66 8.02 -10.69
N LEU B 279 -46.95 7.81 -10.40
CA LEU B 279 -47.59 6.55 -10.76
C LEU B 279 -48.01 6.53 -12.22
N SER B 280 -48.22 7.68 -12.84
CA SER B 280 -48.70 7.79 -14.21
C SER B 280 -47.73 8.61 -15.06
N SER B 281 -46.45 8.59 -14.69
CA SER B 281 -45.45 9.40 -15.38
C SER B 281 -45.07 8.79 -16.73
N SER B 284 -39.46 5.48 -15.12
CA SER B 284 -40.66 4.66 -14.99
C SER B 284 -40.94 3.90 -16.28
N VAL B 285 -40.72 4.56 -17.41
CA VAL B 285 -41.04 4.00 -18.72
C VAL B 285 -39.78 3.37 -19.29
N GLY B 286 -39.87 2.08 -19.64
CA GLY B 286 -38.70 1.36 -20.12
C GLY B 286 -38.33 1.71 -21.55
N LEU B 287 -37.03 1.79 -21.80
CA LEU B 287 -36.49 1.99 -23.15
C LEU B 287 -35.82 0.70 -23.60
N LEU B 288 -36.36 0.08 -24.64
CA LEU B 288 -35.99 -1.28 -24.99
C LEU B 288 -34.61 -1.31 -25.63
N PHE B 289 -33.94 -2.46 -25.54
CA PHE B 289 -32.65 -2.65 -26.19
C PHE B 289 -32.84 -3.29 -27.57
N SER B 290 -31.88 -3.03 -28.44
CA SER B 290 -31.92 -3.53 -29.81
C SER B 290 -30.77 -4.51 -30.03
N GLY B 291 -30.96 -5.41 -30.98
CA GLY B 291 -29.99 -6.43 -31.30
C GLY B 291 -30.24 -7.77 -30.64
N CYS B 292 -30.79 -7.78 -29.43
CA CYS B 292 -31.10 -9.04 -28.77
C CYS B 292 -32.35 -8.86 -27.94
N THR B 293 -33.27 -9.83 -28.02
CA THR B 293 -34.51 -9.79 -27.27
C THR B 293 -34.43 -10.53 -25.94
N GLY B 294 -33.37 -11.28 -25.70
CA GLY B 294 -33.14 -11.85 -24.39
C GLY B 294 -32.67 -10.86 -23.35
N ILE B 295 -32.25 -9.67 -23.78
CA ILE B 295 -31.91 -8.60 -22.85
C ILE B 295 -33.18 -7.92 -22.35
N ASN B 296 -34.12 -7.64 -23.25
CA ASN B 296 -35.32 -6.88 -22.90
C ASN B 296 -36.27 -7.65 -22.01
N ASP B 297 -36.25 -8.97 -22.05
CA ASP B 297 -37.22 -9.75 -21.27
C ASP B 297 -36.87 -9.78 -19.79
N LYS B 298 -35.61 -9.55 -19.44
CA LYS B 298 -35.17 -9.60 -18.05
C LYS B 298 -34.51 -8.31 -17.59
N THR B 299 -34.88 -7.18 -18.20
CA THR B 299 -34.38 -5.89 -17.75
C THR B 299 -35.53 -4.91 -17.66
N LEU B 300 -36.56 -5.16 -18.49
CA LEU B 300 -37.71 -4.26 -18.71
C LEU B 300 -37.28 -2.87 -19.16
N GLY B 301 -36.17 -2.78 -19.89
CA GLY B 301 -35.75 -1.52 -20.46
C GLY B 301 -34.77 -0.71 -19.65
N ALA B 302 -34.99 0.59 -19.60
CA ALA B 302 -34.14 1.52 -18.88
C ALA B 302 -34.98 2.73 -18.50
N ARG B 303 -34.76 3.27 -17.30
CA ARG B 303 -35.64 4.29 -16.75
C ARG B 303 -34.86 5.55 -16.43
N GLY B 304 -35.58 6.56 -15.94
CA GLY B 304 -34.92 7.80 -15.54
C GLY B 304 -34.24 7.63 -14.20
N GLY B 305 -32.92 7.84 -14.19
CA GLY B 305 -32.14 7.52 -13.01
C GLY B 305 -31.81 6.04 -12.94
N GLU B 306 -31.06 5.56 -13.92
CA GLU B 306 -30.81 4.13 -14.09
C GLU B 306 -29.45 3.99 -14.77
N VAL B 307 -28.42 3.71 -13.98
CA VAL B 307 -27.06 3.65 -14.48
C VAL B 307 -26.80 2.24 -15.01
N ILE B 308 -26.42 2.15 -16.28
CA ILE B 308 -26.18 0.88 -16.95
C ILE B 308 -24.70 0.79 -17.26
N MET B 309 -24.04 -0.22 -16.70
CA MET B 309 -22.64 -0.50 -16.98
C MET B 309 -22.54 -1.50 -18.13
N VAL B 310 -21.71 -1.18 -19.12
CA VAL B 310 -21.51 -2.03 -20.29
C VAL B 310 -20.05 -2.41 -20.35
N THR B 311 -19.75 -3.70 -20.50
CA THR B 311 -18.36 -4.13 -20.45
C THR B 311 -18.16 -5.37 -21.31
N SER B 312 -16.90 -5.58 -21.70
CA SER B 312 -16.45 -6.76 -22.45
C SER B 312 -14.94 -6.83 -22.32
N GLY B 313 -14.33 -7.71 -23.10
CA GLY B 313 -12.89 -7.68 -23.28
C GLY B 313 -12.46 -6.55 -24.19
N SER B 314 -11.17 -6.51 -24.46
CA SER B 314 -10.60 -5.46 -25.32
C SER B 314 -10.89 -5.79 -26.77
N GLY B 315 -11.62 -4.91 -27.45
CA GLY B 315 -11.93 -5.09 -28.85
C GLY B 315 -13.05 -6.06 -29.14
N MET B 316 -13.89 -6.39 -28.16
CA MET B 316 -14.93 -7.37 -28.35
C MET B 316 -16.24 -6.76 -28.83
N GLY B 317 -16.34 -5.43 -28.89
CA GLY B 317 -17.52 -4.83 -29.47
C GLY B 317 -18.37 -3.96 -28.56
N LYS B 318 -17.74 -3.21 -27.66
CA LYS B 318 -18.48 -2.36 -26.67
C LYS B 318 -18.99 -1.07 -27.33
N SER B 319 -18.15 -0.40 -28.13
CA SER B 319 -18.53 0.87 -28.73
C SER B 319 -19.47 0.68 -29.92
N THR B 320 -19.32 -0.42 -30.65
CA THR B 320 -20.22 -0.72 -31.76
C THR B 320 -21.63 -1.04 -31.25
N PHE B 321 -21.72 -1.84 -30.18
CA PHE B 321 -23.01 -2.18 -29.57
C PHE B 321 -23.72 -0.94 -29.04
N VAL B 322 -23.01 -0.13 -28.26
CA VAL B 322 -23.63 1.05 -27.68
C VAL B 322 -23.93 2.10 -28.76
N ARG B 323 -23.16 2.13 -29.84
CA ARG B 323 -23.46 3.02 -30.95
C ARG B 323 -24.72 2.56 -31.70
N GLN B 324 -24.91 1.25 -31.84
CA GLN B 324 -26.14 0.73 -32.42
C GLN B 324 -27.36 1.04 -31.57
N GLN B 325 -27.17 0.93 -30.25
CA GLN B 325 -28.27 1.23 -29.27
C GLN B 325 -28.63 2.71 -29.39
N ALA B 326 -27.60 3.58 -29.48
CA ALA B 326 -27.82 5.01 -29.61
C ALA B 326 -28.47 5.36 -30.94
N LEU B 327 -28.15 4.61 -31.99
CA LEU B 327 -28.80 4.81 -33.28
C LEU B 327 -30.27 4.43 -33.24
N GLN B 328 -30.58 3.28 -32.62
CA GLN B 328 -31.95 2.81 -32.57
C GLN B 328 -32.82 3.66 -31.65
N TRP B 329 -32.24 4.25 -30.60
CA TRP B 329 -33.03 5.10 -29.72
C TRP B 329 -33.17 6.51 -30.26
N GLY B 330 -32.51 6.83 -31.37
CA GLY B 330 -32.50 8.18 -31.89
C GLY B 330 -33.38 8.40 -33.11
N THR B 331 -33.48 7.38 -33.96
CA THR B 331 -34.26 7.49 -35.19
C THR B 331 -35.53 6.66 -35.20
N ALA B 332 -35.69 5.73 -34.25
CA ALA B 332 -36.85 4.85 -34.22
C ALA B 332 -37.77 5.09 -33.05
N MET B 333 -37.29 5.68 -31.95
CA MET B 333 -38.12 5.89 -30.77
C MET B 333 -38.25 7.36 -30.40
N GLY B 334 -37.58 8.27 -31.10
CA GLY B 334 -37.70 9.69 -30.85
C GLY B 334 -36.90 10.22 -29.68
N LYS B 335 -36.17 9.36 -28.96
CA LYS B 335 -35.44 9.79 -27.78
C LYS B 335 -34.20 10.59 -28.16
N LYS B 336 -34.05 11.75 -27.54
CA LYS B 336 -32.92 12.62 -27.80
C LYS B 336 -31.67 12.08 -27.09
N VAL B 337 -30.70 11.62 -27.87
CA VAL B 337 -29.56 10.87 -27.37
C VAL B 337 -28.32 11.75 -27.42
N GLY B 338 -27.61 11.83 -26.29
CA GLY B 338 -26.35 12.56 -26.22
C GLY B 338 -25.18 11.66 -25.90
N LEU B 339 -24.14 11.74 -26.73
CA LEU B 339 -22.96 10.89 -26.60
C LEU B 339 -21.79 11.70 -26.06
N ALA B 340 -20.89 11.00 -25.38
CA ALA B 340 -19.63 11.56 -24.90
C ALA B 340 -18.52 10.57 -25.19
N MET B 341 -18.47 10.10 -26.44
CA MET B 341 -17.46 9.16 -26.89
C MET B 341 -16.08 9.81 -26.80
N LEU B 342 -15.20 9.22 -25.99
CA LEU B 342 -13.89 9.78 -25.71
C LEU B 342 -12.75 8.98 -26.33
N GLN B 343 -13.02 7.76 -26.80
CA GLN B 343 -12.02 7.01 -27.58
C GLN B 343 -11.70 7.73 -28.89
N GLU B 344 -12.70 8.35 -29.50
CA GLU B 344 -12.62 8.87 -30.86
C GLU B 344 -13.01 10.34 -30.88
N SER B 345 -12.97 10.92 -32.08
CA SER B 345 -13.34 12.32 -32.26
C SER B 345 -14.81 12.42 -32.64
N VAL B 346 -15.23 13.62 -33.03
CA VAL B 346 -16.64 13.89 -33.30
C VAL B 346 -17.01 13.43 -34.71
N GLU B 347 -16.19 13.76 -35.71
CA GLU B 347 -16.52 13.44 -37.09
C GLU B 347 -16.36 11.96 -37.38
N GLU B 348 -15.47 11.27 -36.64
CA GLU B 348 -15.28 9.84 -36.82
C GLU B 348 -16.54 9.06 -36.42
N THR B 349 -17.06 9.36 -35.23
CA THR B 349 -18.29 8.68 -34.81
C THR B 349 -19.51 9.19 -35.58
N ALA B 350 -19.47 10.42 -36.11
CA ALA B 350 -20.58 10.90 -36.92
C ALA B 350 -20.65 10.17 -38.26
N GLU B 351 -19.50 9.96 -38.91
CA GLU B 351 -19.48 9.18 -40.14
C GLU B 351 -19.80 7.72 -39.88
N ASP B 352 -19.43 7.19 -38.71
CA ASP B 352 -19.80 5.81 -38.41
C ASP B 352 -21.30 5.68 -38.16
N LEU B 353 -21.92 6.70 -37.55
CA LEU B 353 -23.38 6.71 -37.41
C LEU B 353 -24.09 6.79 -38.77
N ILE B 354 -23.59 7.62 -39.68
CA ILE B 354 -24.21 7.73 -41.00
C ILE B 354 -24.07 6.43 -41.78
N GLY B 355 -22.87 5.84 -41.77
CA GLY B 355 -22.67 4.56 -42.44
C GLY B 355 -23.43 3.42 -41.83
N LEU B 356 -23.69 3.48 -40.51
CA LEU B 356 -24.44 2.42 -39.87
C LEU B 356 -25.95 2.56 -40.10
N HIS B 357 -26.45 3.80 -40.15
CA HIS B 357 -27.86 4.00 -40.46
C HIS B 357 -28.17 3.74 -41.93
N ASN B 358 -27.18 3.89 -42.81
CA ASN B 358 -27.40 3.52 -44.21
C ASN B 358 -26.97 2.11 -44.53
N ARG B 359 -26.79 1.27 -43.49
CA ARG B 359 -26.54 -0.20 -43.61
C ARG B 359 -25.35 -0.57 -44.51
N VAL B 360 -24.28 0.20 -44.49
CA VAL B 360 -23.05 -0.12 -45.21
C VAL B 360 -21.88 -0.01 -44.22
N ARG B 361 -20.67 -0.21 -44.73
CA ARG B 361 -19.45 -0.04 -43.95
C ARG B 361 -18.69 1.13 -44.55
N LEU B 362 -18.89 2.33 -44.00
CA LEU B 362 -18.50 3.55 -44.70
C LEU B 362 -16.99 3.81 -44.65
N ARG B 363 -16.43 3.99 -43.46
CA ARG B 363 -15.06 4.46 -43.35
C ARG B 363 -14.03 3.40 -43.71
N GLN B 364 -14.42 2.13 -43.74
CA GLN B 364 -13.51 1.04 -44.07
C GLN B 364 -13.42 0.77 -45.57
N SER B 365 -13.80 1.75 -46.41
CA SER B 365 -13.73 1.61 -47.85
C SER B 365 -13.55 2.99 -48.47
N ASP B 366 -12.44 3.20 -49.16
CA ASP B 366 -12.18 4.50 -49.78
C ASP B 366 -13.00 4.70 -51.05
N SER B 367 -13.37 3.60 -51.71
CA SER B 367 -14.14 3.68 -52.94
C SER B 367 -15.54 4.21 -52.69
N LEU B 368 -16.20 3.72 -51.65
CA LEU B 368 -17.55 4.20 -51.33
C LEU B 368 -17.53 5.62 -50.79
N LYS B 369 -16.50 5.99 -50.02
CA LYS B 369 -16.39 7.35 -49.51
C LYS B 369 -16.14 8.33 -50.65
N ARG B 370 -15.37 7.92 -51.66
CA ARG B 370 -15.15 8.79 -52.80
C ARG B 370 -16.37 8.82 -53.71
N GLU B 371 -17.16 7.74 -53.72
CA GLU B 371 -18.34 7.67 -54.55
C GLU B 371 -19.46 8.55 -54.02
N ILE B 372 -19.78 8.45 -52.72
CA ILE B 372 -20.95 9.13 -52.20
C ILE B 372 -20.74 10.63 -51.99
N ILE B 373 -19.52 11.13 -52.14
CA ILE B 373 -19.28 12.56 -51.96
C ILE B 373 -19.49 13.32 -53.26
N GLU B 374 -19.49 12.65 -54.40
CA GLU B 374 -19.53 13.32 -55.70
C GLU B 374 -20.90 13.27 -56.37
N ASN B 375 -21.73 12.27 -56.06
CA ASN B 375 -23.05 12.19 -56.67
C ASN B 375 -24.14 12.91 -55.87
N GLY B 376 -23.76 13.68 -54.85
CA GLY B 376 -24.70 14.57 -54.18
C GLY B 376 -25.68 13.92 -53.23
N LYS B 377 -25.58 12.61 -53.00
CA LYS B 377 -26.47 11.92 -52.08
C LYS B 377 -25.98 11.98 -50.64
N PHE B 378 -24.89 12.69 -50.39
CA PHE B 378 -24.38 12.84 -49.03
C PHE B 378 -25.31 13.68 -48.18
N ASP B 379 -25.91 14.72 -48.76
CA ASP B 379 -26.89 15.51 -48.00
C ASP B 379 -28.17 14.73 -47.78
N GLN B 380 -28.49 13.80 -48.69
CA GLN B 380 -29.61 12.89 -48.48
C GLN B 380 -29.34 11.93 -47.32
N TRP B 381 -28.11 11.42 -47.21
CA TRP B 381 -27.78 10.58 -46.07
C TRP B 381 -27.54 11.36 -44.79
N PHE B 382 -27.33 12.68 -44.88
CA PHE B 382 -27.14 13.49 -43.69
C PHE B 382 -28.47 13.94 -43.09
N ASP B 383 -29.39 14.41 -43.93
CA ASP B 383 -30.60 15.03 -43.42
C ASP B 383 -31.65 13.99 -43.03
N GLU B 384 -31.45 12.73 -43.37
CA GLU B 384 -32.37 11.71 -42.88
C GLU B 384 -32.13 11.39 -41.41
N LEU B 385 -30.91 11.64 -40.91
CA LEU B 385 -30.63 11.51 -39.49
C LEU B 385 -30.74 12.84 -38.76
N PHE B 386 -29.91 13.82 -39.13
CA PHE B 386 -29.68 14.97 -38.28
C PHE B 386 -30.63 16.12 -38.60
N GLY B 387 -31.73 15.85 -39.29
CA GLY B 387 -32.70 16.88 -39.62
C GLY B 387 -33.58 17.25 -38.45
N ASN B 388 -33.94 16.26 -37.63
CA ASN B 388 -34.79 16.49 -36.48
C ASN B 388 -34.04 17.03 -35.29
N ASP B 389 -32.70 17.02 -35.33
CA ASP B 389 -31.81 17.36 -34.22
C ASP B 389 -32.12 16.51 -32.99
N THR B 390 -31.89 15.20 -33.13
CA THR B 390 -32.07 14.28 -32.02
C THR B 390 -30.75 13.82 -31.42
N PHE B 391 -29.71 13.67 -32.23
CA PHE B 391 -28.40 13.26 -31.74
C PHE B 391 -27.60 14.47 -31.27
N HIS B 392 -26.76 14.25 -30.27
CA HIS B 392 -25.82 15.26 -29.80
C HIS B 392 -24.51 14.58 -29.43
N LEU B 393 -23.40 15.30 -29.61
CA LEU B 393 -22.07 14.76 -29.40
C LEU B 393 -21.29 15.67 -28.45
N TYR B 394 -20.17 15.14 -27.94
CA TYR B 394 -19.31 15.89 -27.04
C TYR B 394 -17.89 15.96 -27.60
N ASP B 395 -17.30 17.15 -27.52
CA ASP B 395 -15.98 17.43 -28.06
C ASP B 395 -14.96 17.40 -26.92
N SER B 396 -13.92 16.59 -27.08
CA SER B 396 -12.87 16.48 -26.09
C SER B 396 -11.67 17.35 -26.44
N THR B 402 -13.23 15.65 -14.66
CA THR B 402 -13.70 15.27 -13.33
C THR B 402 -14.80 16.21 -12.83
N ASP B 403 -14.54 17.52 -12.89
CA ASP B 403 -15.54 18.51 -12.51
C ASP B 403 -16.15 19.24 -13.70
N ARG B 404 -15.38 19.48 -14.75
CA ARG B 404 -15.93 20.11 -15.95
C ARG B 404 -16.75 19.14 -16.79
N LEU B 405 -16.44 17.84 -16.70
CA LEU B 405 -17.19 16.82 -17.43
C LEU B 405 -18.63 16.75 -16.96
N LEU B 406 -18.84 16.73 -15.64
CA LEU B 406 -20.19 16.63 -15.12
C LEU B 406 -20.97 17.92 -15.30
N ALA B 407 -20.29 19.06 -15.31
CA ALA B 407 -20.97 20.32 -15.59
C ALA B 407 -21.43 20.39 -17.04
N LYS B 408 -20.61 19.90 -17.97
CA LYS B 408 -21.03 19.87 -19.37
C LYS B 408 -22.10 18.80 -19.60
N LEU B 409 -22.10 17.71 -18.82
CA LEU B 409 -23.22 16.77 -18.89
C LEU B 409 -24.50 17.38 -18.32
N ALA B 410 -24.38 18.22 -17.29
CA ALA B 410 -25.57 18.90 -16.76
C ALA B 410 -26.13 19.91 -17.75
N TYR B 411 -25.26 20.60 -18.48
CA TYR B 411 -25.74 21.49 -19.52
C TYR B 411 -26.25 20.71 -20.73
N MET B 412 -25.72 19.51 -20.95
CA MET B 412 -26.25 18.63 -21.99
C MET B 412 -27.66 18.17 -21.65
N ARG B 413 -27.93 17.91 -20.38
CA ARG B 413 -29.24 17.42 -19.97
C ARG B 413 -30.26 18.55 -19.83
N SER B 414 -30.00 19.50 -18.93
CA SER B 414 -31.03 20.50 -18.62
C SER B 414 -31.10 21.58 -19.69
N GLY B 415 -29.95 21.98 -20.23
CA GLY B 415 -29.91 23.06 -21.19
C GLY B 415 -30.38 22.67 -22.58
N LEU B 416 -30.15 21.41 -22.97
CA LEU B 416 -30.58 20.96 -24.29
C LEU B 416 -31.86 20.14 -24.22
N GLY B 417 -31.85 19.07 -23.45
CA GLY B 417 -33.02 18.23 -23.30
C GLY B 417 -32.88 16.80 -23.72
N CYS B 418 -31.68 16.24 -23.66
CA CYS B 418 -31.46 14.85 -24.07
C CYS B 418 -32.09 13.88 -23.09
N ASP B 419 -32.32 12.65 -23.55
CA ASP B 419 -32.98 11.64 -22.75
C ASP B 419 -32.06 10.51 -22.31
N VAL B 420 -31.08 10.15 -23.13
CA VAL B 420 -30.08 9.15 -22.79
C VAL B 420 -28.72 9.82 -22.91
N ILE B 421 -27.85 9.59 -21.93
CA ILE B 421 -26.48 10.12 -21.94
C ILE B 421 -25.52 8.94 -21.88
N ILE B 422 -24.61 8.89 -22.84
CA ILE B 422 -23.66 7.80 -22.98
C ILE B 422 -22.26 8.33 -22.73
N LEU B 423 -21.50 7.62 -21.89
CA LEU B 423 -20.08 7.84 -21.71
C LEU B 423 -19.33 6.57 -22.06
N ASP B 424 -18.08 6.75 -22.51
CA ASP B 424 -17.28 5.64 -23.00
C ASP B 424 -15.86 5.78 -22.49
N HIS B 425 -15.30 4.64 -22.07
CA HIS B 425 -13.91 4.50 -21.62
C HIS B 425 -13.62 5.42 -20.44
N ILE B 426 -14.21 5.04 -19.29
CA ILE B 426 -14.20 5.81 -18.06
C ILE B 426 -12.79 6.12 -17.53
N SER B 427 -11.77 5.35 -17.94
CA SER B 427 -10.43 5.48 -17.36
C SER B 427 -9.69 6.74 -17.81
N ILE B 428 -10.24 7.52 -18.74
CA ILE B 428 -9.65 8.81 -19.08
C ILE B 428 -9.85 9.80 -17.93
N VAL B 429 -11.01 9.72 -17.25
CA VAL B 429 -11.33 10.68 -16.20
C VAL B 429 -10.44 10.49 -14.98
N VAL B 430 -10.04 9.25 -14.68
CA VAL B 430 -9.17 8.99 -13.54
C VAL B 430 -7.72 9.22 -13.92
N SER B 431 -7.45 9.35 -15.21
CA SER B 431 -6.07 9.54 -15.68
C SER B 431 -5.97 10.77 -16.56
N ASP B 437 -4.04 8.04 -6.57
CA ASP B 437 -4.75 6.82 -6.24
C ASP B 437 -5.99 6.66 -7.10
N GLU B 438 -6.08 5.56 -7.84
CA GLU B 438 -7.17 5.37 -8.78
C GLU B 438 -8.46 4.90 -8.13
N ARG B 439 -8.38 4.10 -7.05
CA ARG B 439 -9.58 3.48 -6.49
C ARG B 439 -10.46 4.51 -5.80
N LYS B 440 -9.85 5.45 -5.06
CA LYS B 440 -10.60 6.53 -4.45
C LYS B 440 -11.24 7.45 -5.48
N MET B 441 -10.52 7.77 -6.56
CA MET B 441 -11.07 8.66 -7.58
C MET B 441 -12.16 7.97 -8.39
N ILE B 442 -11.99 6.67 -8.67
CA ILE B 442 -13.02 5.97 -9.44
C ILE B 442 -14.26 5.74 -8.58
N ASP B 443 -14.08 5.60 -7.26
CA ASP B 443 -15.22 5.46 -6.36
C ASP B 443 -15.99 6.77 -6.24
N ASN B 444 -15.26 7.88 -6.09
CA ASN B 444 -15.89 9.19 -6.02
C ASN B 444 -16.58 9.54 -7.34
N LEU B 445 -15.97 9.16 -8.47
CA LEU B 445 -16.56 9.42 -9.78
C LEU B 445 -17.84 8.62 -9.98
N MET B 446 -17.82 7.33 -9.62
CA MET B 446 -19.00 6.50 -9.78
C MET B 446 -20.14 6.97 -8.88
N THR B 447 -19.80 7.43 -7.66
CA THR B 447 -20.81 8.04 -6.78
C THR B 447 -21.40 9.30 -7.39
N LYS B 448 -20.57 10.16 -7.98
CA LYS B 448 -21.07 11.39 -8.55
C LYS B 448 -21.92 11.14 -9.79
N LEU B 449 -21.58 10.13 -10.59
CA LEU B 449 -22.41 9.81 -11.76
C LEU B 449 -23.73 9.17 -11.35
N LYS B 450 -23.74 8.33 -10.32
CA LYS B 450 -25.02 7.79 -9.83
C LYS B 450 -25.89 8.88 -9.21
N GLY B 451 -25.29 9.82 -8.48
CA GLY B 451 -26.06 10.92 -7.92
C GLY B 451 -26.52 11.92 -8.96
N PHE B 452 -25.77 12.06 -10.07
CA PHE B 452 -26.24 12.88 -11.17
C PHE B 452 -27.37 12.21 -11.93
N ALA B 453 -27.31 10.89 -12.08
CA ALA B 453 -28.38 10.17 -12.76
C ALA B 453 -29.67 10.19 -11.96
N LYS B 454 -29.58 9.95 -10.65
CA LYS B 454 -30.73 10.09 -9.77
C LYS B 454 -31.14 11.56 -9.69
N SER B 455 -32.45 11.79 -9.51
CA SER B 455 -33.09 13.11 -9.43
C SER B 455 -32.90 13.91 -10.71
N THR B 456 -32.75 13.24 -11.83
CA THR B 456 -32.63 13.93 -13.10
C THR B 456 -33.56 13.36 -14.17
N GLY B 457 -33.73 12.05 -14.23
CA GLY B 457 -34.55 11.45 -15.24
C GLY B 457 -33.84 11.15 -16.54
N VAL B 458 -32.63 10.62 -16.48
CA VAL B 458 -31.84 10.33 -17.68
C VAL B 458 -31.17 8.96 -17.51
N VAL B 459 -31.24 8.14 -18.55
CA VAL B 459 -30.49 6.89 -18.56
C VAL B 459 -29.03 7.24 -18.73
N LEU B 460 -28.16 6.59 -17.97
CA LEU B 460 -26.72 6.84 -18.03
C LEU B 460 -26.04 5.53 -18.42
N VAL B 461 -25.45 5.50 -19.61
CA VAL B 461 -24.71 4.33 -20.06
C VAL B 461 -23.24 4.59 -19.82
N VAL B 462 -22.57 3.66 -19.14
CA VAL B 462 -21.18 3.81 -18.73
C VAL B 462 -20.43 2.58 -19.21
N ILE B 463 -19.23 2.77 -19.77
CA ILE B 463 -18.41 1.69 -20.30
C ILE B 463 -17.09 1.64 -19.55
N CYS B 464 -16.73 0.46 -19.05
CA CYS B 464 -15.45 0.23 -18.39
C CYS B 464 -14.87 -1.09 -18.88
N HIS B 465 -13.56 -1.26 -18.68
CA HIS B 465 -12.82 -2.40 -19.16
C HIS B 465 -12.63 -3.45 -18.07
N LEU B 466 -12.01 -4.56 -18.45
CA LEU B 466 -11.81 -5.68 -17.55
C LEU B 466 -10.32 -5.85 -17.28
N LYS B 467 -10.00 -6.14 -16.02
CA LYS B 467 -8.59 -6.33 -15.59
C LYS B 467 -8.01 -7.57 -16.29
N ASN B 468 -6.77 -7.93 -15.93
CA ASN B 468 -6.11 -9.08 -16.52
C ASN B 468 -6.56 -10.37 -15.83
N PRO B 469 -6.75 -11.45 -16.60
CA PRO B 469 -7.03 -12.74 -15.98
C PRO B 469 -5.79 -13.28 -15.29
N ASP B 470 -6.02 -13.94 -14.17
CA ASP B 470 -4.91 -14.36 -13.32
C ASP B 470 -4.24 -15.62 -13.86
N LYS B 471 -5.02 -16.66 -14.10
CA LYS B 471 -4.51 -17.89 -14.71
C LYS B 471 -5.46 -18.31 -15.82
N GLY B 472 -5.03 -19.31 -16.58
CA GLY B 472 -5.85 -19.84 -17.66
C GLY B 472 -5.82 -18.94 -18.87
N LYS B 473 -6.93 -18.90 -19.61
CA LYS B 473 -7.06 -18.16 -20.85
C LYS B 473 -7.56 -16.75 -20.54
N ALA B 474 -7.79 -15.97 -21.59
CA ALA B 474 -8.07 -14.55 -21.45
C ALA B 474 -9.50 -14.23 -21.89
N HIS B 475 -9.94 -13.03 -21.50
CA HIS B 475 -11.29 -12.57 -21.83
C HIS B 475 -11.46 -12.31 -23.32
N GLU B 476 -10.37 -12.09 -24.04
CA GLU B 476 -10.43 -11.93 -25.49
C GLU B 476 -10.35 -13.24 -26.23
N GLU B 477 -9.98 -14.33 -25.55
CA GLU B 477 -10.04 -15.66 -26.13
C GLU B 477 -11.32 -16.39 -25.78
N GLY B 478 -12.27 -15.73 -25.12
CA GLY B 478 -13.56 -16.31 -24.81
C GLY B 478 -13.74 -16.84 -23.40
N ARG B 479 -13.00 -16.28 -22.43
CA ARG B 479 -13.14 -16.71 -21.02
C ARG B 479 -14.43 -16.12 -20.45
N PRO B 480 -15.33 -16.89 -19.81
CA PRO B 480 -16.59 -16.34 -19.28
C PRO B 480 -16.35 -15.32 -18.18
N VAL B 481 -16.84 -14.11 -18.44
CA VAL B 481 -16.63 -12.96 -17.57
C VAL B 481 -17.42 -13.11 -16.28
N SER B 482 -16.77 -12.84 -15.15
CA SER B 482 -17.41 -12.77 -13.85
C SER B 482 -17.61 -11.31 -13.46
N ILE B 483 -18.28 -11.10 -12.33
CA ILE B 483 -18.70 -9.76 -11.99
C ILE B 483 -17.57 -8.95 -11.37
N THR B 484 -16.59 -9.61 -10.75
CA THR B 484 -15.53 -8.91 -10.03
C THR B 484 -14.34 -8.54 -10.92
N ASP B 485 -14.50 -8.58 -12.24
CA ASP B 485 -13.43 -8.22 -13.15
C ASP B 485 -13.51 -6.78 -13.64
N LEU B 486 -14.51 -6.02 -13.20
CA LEU B 486 -14.61 -4.61 -13.53
C LEU B 486 -13.46 -3.86 -12.88
N ARG B 487 -12.50 -3.42 -13.69
CA ARG B 487 -11.22 -2.99 -13.14
C ARG B 487 -11.30 -1.56 -12.61
N GLY B 488 -10.52 -1.30 -11.56
CA GLY B 488 -10.48 -0.01 -10.92
C GLY B 488 -10.86 -0.03 -9.46
N SER B 489 -11.92 -0.76 -9.13
CA SER B 489 -12.41 -0.91 -7.76
C SER B 489 -13.40 -2.07 -7.76
N GLY B 490 -14.10 -2.23 -6.65
CA GLY B 490 -15.27 -3.09 -6.61
C GLY B 490 -16.50 -2.22 -6.47
N ALA B 491 -16.27 -0.90 -6.50
CA ALA B 491 -17.33 0.08 -6.34
C ALA B 491 -18.05 0.40 -7.65
N LEU B 492 -17.71 -0.29 -8.74
CA LEU B 492 -18.43 -0.08 -9.98
C LEU B 492 -19.64 -1.01 -10.08
N ARG B 493 -19.56 -2.20 -9.51
CA ARG B 493 -20.69 -3.12 -9.45
C ARG B 493 -21.59 -2.86 -8.26
N GLN B 494 -21.32 -1.83 -7.48
CA GLN B 494 -22.09 -1.52 -6.28
C GLN B 494 -22.82 -0.20 -6.39
N LEU B 495 -22.62 0.55 -7.46
CA LEU B 495 -23.37 1.76 -7.73
C LEU B 495 -24.07 1.71 -9.08
N SER B 496 -23.93 0.62 -9.82
CA SER B 496 -24.62 0.43 -11.09
C SER B 496 -25.85 -0.42 -10.89
N ASP B 497 -26.85 -0.21 -11.74
CA ASP B 497 -28.09 -0.97 -11.64
C ASP B 497 -28.05 -2.21 -12.51
N THR B 498 -27.85 -2.05 -13.81
CA THR B 498 -27.82 -3.14 -14.76
C THR B 498 -26.41 -3.25 -15.34
N ILE B 499 -25.83 -4.44 -15.28
CA ILE B 499 -24.48 -4.68 -15.78
C ILE B 499 -24.56 -5.68 -16.93
N ILE B 500 -24.14 -5.26 -18.11
CA ILE B 500 -24.24 -6.03 -19.34
C ILE B 500 -22.83 -6.34 -19.81
N ALA B 501 -22.59 -7.60 -20.16
CA ALA B 501 -21.26 -8.01 -20.57
C ALA B 501 -21.34 -8.76 -21.90
N LEU B 502 -20.41 -8.45 -22.79
CA LEU B 502 -20.32 -9.10 -24.08
C LEU B 502 -19.07 -9.95 -24.10
N GLU B 503 -19.10 -11.08 -24.81
CA GLU B 503 -17.86 -11.83 -25.00
C GLU B 503 -17.91 -12.61 -26.31
N ARG B 504 -16.76 -12.63 -27.01
CA ARG B 504 -16.62 -13.35 -28.30
C ARG B 504 -15.23 -13.98 -28.38
N ASN B 505 -15.13 -15.12 -29.07
CA ASN B 505 -13.87 -15.85 -29.22
C ASN B 505 -13.34 -15.58 -30.63
N GLN B 506 -12.39 -14.66 -30.75
CA GLN B 506 -11.86 -14.32 -32.07
C GLN B 506 -10.85 -15.33 -32.59
N GLN B 507 -10.44 -16.30 -31.77
CA GLN B 507 -9.47 -17.30 -32.18
C GLN B 507 -10.10 -18.65 -32.52
N GLY B 508 -11.38 -18.83 -32.23
CA GLY B 508 -12.03 -20.12 -32.40
C GLY B 508 -12.51 -20.36 -33.82
N ASP B 509 -13.67 -21.00 -33.91
CA ASP B 509 -14.24 -21.32 -35.21
C ASP B 509 -15.09 -20.17 -35.75
N MET B 510 -15.92 -19.57 -34.89
CA MET B 510 -16.83 -18.49 -35.28
C MET B 510 -16.42 -17.21 -34.54
N PRO B 511 -15.58 -16.37 -35.14
CA PRO B 511 -15.08 -15.19 -34.44
C PRO B 511 -16.01 -14.00 -34.40
N ASN B 512 -17.26 -14.20 -34.84
CA ASN B 512 -18.28 -13.10 -34.87
C ASN B 512 -19.58 -13.60 -34.23
N LEU B 513 -19.45 -14.33 -33.11
CA LEU B 513 -20.62 -14.86 -32.40
C LEU B 513 -20.55 -14.38 -30.95
N VAL B 514 -21.12 -13.22 -30.67
CA VAL B 514 -21.04 -12.63 -29.34
C VAL B 514 -22.09 -13.26 -28.44
N LEU B 515 -21.77 -13.29 -27.14
CA LEU B 515 -22.66 -13.77 -26.09
C LEU B 515 -22.89 -12.61 -25.14
N VAL B 516 -24.15 -12.42 -24.74
CA VAL B 516 -24.53 -11.36 -23.82
C VAL B 516 -24.90 -11.98 -22.49
N ARG B 517 -24.31 -11.46 -21.41
CA ARG B 517 -24.53 -11.97 -20.06
C ARG B 517 -24.90 -10.79 -19.17
N ILE B 518 -26.10 -10.84 -18.60
CA ILE B 518 -26.50 -9.90 -17.56
C ILE B 518 -25.87 -10.38 -16.26
N LEU B 519 -24.96 -9.56 -15.71
CA LEU B 519 -24.25 -9.91 -14.50
C LEU B 519 -25.00 -9.50 -13.24
N LYS B 520 -25.73 -8.39 -13.32
CA LYS B 520 -26.39 -7.80 -12.16
C LYS B 520 -27.60 -7.00 -12.63
N CYS B 521 -28.75 -7.25 -12.03
CA CYS B 521 -29.96 -6.50 -12.31
C CYS B 521 -30.66 -6.21 -11.00
N ARG B 522 -30.73 -4.92 -10.65
CA ARG B 522 -31.28 -4.51 -9.36
C ARG B 522 -32.79 -4.41 -9.37
N PHE B 523 -33.39 -3.97 -10.49
CA PHE B 523 -34.83 -3.75 -10.53
C PHE B 523 -35.60 -5.06 -10.63
N THR B 524 -35.08 -6.05 -11.35
CA THR B 524 -35.81 -7.29 -11.53
C THR B 524 -35.21 -8.46 -10.75
N GLY B 525 -33.90 -8.61 -10.77
CA GLY B 525 -33.28 -9.75 -10.15
C GLY B 525 -33.08 -10.96 -11.04
N ASP B 526 -33.35 -10.82 -12.34
CA ASP B 526 -33.11 -11.88 -13.31
C ASP B 526 -31.77 -11.62 -13.99
N THR B 527 -30.83 -12.55 -13.84
CA THR B 527 -29.50 -12.44 -14.40
C THR B 527 -29.10 -13.76 -15.06
N GLY B 528 -28.09 -13.68 -15.94
CA GLY B 528 -27.56 -14.86 -16.59
C GLY B 528 -27.37 -14.62 -18.07
N ILE B 529 -27.35 -15.71 -18.83
CA ILE B 529 -27.13 -15.64 -20.27
C ILE B 529 -28.41 -15.12 -20.94
N ALA B 530 -28.32 -13.96 -21.58
CA ALA B 530 -29.49 -13.43 -22.27
C ALA B 530 -29.71 -14.13 -23.60
N GLY B 531 -28.74 -14.04 -24.50
CA GLY B 531 -28.85 -14.71 -25.78
C GLY B 531 -27.60 -14.51 -26.61
N TYR B 532 -27.70 -14.93 -27.87
CA TYR B 532 -26.59 -14.85 -28.82
C TYR B 532 -26.92 -13.84 -29.91
N MET B 533 -25.87 -13.28 -30.50
CA MET B 533 -26.01 -12.41 -31.66
C MET B 533 -24.94 -12.74 -32.69
N GLU B 534 -25.12 -12.24 -33.91
CA GLU B 534 -24.18 -12.44 -34.99
C GLU B 534 -23.83 -11.09 -35.61
N TYR B 535 -22.55 -10.86 -35.86
CA TYR B 535 -22.09 -9.59 -36.43
C TYR B 535 -21.96 -9.72 -37.93
N ASN B 536 -22.43 -8.70 -38.65
CA ASN B 536 -22.43 -8.69 -40.11
C ASN B 536 -21.28 -7.80 -40.58
N LYS B 537 -20.24 -8.42 -41.14
CA LYS B 537 -19.02 -7.73 -41.54
C LYS B 537 -19.23 -6.77 -42.70
N GLU B 538 -20.28 -6.95 -43.50
CA GLU B 538 -20.52 -6.10 -44.67
C GLU B 538 -21.37 -4.88 -44.36
N THR B 539 -22.22 -4.94 -43.33
CA THR B 539 -23.06 -3.81 -42.96
C THR B 539 -22.67 -3.17 -41.64
N GLY B 540 -22.02 -3.90 -40.75
CA GLY B 540 -21.65 -3.34 -39.46
C GLY B 540 -22.70 -3.46 -38.38
N TRP B 541 -23.80 -4.13 -38.68
CA TRP B 541 -24.86 -4.37 -37.71
C TRP B 541 -24.65 -5.74 -37.08
N LEU B 542 -24.72 -5.78 -35.75
CA LEU B 542 -24.88 -7.06 -35.05
C LEU B 542 -26.35 -7.28 -34.81
N GLU B 543 -26.83 -8.47 -35.16
CA GLU B 543 -28.22 -8.81 -35.34
C GLU B 543 -28.57 -10.06 -34.54
N PRO B 544 -29.85 -10.25 -34.15
CA PRO B 544 -30.20 -11.41 -33.32
C PRO B 544 -30.06 -12.75 -34.02
N SER B 545 -29.15 -13.58 -33.50
CA SER B 545 -28.85 -14.90 -34.08
C SER B 545 -29.79 -15.97 -33.50
N SER B 546 -29.75 -17.16 -34.10
CA SER B 546 -30.57 -18.30 -33.70
C SER B 546 -29.67 -19.40 -33.14
N TYR B 547 -28.56 -19.01 -32.53
CA TYR B 547 -27.57 -19.97 -32.07
C TYR B 547 -28.05 -20.68 -30.82
N SER B 548 -27.92 -22.01 -30.84
CA SER B 548 -28.37 -22.86 -29.74
C SER B 548 -27.19 -23.67 -29.24
N GLY B 549 -26.82 -23.46 -27.98
CA GLY B 549 -25.69 -24.16 -27.40
C GLY B 549 -25.93 -25.63 -27.12
N ASP C 263 -17.50 15.33 38.45
CA ASP C 263 -16.78 14.21 37.88
C ASP C 263 -17.73 13.21 37.25
N GLY C 264 -17.23 12.00 37.01
CA GLY C 264 -18.04 10.93 36.44
C GLY C 264 -17.66 9.56 36.97
N VAL C 265 -17.00 9.52 38.12
CA VAL C 265 -16.60 8.24 38.73
C VAL C 265 -17.75 7.78 39.62
N VAL C 266 -18.29 6.62 39.29
CA VAL C 266 -19.47 6.11 39.97
C VAL C 266 -19.05 5.03 40.97
N SER C 267 -19.49 5.18 42.21
CA SER C 267 -19.39 4.10 43.18
C SER C 267 -20.48 3.07 42.92
N ALA C 268 -20.11 1.80 43.00
CA ALA C 268 -21.05 0.72 42.72
C ALA C 268 -21.96 0.39 43.89
N LEU C 269 -21.90 1.15 44.98
CA LEU C 269 -22.85 1.06 46.07
C LEU C 269 -23.98 2.07 45.93
N SER C 270 -23.67 3.28 45.48
CA SER C 270 -24.70 4.30 45.23
C SER C 270 -25.19 4.23 43.78
N LEU C 271 -25.57 3.02 43.36
CA LEU C 271 -26.07 2.79 42.01
C LEU C 271 -27.20 1.77 42.04
N ARG C 272 -27.86 1.61 43.19
CA ARG C 272 -28.86 0.55 43.37
C ARG C 272 -30.10 0.81 42.55
N GLU C 273 -30.69 2.01 42.69
CA GLU C 273 -32.01 2.33 42.13
C GLU C 273 -32.03 2.23 40.62
N ARG C 274 -30.95 2.67 39.96
CA ARG C 274 -30.80 2.56 38.51
C ARG C 274 -30.90 1.11 38.07
N ILE C 275 -30.22 0.20 38.78
CA ILE C 275 -30.29 -1.22 38.44
C ILE C 275 -31.70 -1.74 38.70
N ARG C 276 -32.37 -1.19 39.73
CA ARG C 276 -33.75 -1.58 40.00
C ARG C 276 -34.68 -1.07 38.90
N GLU C 277 -34.32 0.02 38.23
CA GLU C 277 -35.09 0.39 37.05
C GLU C 277 -34.39 0.00 35.75
N HIS C 278 -33.48 -0.97 35.78
CA HIS C 278 -32.92 -1.43 34.51
C HIS C 278 -33.26 -2.89 34.22
N LEU C 279 -33.14 -3.76 35.22
CA LEU C 279 -33.51 -5.16 35.02
C LEU C 279 -34.96 -5.44 35.35
N SER C 280 -35.79 -4.41 35.49
CA SER C 280 -37.23 -4.57 35.60
C SER C 280 -37.92 -4.46 34.25
N SER C 281 -37.69 -3.38 33.53
CA SER C 281 -38.28 -3.19 32.21
C SER C 281 -37.51 -4.00 31.15
N SER C 284 -36.05 -1.46 25.68
CA SER C 284 -36.10 -2.56 26.64
C SER C 284 -35.36 -3.78 26.09
N VAL C 285 -36.09 -4.88 25.86
CA VAL C 285 -35.52 -6.10 25.30
C VAL C 285 -36.62 -6.80 24.49
N GLY C 286 -36.24 -7.25 23.29
CA GLY C 286 -37.18 -7.90 22.40
C GLY C 286 -37.01 -7.51 20.95
N LEU C 287 -38.12 -7.20 20.28
CA LEU C 287 -38.20 -6.67 18.90
C LEU C 287 -37.53 -7.63 17.92
N LEU C 288 -38.18 -8.78 17.75
CA LEU C 288 -37.66 -9.89 16.96
C LEU C 288 -37.68 -9.61 15.46
N PHE C 289 -36.86 -10.35 14.73
CA PHE C 289 -36.82 -10.27 13.27
C PHE C 289 -37.97 -11.02 12.62
N SER C 290 -37.93 -11.17 11.30
CA SER C 290 -38.95 -11.88 10.56
C SER C 290 -38.30 -12.58 9.37
N GLY C 291 -39.05 -13.49 8.75
CA GLY C 291 -38.60 -14.19 7.58
C GLY C 291 -37.88 -15.49 7.86
N CYS C 292 -37.07 -15.54 8.91
CA CYS C 292 -36.37 -16.75 9.29
C CYS C 292 -36.46 -16.95 10.80
N THR C 293 -36.76 -18.17 11.20
CA THR C 293 -36.99 -18.50 12.60
C THR C 293 -35.70 -18.59 13.41
N GLY C 294 -34.66 -19.18 12.82
CA GLY C 294 -33.44 -19.46 13.57
C GLY C 294 -32.60 -18.23 13.88
N ILE C 295 -32.91 -17.09 13.26
CA ILE C 295 -32.24 -15.85 13.61
C ILE C 295 -32.64 -15.39 15.00
N ASN C 296 -33.95 -15.45 15.29
CA ASN C 296 -34.46 -14.96 16.57
C ASN C 296 -34.08 -15.86 17.74
N ASP C 297 -33.74 -17.12 17.48
CA ASP C 297 -33.21 -17.95 18.55
C ASP C 297 -31.82 -17.53 18.99
N LYS C 298 -31.01 -16.99 18.07
CA LYS C 298 -29.63 -16.63 18.39
C LYS C 298 -29.51 -15.22 18.92
N THR C 299 -29.91 -14.22 18.14
CA THR C 299 -29.70 -12.84 18.56
C THR C 299 -30.72 -12.35 19.57
N LEU C 300 -31.85 -13.06 19.72
CA LEU C 300 -32.95 -12.70 20.63
C LEU C 300 -33.52 -11.30 20.34
N GLY C 301 -33.54 -10.94 19.06
CA GLY C 301 -34.10 -9.67 18.66
C GLY C 301 -33.09 -8.54 18.58
N ALA C 302 -33.62 -7.34 18.39
CA ALA C 302 -32.83 -6.11 18.31
C ALA C 302 -33.21 -5.20 19.47
N ARG C 303 -32.23 -4.51 20.03
CA ARG C 303 -32.41 -3.80 21.29
C ARG C 303 -32.07 -2.33 21.11
N GLY C 304 -32.48 -1.53 22.08
CA GLY C 304 -32.15 -0.12 22.07
C GLY C 304 -30.66 0.07 22.32
N GLY C 305 -30.07 1.01 21.60
CA GLY C 305 -28.66 1.28 21.76
C GLY C 305 -27.71 0.40 20.99
N GLU C 306 -28.22 -0.63 20.31
CA GLU C 306 -27.37 -1.54 19.56
C GLU C 306 -27.05 -1.00 18.16
N VAL C 307 -26.22 -1.75 17.45
CA VAL C 307 -25.93 -1.54 16.04
C VAL C 307 -26.02 -2.90 15.35
N ILE C 308 -26.90 -3.00 14.36
CA ILE C 308 -27.08 -4.22 13.59
C ILE C 308 -26.62 -3.93 12.16
N MET C 309 -25.67 -4.72 11.66
CA MET C 309 -25.05 -4.49 10.37
C MET C 309 -25.28 -5.68 9.47
N VAL C 310 -25.88 -5.43 8.30
CA VAL C 310 -26.34 -6.48 7.39
C VAL C 310 -25.51 -6.39 6.11
N THR C 311 -24.90 -7.50 5.69
CA THR C 311 -23.98 -7.52 4.56
C THR C 311 -24.26 -8.66 3.60
N SER C 312 -24.00 -8.37 2.33
CA SER C 312 -24.03 -9.34 1.23
C SER C 312 -23.16 -8.81 0.11
N GLY C 313 -23.29 -9.43 -1.07
CA GLY C 313 -22.55 -9.01 -2.25
C GLY C 313 -23.17 -7.79 -2.90
N SER C 314 -23.33 -7.86 -4.22
CA SER C 314 -23.99 -6.78 -4.96
C SER C 314 -25.32 -7.27 -5.48
N GLY C 315 -26.39 -6.56 -5.13
CA GLY C 315 -27.73 -6.93 -5.57
C GLY C 315 -28.22 -8.24 -4.99
N MET C 316 -27.90 -8.53 -3.74
CA MET C 316 -28.09 -9.86 -3.20
C MET C 316 -29.09 -9.86 -2.06
N GLY C 317 -29.95 -8.85 -1.96
CA GLY C 317 -30.95 -8.83 -0.91
C GLY C 317 -30.55 -8.24 0.41
N LYS C 318 -29.81 -7.13 0.40
CA LYS C 318 -29.52 -6.41 1.62
C LYS C 318 -30.35 -5.14 1.75
N SER C 319 -31.20 -4.86 0.77
CA SER C 319 -32.24 -3.86 0.91
C SER C 319 -33.63 -4.47 0.89
N THR C 320 -33.82 -5.57 0.17
CA THR C 320 -35.11 -6.24 0.13
C THR C 320 -35.44 -6.88 1.48
N PHE C 321 -34.43 -7.51 2.08
CA PHE C 321 -34.57 -8.18 3.40
C PHE C 321 -34.80 -7.13 4.50
N VAL C 322 -34.23 -5.93 4.34
CA VAL C 322 -34.39 -4.89 5.35
C VAL C 322 -35.71 -4.15 5.18
N ARG C 323 -36.19 -3.98 3.95
CA ARG C 323 -37.54 -3.47 3.77
C ARG C 323 -38.60 -4.46 4.24
N GLN C 324 -38.35 -5.75 4.05
CA GLN C 324 -39.27 -6.79 4.50
C GLN C 324 -39.29 -6.91 6.01
N GLN C 325 -38.24 -6.39 6.66
CA GLN C 325 -38.13 -6.37 8.15
C GLN C 325 -38.77 -5.08 8.67
N ALA C 326 -38.59 -3.97 7.95
CA ALA C 326 -39.15 -2.68 8.34
C ALA C 326 -40.66 -2.62 8.15
N LEU C 327 -41.19 -3.42 7.22
CA LEU C 327 -42.64 -3.55 7.12
C LEU C 327 -43.22 -4.23 8.35
N GLN C 328 -42.60 -5.35 8.76
CA GLN C 328 -43.14 -6.15 9.86
C GLN C 328 -42.96 -5.46 11.20
N TRP C 329 -41.97 -4.58 11.34
CA TRP C 329 -41.81 -3.86 12.59
C TRP C 329 -42.67 -2.61 12.68
N GLY C 330 -43.07 -2.04 11.54
CA GLY C 330 -43.74 -0.76 11.56
C GLY C 330 -45.24 -0.84 11.38
N THR C 331 -45.74 -2.02 11.00
CA THR C 331 -47.16 -2.23 10.76
C THR C 331 -47.77 -3.17 11.78
N ALA C 332 -47.22 -4.38 11.91
CA ALA C 332 -47.77 -5.38 12.82
C ALA C 332 -47.38 -5.15 14.28
N MET C 333 -46.58 -4.13 14.57
CA MET C 333 -46.15 -3.88 15.95
C MET C 333 -46.30 -2.42 16.38
N GLY C 334 -46.65 -1.50 15.48
CA GLY C 334 -46.88 -0.13 15.87
C GLY C 334 -45.64 0.70 16.12
N LYS C 335 -44.45 0.16 15.87
CA LYS C 335 -43.22 0.91 16.07
C LYS C 335 -43.02 1.93 14.96
N LYS C 336 -42.69 3.15 15.35
CA LYS C 336 -42.37 4.18 14.36
C LYS C 336 -41.00 3.91 13.77
N VAL C 337 -40.93 3.73 12.45
CA VAL C 337 -39.72 3.29 11.78
C VAL C 337 -39.28 4.37 10.80
N GLY C 338 -38.01 4.76 10.89
CA GLY C 338 -37.43 5.72 9.96
C GLY C 338 -36.45 5.06 9.00
N LEU C 339 -36.50 5.47 7.74
CA LEU C 339 -35.67 4.88 6.69
C LEU C 339 -34.87 5.98 6.00
N ALA C 340 -33.57 6.04 6.29
CA ALA C 340 -32.64 6.79 5.46
C ALA C 340 -32.10 5.82 4.41
N MET C 341 -32.91 5.64 3.36
CA MET C 341 -32.53 4.88 2.17
C MET C 341 -31.89 5.86 1.18
N LEU C 342 -30.59 5.72 0.96
CA LEU C 342 -29.87 6.66 0.11
C LEU C 342 -29.46 6.07 -1.23
N GLN C 343 -29.92 4.85 -1.54
CA GLN C 343 -29.66 4.21 -2.84
C GLN C 343 -30.70 4.72 -3.85
N GLU C 344 -31.98 4.72 -3.45
CA GLU C 344 -33.09 5.18 -4.27
C GLU C 344 -33.77 6.38 -3.63
N SER C 345 -34.63 7.03 -4.41
CA SER C 345 -35.38 8.17 -3.94
C SER C 345 -36.58 7.72 -3.09
N VAL C 346 -37.31 8.70 -2.56
CA VAL C 346 -38.43 8.40 -1.68
C VAL C 346 -39.66 7.90 -2.41
N GLU C 347 -39.73 8.08 -3.73
CA GLU C 347 -40.93 7.73 -4.47
C GLU C 347 -41.01 6.25 -4.79
N GLU C 348 -39.87 5.55 -4.85
CA GLU C 348 -39.82 4.13 -5.17
C GLU C 348 -39.84 3.24 -3.94
N THR C 349 -39.18 3.66 -2.86
CA THR C 349 -39.18 2.85 -1.65
C THR C 349 -40.48 2.96 -0.87
N ALA C 350 -41.24 4.05 -1.04
CA ALA C 350 -42.58 4.14 -0.48
C ALA C 350 -43.62 3.45 -1.34
N GLU C 351 -43.23 2.99 -2.53
CA GLU C 351 -44.13 2.35 -3.47
C GLU C 351 -43.88 0.85 -3.57
N ASP C 352 -42.66 0.40 -3.26
CA ASP C 352 -42.44 -1.03 -3.17
C ASP C 352 -43.00 -1.61 -1.86
N LEU C 353 -43.05 -0.80 -0.80
CA LEU C 353 -43.68 -1.24 0.44
C LEU C 353 -45.18 -1.48 0.31
N ILE C 354 -45.88 -0.71 -0.53
CA ILE C 354 -47.30 -0.94 -0.77
C ILE C 354 -47.52 -2.28 -1.45
N GLY C 355 -46.69 -2.58 -2.44
CA GLY C 355 -46.78 -3.87 -3.11
C GLY C 355 -46.37 -5.03 -2.21
N LEU C 356 -45.41 -4.80 -1.32
CA LEU C 356 -44.98 -5.87 -0.41
C LEU C 356 -46.02 -6.12 0.67
N HIS C 357 -46.70 -5.05 1.11
CA HIS C 357 -47.76 -5.21 2.11
C HIS C 357 -48.97 -5.88 1.49
N ASN C 358 -49.29 -5.55 0.24
CA ASN C 358 -50.40 -6.17 -0.47
C ASN C 358 -49.97 -7.38 -1.30
N ARG C 359 -48.74 -7.86 -1.11
CA ARG C 359 -48.22 -9.12 -1.65
C ARG C 359 -48.17 -9.13 -3.18
N VAL C 360 -47.81 -8.00 -3.79
CA VAL C 360 -47.57 -7.92 -5.22
C VAL C 360 -46.22 -7.25 -5.45
N ARG C 361 -45.92 -6.98 -6.72
CA ARG C 361 -44.74 -6.19 -7.11
C ARG C 361 -45.25 -5.01 -7.92
N LEU C 362 -45.42 -3.86 -7.26
CA LEU C 362 -46.10 -2.73 -7.89
C LEU C 362 -45.19 -2.02 -8.89
N ARG C 363 -43.90 -1.92 -8.60
CA ARG C 363 -42.98 -1.25 -9.51
C ARG C 363 -42.67 -2.11 -10.73
N GLN C 364 -42.63 -3.43 -10.58
CA GLN C 364 -42.24 -4.33 -11.65
C GLN C 364 -43.39 -4.71 -12.58
N SER C 365 -44.44 -3.90 -12.64
CA SER C 365 -45.57 -4.17 -13.53
C SER C 365 -46.24 -2.84 -13.85
N ASP C 366 -46.35 -2.52 -15.13
CA ASP C 366 -47.05 -1.31 -15.56
C ASP C 366 -48.53 -1.58 -15.76
N SER C 367 -48.94 -2.85 -15.80
CA SER C 367 -50.36 -3.18 -15.89
C SER C 367 -51.07 -2.89 -14.57
N LEU C 368 -50.51 -3.35 -13.46
CA LEU C 368 -51.14 -3.16 -12.15
C LEU C 368 -51.12 -1.70 -11.72
N LYS C 369 -50.12 -0.93 -12.17
CA LYS C 369 -50.10 0.50 -11.88
C LYS C 369 -51.27 1.21 -12.55
N ARG C 370 -51.54 0.87 -13.81
CA ARG C 370 -52.70 1.44 -14.50
C ARG C 370 -54.00 0.96 -13.90
N GLU C 371 -54.04 -0.30 -13.44
CA GLU C 371 -55.25 -0.82 -12.81
C GLU C 371 -55.57 -0.11 -11.51
N ILE C 372 -54.55 0.17 -10.69
CA ILE C 372 -54.84 0.90 -9.45
C ILE C 372 -54.98 2.40 -9.69
N ILE C 373 -54.55 2.91 -10.85
CA ILE C 373 -54.91 4.27 -11.22
C ILE C 373 -56.39 4.37 -11.54
N GLU C 374 -56.92 3.40 -12.30
CA GLU C 374 -58.28 3.52 -12.85
C GLU C 374 -59.35 3.42 -11.77
N ASN C 375 -59.44 2.29 -11.08
CA ASN C 375 -60.61 2.04 -10.24
C ASN C 375 -60.54 2.72 -8.88
N GLY C 376 -59.36 3.13 -8.43
CA GLY C 376 -59.23 3.78 -7.15
C GLY C 376 -58.81 2.88 -6.00
N LYS C 377 -58.25 1.70 -6.29
CA LYS C 377 -57.75 0.80 -5.26
C LYS C 377 -56.47 1.35 -4.61
N PHE C 378 -55.81 2.30 -5.26
CA PHE C 378 -54.61 2.94 -4.73
C PHE C 378 -54.86 3.66 -3.42
N ASP C 379 -56.02 4.29 -3.26
CA ASP C 379 -56.31 5.00 -2.01
C ASP C 379 -56.53 4.02 -0.87
N GLN C 380 -57.15 2.86 -1.15
CA GLN C 380 -57.27 1.80 -0.17
C GLN C 380 -55.90 1.29 0.26
N TRP C 381 -55.04 0.98 -0.71
CA TRP C 381 -53.73 0.44 -0.36
C TRP C 381 -52.79 1.49 0.21
N PHE C 382 -53.12 2.77 0.04
CA PHE C 382 -52.32 3.83 0.65
C PHE C 382 -52.74 4.13 2.08
N ASP C 383 -54.05 4.23 2.34
CA ASP C 383 -54.49 4.51 3.70
C ASP C 383 -54.51 3.26 4.58
N GLU C 384 -54.35 2.07 3.99
CA GLU C 384 -54.16 0.89 4.82
C GLU C 384 -52.81 0.90 5.51
N LEU C 385 -51.77 1.40 4.83
CA LEU C 385 -50.40 1.39 5.35
C LEU C 385 -50.03 2.71 6.00
N PHE C 386 -50.16 3.83 5.28
CA PHE C 386 -49.69 5.12 5.76
C PHE C 386 -50.74 5.87 6.58
N GLY C 387 -51.72 5.17 7.14
CA GLY C 387 -52.74 5.82 7.95
C GLY C 387 -52.23 6.30 9.30
N ASN C 388 -51.35 5.54 9.93
CA ASN C 388 -50.72 5.93 11.17
C ASN C 388 -49.28 6.30 10.91
N ASP C 389 -48.79 7.31 11.64
CA ASP C 389 -47.46 7.87 11.40
C ASP C 389 -46.42 6.89 11.92
N THR C 390 -46.08 5.91 11.08
CA THR C 390 -45.09 4.91 11.43
C THR C 390 -43.84 4.96 10.57
N PHE C 391 -43.95 5.27 9.28
CA PHE C 391 -42.82 5.26 8.37
C PHE C 391 -42.40 6.69 8.07
N HIS C 392 -41.14 7.01 8.37
CA HIS C 392 -40.59 8.36 8.25
C HIS C 392 -39.40 8.29 7.30
N LEU C 393 -39.49 8.97 6.16
CA LEU C 393 -38.48 8.84 5.12
C LEU C 393 -37.64 10.11 5.02
N TYR C 394 -36.67 10.11 4.10
CA TYR C 394 -35.79 11.25 3.89
C TYR C 394 -35.26 11.22 2.47
N ASP C 395 -35.17 12.41 1.85
CA ASP C 395 -34.67 12.56 0.49
C ASP C 395 -33.43 13.45 0.47
N SER C 396 -32.55 13.16 -0.50
CA SER C 396 -31.28 13.86 -0.62
C SER C 396 -30.93 14.09 -2.08
N GLU C 401 -20.25 15.65 3.54
CA GLU C 401 -21.03 16.40 4.51
C GLU C 401 -21.73 15.46 5.49
N THR C 402 -20.97 14.96 6.46
CA THR C 402 -21.48 14.00 7.43
C THR C 402 -21.99 14.65 8.71
N ASP C 403 -21.93 15.99 8.81
CA ASP C 403 -22.47 16.68 9.96
C ASP C 403 -23.87 17.23 9.67
N ARG C 404 -24.54 16.69 8.66
CA ARG C 404 -25.96 16.94 8.46
C ARG C 404 -26.79 15.67 8.41
N LEU C 405 -26.17 14.53 8.07
CA LEU C 405 -26.86 13.23 8.13
C LEU C 405 -27.23 12.88 9.56
N LEU C 406 -26.28 12.99 10.48
CA LEU C 406 -26.58 12.70 11.88
C LEU C 406 -27.44 13.79 12.50
N ALA C 407 -27.41 15.00 11.95
CA ALA C 407 -28.35 16.03 12.37
C ALA C 407 -29.78 15.69 11.99
N LYS C 408 -29.97 15.15 10.78
CA LYS C 408 -31.31 14.71 10.38
C LYS C 408 -31.76 13.47 11.14
N LEU C 409 -30.83 12.57 11.50
CA LEU C 409 -31.21 11.44 12.33
C LEU C 409 -31.59 11.88 13.75
N ALA C 410 -30.90 12.89 14.27
CA ALA C 410 -31.28 13.45 15.58
C ALA C 410 -32.59 14.20 15.51
N TYR C 411 -32.90 14.83 14.37
CA TYR C 411 -34.21 15.47 14.20
C TYR C 411 -35.31 14.44 14.03
N MET C 412 -34.99 13.25 13.52
CA MET C 412 -35.98 12.18 13.48
C MET C 412 -36.24 11.61 14.87
N ARG C 413 -35.17 11.31 15.61
CA ARG C 413 -35.27 10.66 16.94
C ARG C 413 -35.86 11.62 18.00
N SER C 414 -35.42 12.88 18.01
CA SER C 414 -35.86 13.82 19.03
C SER C 414 -37.23 14.41 18.69
N GLY C 415 -37.45 14.72 17.42
CA GLY C 415 -38.69 15.40 17.04
C GLY C 415 -39.82 14.42 16.76
N LEU C 416 -39.59 13.48 15.84
CA LEU C 416 -40.65 12.58 15.42
C LEU C 416 -40.74 11.34 16.31
N GLY C 417 -39.59 10.79 16.72
CA GLY C 417 -39.61 9.67 17.64
C GLY C 417 -39.65 8.31 16.98
N CYS C 418 -38.71 8.04 16.08
CA CYS C 418 -38.62 6.73 15.45
C CYS C 418 -38.06 5.72 16.45
N ASP C 419 -38.58 4.50 16.40
CA ASP C 419 -38.05 3.44 17.26
C ASP C 419 -37.01 2.58 16.57
N VAL C 420 -37.04 2.49 15.24
CA VAL C 420 -36.04 1.75 14.47
C VAL C 420 -35.60 2.64 13.32
N ILE C 421 -34.32 3.02 13.30
CA ILE C 421 -33.77 3.84 12.23
C ILE C 421 -32.85 2.97 11.38
N ILE C 422 -33.06 3.00 10.06
CA ILE C 422 -32.30 2.19 9.12
C ILE C 422 -31.50 3.12 8.22
N LEU C 423 -30.17 3.09 8.37
CA LEU C 423 -29.24 3.77 7.48
C LEU C 423 -28.75 2.77 6.43
N ASP C 424 -29.19 2.97 5.19
CA ASP C 424 -28.77 2.14 4.08
C ASP C 424 -27.62 2.80 3.33
N HIS C 425 -26.68 1.97 2.88
CA HIS C 425 -25.59 2.34 1.98
C HIS C 425 -24.71 3.42 2.61
N ILE C 426 -23.95 3.00 3.63
CA ILE C 426 -22.99 3.89 4.30
C ILE C 426 -21.84 4.28 3.39
N SER C 427 -21.65 3.61 2.26
CA SER C 427 -20.56 3.95 1.35
C SER C 427 -20.82 5.23 0.54
N ILE C 428 -22.02 5.80 0.61
CA ILE C 428 -22.33 7.02 -0.12
C ILE C 428 -22.06 8.26 0.73
N VAL C 429 -21.88 8.10 2.04
CA VAL C 429 -21.54 9.24 2.90
C VAL C 429 -20.07 9.26 3.27
N VAL C 430 -19.28 8.25 2.89
CA VAL C 430 -17.82 8.34 3.01
C VAL C 430 -17.18 8.83 1.71
N SER C 431 -17.92 8.81 0.60
CA SER C 431 -17.37 9.17 -0.70
C SER C 431 -17.97 10.44 -1.28
N ALA C 432 -18.97 11.03 -0.62
CA ALA C 432 -19.51 12.31 -1.04
C ALA C 432 -18.86 13.49 -0.33
N SER C 433 -17.87 13.23 0.51
CA SER C 433 -17.13 14.27 1.20
C SER C 433 -15.65 14.18 0.86
N GLY C 434 -14.98 15.32 0.87
CA GLY C 434 -13.57 15.37 0.52
C GLY C 434 -12.66 15.10 1.71
N GLU C 435 -12.20 13.86 1.83
CA GLU C 435 -11.28 13.47 2.88
C GLU C 435 -10.14 12.68 2.26
N SER C 436 -8.94 12.82 2.84
CA SER C 436 -7.76 12.20 2.25
C SER C 436 -7.74 10.70 2.51
N ASP C 437 -7.67 10.29 3.77
CA ASP C 437 -7.65 8.89 4.14
C ASP C 437 -9.08 8.44 4.40
N GLU C 438 -9.44 7.29 3.85
CA GLU C 438 -10.82 6.81 3.95
C GLU C 438 -11.08 6.08 5.27
N ARG C 439 -10.04 5.47 5.84
CA ARG C 439 -10.23 4.61 7.01
C ARG C 439 -10.54 5.44 8.26
N LYS C 440 -9.90 6.59 8.40
CA LYS C 440 -10.13 7.43 9.58
C LYS C 440 -11.53 8.02 9.57
N MET C 441 -12.06 8.38 8.39
CA MET C 441 -13.39 8.93 8.31
C MET C 441 -14.44 7.87 8.60
N ILE C 442 -14.20 6.63 8.15
CA ILE C 442 -15.08 5.51 8.47
C ILE C 442 -15.09 5.23 9.97
N ASP C 443 -13.90 5.22 10.60
CA ASP C 443 -13.82 4.97 12.04
C ASP C 443 -14.48 6.08 12.85
N ASN C 444 -14.29 7.34 12.45
CA ASN C 444 -14.90 8.45 13.17
C ASN C 444 -16.42 8.47 13.00
N LEU C 445 -16.91 8.21 11.79
CA LEU C 445 -18.35 8.12 11.56
C LEU C 445 -18.96 6.94 12.32
N MET C 446 -18.26 5.81 12.36
CA MET C 446 -18.79 4.63 13.04
C MET C 446 -18.85 4.84 14.55
N THR C 447 -17.83 5.49 15.12
CA THR C 447 -17.87 5.70 16.57
C THR C 447 -18.87 6.80 16.94
N LYS C 448 -19.06 7.80 16.09
CA LYS C 448 -20.08 8.81 16.39
C LYS C 448 -21.48 8.24 16.21
N LEU C 449 -21.63 7.27 15.30
CA LEU C 449 -22.90 6.62 15.07
C LEU C 449 -23.27 5.71 16.22
N LYS C 450 -22.29 4.94 16.74
CA LYS C 450 -22.52 4.13 17.94
C LYS C 450 -22.79 5.00 19.17
N GLY C 451 -22.14 6.17 19.25
CA GLY C 451 -22.42 7.08 20.34
C GLY C 451 -23.83 7.65 20.30
N PHE C 452 -24.31 8.01 19.10
CA PHE C 452 -25.69 8.45 18.93
C PHE C 452 -26.68 7.34 19.27
N ALA C 453 -26.35 6.09 18.89
CA ALA C 453 -27.23 4.96 19.20
C ALA C 453 -27.30 4.69 20.70
N LYS C 454 -26.17 4.72 21.39
CA LYS C 454 -26.17 4.45 22.83
C LYS C 454 -26.76 5.62 23.62
N SER C 455 -26.62 6.85 23.09
CA SER C 455 -27.19 8.01 23.76
C SER C 455 -28.72 8.01 23.65
N THR C 456 -29.25 7.90 22.43
CA THR C 456 -30.69 7.99 22.26
C THR C 456 -31.41 6.68 22.52
N GLY C 457 -30.72 5.55 22.45
CA GLY C 457 -31.32 4.27 22.73
C GLY C 457 -32.27 3.80 21.66
N VAL C 458 -31.98 4.13 20.41
CA VAL C 458 -32.80 3.75 19.28
C VAL C 458 -32.12 2.58 18.57
N VAL C 459 -32.91 1.63 18.06
CA VAL C 459 -32.37 0.53 17.29
C VAL C 459 -31.84 1.10 15.97
N LEU C 460 -30.63 0.70 15.60
CA LEU C 460 -29.93 1.32 14.47
C LEU C 460 -29.43 0.23 13.54
N VAL C 461 -30.02 0.13 12.36
CA VAL C 461 -29.61 -0.82 11.33
C VAL C 461 -28.70 -0.10 10.36
N VAL C 462 -27.53 -0.68 10.09
CA VAL C 462 -26.54 -0.11 9.18
C VAL C 462 -26.34 -1.10 8.05
N ILE C 463 -26.32 -0.62 6.82
CA ILE C 463 -26.12 -1.49 5.65
C ILE C 463 -24.85 -1.07 4.92
N CYS C 464 -23.96 -2.04 4.68
CA CYS C 464 -22.69 -1.79 4.01
C CYS C 464 -22.31 -3.01 3.17
N HIS C 465 -21.34 -2.82 2.27
CA HIS C 465 -20.96 -3.79 1.26
C HIS C 465 -19.74 -4.59 1.70
N LEU C 466 -19.28 -5.48 0.82
CA LEU C 466 -18.11 -6.31 1.05
C LEU C 466 -17.05 -5.95 0.01
N LYS C 467 -15.81 -6.35 0.28
CA LYS C 467 -14.70 -6.04 -0.60
C LYS C 467 -14.43 -7.21 -1.54
N ASN C 468 -13.53 -6.97 -2.49
CA ASN C 468 -13.18 -7.99 -3.47
C ASN C 468 -12.28 -9.05 -2.84
N PRO C 469 -12.61 -10.33 -2.98
CA PRO C 469 -11.70 -11.37 -2.51
C PRO C 469 -10.47 -11.45 -3.40
N ASP C 470 -9.40 -11.98 -2.82
CA ASP C 470 -8.12 -12.02 -3.52
C ASP C 470 -8.10 -13.02 -4.65
N LYS C 471 -8.71 -14.19 -4.45
CA LYS C 471 -8.70 -15.25 -5.43
C LYS C 471 -9.82 -16.23 -5.12
N GLY C 472 -10.07 -17.14 -6.06
CA GLY C 472 -11.10 -18.14 -5.88
C GLY C 472 -12.45 -17.65 -6.37
N LYS C 473 -13.52 -18.16 -5.77
CA LYS C 473 -14.88 -17.75 -6.13
C LYS C 473 -15.14 -16.33 -5.65
N ALA C 474 -16.24 -15.75 -6.13
CA ALA C 474 -16.66 -14.43 -5.71
C ALA C 474 -17.91 -14.52 -4.86
N HIS C 475 -18.26 -13.39 -4.23
CA HIS C 475 -19.37 -13.34 -3.28
C HIS C 475 -20.73 -13.58 -3.93
N GLU C 476 -20.79 -13.40 -5.25
CA GLU C 476 -22.05 -13.60 -6.01
C GLU C 476 -22.03 -14.99 -6.66
N GLU C 477 -21.12 -15.88 -6.23
CA GLU C 477 -21.04 -17.21 -6.81
C GLU C 477 -21.07 -18.27 -5.72
N GLY C 478 -21.33 -17.87 -4.49
CA GLY C 478 -21.40 -18.79 -3.37
C GLY C 478 -20.22 -18.74 -2.42
N ARG C 479 -19.60 -17.58 -2.26
CA ARG C 479 -18.45 -17.47 -1.36
C ARG C 479 -18.94 -17.31 0.07
N PRO C 480 -18.54 -18.17 0.99
CA PRO C 480 -18.91 -17.97 2.40
C PRO C 480 -18.21 -16.74 2.97
N VAL C 481 -19.00 -15.71 3.24
CA VAL C 481 -18.50 -14.43 3.72
C VAL C 481 -18.00 -14.57 5.16
N SER C 482 -16.78 -14.12 5.41
CA SER C 482 -16.20 -14.10 6.74
C SER C 482 -16.30 -12.70 7.31
N ILE C 483 -15.95 -12.54 8.58
CA ILE C 483 -16.10 -11.25 9.24
C ILE C 483 -15.03 -10.26 8.80
N THR C 484 -13.91 -10.74 8.28
CA THR C 484 -12.84 -9.89 7.79
C THR C 484 -13.13 -9.30 6.41
N ASP C 485 -14.20 -9.75 5.75
CA ASP C 485 -14.52 -9.34 4.39
C ASP C 485 -15.33 -8.05 4.33
N LEU C 486 -15.46 -7.33 5.45
CA LEU C 486 -16.17 -6.06 5.43
C LEU C 486 -15.31 -5.01 4.76
N ARG C 487 -15.90 -4.20 3.89
CA ARG C 487 -15.14 -3.28 3.06
C ARG C 487 -15.06 -1.91 3.72
N GLY C 488 -13.83 -1.46 3.93
CA GLY C 488 -13.59 -0.08 4.31
C GLY C 488 -12.66 0.10 5.48
N SER C 489 -12.76 -0.76 6.49
CA SER C 489 -12.02 -0.58 7.74
C SER C 489 -12.08 -1.89 8.52
N GLY C 490 -11.57 -1.84 9.75
CA GLY C 490 -11.76 -2.91 10.70
C GLY C 490 -12.61 -2.40 11.84
N ALA C 491 -13.04 -1.14 11.73
CA ALA C 491 -13.93 -0.52 12.70
C ALA C 491 -15.39 -0.91 12.50
N LEU C 492 -15.68 -1.74 11.50
CA LEU C 492 -17.06 -2.15 11.26
C LEU C 492 -17.42 -3.36 12.11
N ARG C 493 -16.47 -4.29 12.27
CA ARG C 493 -16.72 -5.48 13.06
C ARG C 493 -16.33 -5.31 14.52
N GLN C 494 -15.84 -4.14 14.91
CA GLN C 494 -15.41 -3.92 16.29
C GLN C 494 -16.30 -2.95 17.03
N LEU C 495 -17.22 -2.27 16.34
CA LEU C 495 -18.06 -1.27 16.97
C LEU C 495 -19.54 -1.53 16.72
N SER C 496 -19.88 -2.72 16.22
CA SER C 496 -21.26 -3.13 16.00
C SER C 496 -21.59 -4.28 16.92
N ASP C 497 -22.87 -4.38 17.27
CA ASP C 497 -23.29 -5.34 18.28
C ASP C 497 -23.92 -6.60 17.69
N THR C 498 -24.48 -6.52 16.49
CA THR C 498 -25.03 -7.69 15.81
C THR C 498 -24.66 -7.58 14.33
N ILE C 499 -24.13 -8.65 13.76
CA ILE C 499 -23.74 -8.68 12.36
C ILE C 499 -24.43 -9.85 11.67
N ILE C 500 -25.19 -9.53 10.63
CA ILE C 500 -25.99 -10.50 9.88
C ILE C 500 -25.49 -10.51 8.44
N ALA C 501 -25.24 -11.71 7.91
CA ALA C 501 -24.74 -11.86 6.55
C ALA C 501 -25.67 -12.74 5.75
N LEU C 502 -26.04 -12.29 4.55
CA LEU C 502 -27.01 -12.99 3.72
C LEU C 502 -26.30 -13.50 2.46
N GLU C 503 -26.47 -14.78 2.16
CA GLU C 503 -25.62 -15.48 1.20
C GLU C 503 -26.45 -16.32 0.25
N ARG C 504 -26.23 -16.12 -1.05
CA ARG C 504 -26.95 -16.86 -2.12
C ARG C 504 -25.98 -17.12 -3.28
N ASN C 505 -26.38 -17.98 -4.22
CA ASN C 505 -25.58 -18.34 -5.38
C ASN C 505 -26.42 -18.18 -6.64
N GLN C 506 -26.38 -17.01 -7.26
CA GLN C 506 -27.12 -16.80 -8.51
C GLN C 506 -26.42 -17.49 -9.68
N MET C 510 -30.51 -23.04 -7.71
CA MET C 510 -31.43 -22.39 -6.78
C MET C 510 -31.01 -20.96 -6.49
N PRO C 511 -31.32 -20.03 -7.39
CA PRO C 511 -30.83 -18.66 -7.26
C PRO C 511 -31.62 -17.80 -6.29
N ASN C 512 -32.56 -18.38 -5.55
CA ASN C 512 -33.40 -17.58 -4.62
C ASN C 512 -33.16 -18.00 -3.17
N LEU C 513 -32.60 -19.20 -2.95
CA LEU C 513 -32.34 -19.69 -1.60
C LEU C 513 -31.24 -18.86 -0.97
N VAL C 514 -31.61 -17.96 -0.07
CA VAL C 514 -30.66 -17.14 0.68
C VAL C 514 -30.56 -17.68 2.10
N LEU C 515 -29.33 -17.93 2.56
CA LEU C 515 -29.11 -18.38 3.92
C LEU C 515 -28.47 -17.26 4.73
N VAL C 516 -28.60 -17.38 6.05
CA VAL C 516 -28.20 -16.33 6.98
C VAL C 516 -27.08 -16.86 7.86
N ARG C 517 -26.05 -16.05 8.05
CA ARG C 517 -24.99 -16.34 9.00
C ARG C 517 -24.95 -15.18 10.00
N ILE C 518 -24.99 -15.52 11.29
CA ILE C 518 -24.72 -14.56 12.34
C ILE C 518 -23.22 -14.55 12.55
N LEU C 519 -22.60 -13.38 12.35
CA LEU C 519 -21.15 -13.32 12.44
C LEU C 519 -20.67 -12.94 13.83
N LYS C 520 -21.37 -11.99 14.48
CA LYS C 520 -20.91 -11.59 15.84
C LYS C 520 -22.04 -10.99 16.68
N CYS C 521 -22.53 -11.75 17.66
CA CYS C 521 -23.52 -11.27 18.61
C CYS C 521 -22.81 -10.99 19.91
N ARG C 522 -22.82 -9.73 20.34
CA ARG C 522 -22.17 -9.35 21.60
C ARG C 522 -22.99 -9.80 22.81
N PHE C 523 -24.30 -9.92 22.65
CA PHE C 523 -25.16 -10.22 23.78
C PHE C 523 -25.08 -11.69 24.17
N THR C 524 -25.48 -12.58 23.28
CA THR C 524 -25.31 -14.00 23.54
C THR C 524 -23.98 -14.45 22.93
N GLY C 525 -23.78 -15.76 22.84
CA GLY C 525 -22.57 -16.28 22.22
C GLY C 525 -22.84 -17.06 20.97
N ASP C 526 -24.11 -17.25 20.64
CA ASP C 526 -24.52 -18.02 19.48
C ASP C 526 -24.24 -17.24 18.20
N THR C 527 -23.30 -17.74 17.40
CA THR C 527 -23.03 -17.26 16.05
C THR C 527 -22.92 -18.47 15.13
N GLY C 528 -23.16 -18.26 13.84
CA GLY C 528 -23.05 -19.35 12.88
C GLY C 528 -24.18 -19.42 11.88
N ILE C 529 -24.44 -20.61 11.36
CA ILE C 529 -25.45 -20.81 10.33
C ILE C 529 -26.83 -20.72 10.98
N ALA C 530 -27.54 -19.62 10.74
CA ALA C 530 -28.85 -19.45 11.36
C ALA C 530 -29.89 -20.34 10.69
N GLY C 531 -30.10 -20.17 9.39
CA GLY C 531 -31.08 -20.96 8.69
C GLY C 531 -31.11 -20.73 7.18
N TYR C 532 -32.30 -20.66 6.61
CA TYR C 532 -32.49 -20.46 5.18
C TYR C 532 -33.73 -19.62 4.96
N MET C 533 -33.75 -18.88 3.87
CA MET C 533 -34.94 -18.17 3.44
C MET C 533 -35.15 -18.40 1.95
N GLU C 534 -36.36 -18.12 1.47
CA GLU C 534 -36.68 -18.20 0.05
C GLU C 534 -37.44 -16.96 -0.38
N TYR C 535 -37.28 -16.60 -1.64
CA TYR C 535 -37.92 -15.41 -2.19
C TYR C 535 -39.02 -15.83 -3.14
N ASN C 536 -40.23 -15.33 -2.88
CA ASN C 536 -41.39 -15.62 -3.71
C ASN C 536 -41.40 -14.59 -4.84
N LYS C 537 -41.37 -15.07 -6.07
CA LYS C 537 -41.15 -14.19 -7.23
C LYS C 537 -42.33 -13.30 -7.54
N GLU C 538 -43.56 -13.75 -7.26
CA GLU C 538 -44.73 -12.93 -7.58
C GLU C 538 -45.07 -11.93 -6.49
N THR C 539 -44.79 -12.25 -5.23
CA THR C 539 -45.11 -11.37 -4.12
C THR C 539 -43.92 -10.56 -3.64
N GLY C 540 -42.77 -11.19 -3.42
CA GLY C 540 -41.60 -10.50 -2.96
C GLY C 540 -41.26 -10.69 -1.50
N TRP C 541 -41.77 -11.74 -0.87
CA TRP C 541 -41.54 -11.98 0.54
C TRP C 541 -40.44 -13.00 0.77
N LEU C 542 -39.80 -12.89 1.94
CA LEU C 542 -38.78 -13.85 2.37
C LEU C 542 -39.47 -14.85 3.27
N GLU C 543 -39.94 -15.94 2.68
CA GLU C 543 -40.56 -17.00 3.45
C GLU C 543 -39.50 -17.89 4.08
N PRO C 544 -39.79 -18.48 5.24
CA PRO C 544 -38.87 -19.48 5.81
C PRO C 544 -38.85 -20.74 4.98
N SER C 545 -37.70 -21.39 4.97
CA SER C 545 -37.45 -22.58 4.17
C SER C 545 -37.15 -23.77 5.07
N SER C 546 -36.91 -24.90 4.44
CA SER C 546 -36.68 -26.15 5.18
C SER C 546 -35.39 -26.84 4.81
N TYR C 547 -35.01 -26.83 3.53
CA TYR C 547 -33.89 -27.59 2.95
C TYR C 547 -33.98 -29.09 3.28
N ASP D 263 21.06 19.05 39.86
CA ASP D 263 21.49 17.80 39.27
C ASP D 263 20.49 16.69 39.57
N GLY D 264 20.73 15.51 38.98
CA GLY D 264 19.91 14.36 39.25
C GLY D 264 20.72 13.08 39.23
N VAL D 265 22.02 13.20 39.38
CA VAL D 265 22.92 12.05 39.35
C VAL D 265 22.97 11.39 40.71
N VAL D 266 23.03 10.06 40.71
CA VAL D 266 23.10 9.26 41.93
C VAL D 266 24.14 8.17 41.70
N SER D 267 25.18 8.15 42.53
CA SER D 267 26.18 7.11 42.44
C SER D 267 25.63 5.80 42.98
N ALA D 268 26.19 4.69 42.50
CA ALA D 268 25.73 3.38 42.91
C ALA D 268 26.25 2.96 44.28
N LEU D 269 27.25 3.65 44.82
CA LEU D 269 27.72 3.33 46.17
C LEU D 269 26.75 3.83 47.22
N SER D 270 26.20 5.03 47.03
CA SER D 270 25.25 5.62 47.98
C SER D 270 23.83 5.16 47.69
N LEU D 271 23.62 3.84 47.66
CA LEU D 271 22.30 3.29 47.36
C LEU D 271 22.02 2.06 48.23
N ARG D 272 22.70 1.90 49.36
CA ARG D 272 22.50 0.72 50.19
C ARG D 272 21.13 0.73 50.87
N GLU D 273 20.63 1.92 51.20
CA GLU D 273 19.37 2.01 51.93
C GLU D 273 18.17 1.79 51.03
N ARG D 274 18.11 2.47 49.89
CA ARG D 274 16.93 2.42 49.04
C ARG D 274 16.77 1.10 48.32
N ILE D 275 17.86 0.35 48.14
CA ILE D 275 17.73 -1.02 47.70
C ILE D 275 17.19 -1.90 48.83
N ARG D 276 17.61 -1.62 50.07
CA ARG D 276 17.21 -2.43 51.22
C ARG D 276 15.70 -2.35 51.48
N GLU D 277 15.11 -1.17 51.29
CA GLU D 277 13.67 -1.06 51.42
C GLU D 277 12.91 -1.48 50.17
N HIS D 278 13.61 -1.87 49.10
CA HIS D 278 12.87 -2.26 47.90
C HIS D 278 12.78 -3.78 47.76
N LEU D 279 13.71 -4.52 48.36
CA LEU D 279 13.64 -5.97 48.37
C LEU D 279 13.11 -6.52 49.68
N SER D 280 12.55 -5.67 50.53
CA SER D 280 11.97 -6.10 51.80
C SER D 280 10.52 -5.65 51.91
N VAL D 285 4.38 -13.26 45.48
CA VAL D 285 4.40 -13.56 44.05
C VAL D 285 3.67 -12.47 43.30
N GLY D 286 2.48 -12.11 43.76
CA GLY D 286 1.71 -11.04 43.13
C GLY D 286 0.23 -11.34 43.02
N LEU D 287 -0.49 -10.48 42.31
CA LEU D 287 -1.93 -10.63 42.15
C LEU D 287 -2.22 -11.78 41.19
N LEU D 288 -2.69 -12.90 41.71
CA LEU D 288 -2.88 -14.09 40.91
C LEU D 288 -4.09 -13.94 39.99
N PHE D 289 -4.16 -14.80 38.99
CA PHE D 289 -5.24 -14.78 38.00
C PHE D 289 -6.26 -15.88 38.27
N SER D 290 -7.24 -15.98 37.38
CA SER D 290 -8.39 -16.86 37.56
C SER D 290 -8.75 -17.52 36.23
N GLY D 291 -8.70 -18.85 36.21
CA GLY D 291 -8.85 -19.60 34.98
C GLY D 291 -7.50 -19.84 34.34
N CYS D 292 -7.32 -21.03 33.72
CA CYS D 292 -6.12 -21.47 32.99
C CYS D 292 -4.84 -21.25 33.81
N THR D 293 -4.68 -22.10 34.81
CA THR D 293 -3.69 -21.99 35.90
C THR D 293 -2.22 -21.83 35.47
N GLY D 294 -1.91 -21.98 34.19
CA GLY D 294 -0.59 -21.68 33.67
C GLY D 294 -0.32 -20.23 33.33
N ILE D 295 -1.12 -19.28 33.82
CA ILE D 295 -0.77 -17.87 33.67
C ILE D 295 0.14 -17.44 34.81
N ASN D 296 -0.34 -17.56 36.04
CA ASN D 296 0.47 -17.23 37.20
C ASN D 296 1.56 -18.26 37.48
N ASP D 297 1.52 -19.40 36.79
CA ASP D 297 2.69 -20.26 36.68
C ASP D 297 3.76 -19.64 35.79
N LYS D 298 3.36 -18.80 34.84
CA LYS D 298 4.26 -18.30 33.79
C LYS D 298 4.65 -16.84 33.99
N THR D 299 3.68 -15.93 34.10
CA THR D 299 3.99 -14.54 34.34
C THR D 299 4.00 -14.18 35.83
N LEU D 300 3.70 -15.14 36.70
CA LEU D 300 3.68 -14.97 38.17
C LEU D 300 2.79 -13.83 38.62
N GLY D 301 1.60 -13.74 38.03
CA GLY D 301 0.62 -12.77 38.45
C GLY D 301 0.91 -11.35 37.99
N ALA D 302 0.04 -10.42 38.33
CA ALA D 302 0.26 -9.02 38.02
C ALA D 302 1.08 -8.36 39.12
N ARG D 303 1.67 -7.22 38.79
CA ARG D 303 2.55 -6.49 39.68
C ARG D 303 2.18 -5.01 39.67
N GLY D 304 2.46 -4.34 40.77
CA GLY D 304 2.15 -2.93 40.87
C GLY D 304 3.05 -2.10 39.97
N GLY D 305 2.41 -1.28 39.13
CA GLY D 305 3.16 -0.44 38.22
C GLY D 305 3.42 -1.03 36.85
N GLU D 306 2.62 -2.02 36.45
CA GLU D 306 2.73 -2.62 35.13
C GLU D 306 1.63 -2.09 34.23
N VAL D 307 1.73 -2.43 32.94
CA VAL D 307 0.64 -2.26 31.98
C VAL D 307 0.47 -3.59 31.26
N ILE D 308 -0.73 -4.15 31.31
CA ILE D 308 -1.03 -5.48 30.77
C ILE D 308 -1.97 -5.32 29.59
N MET D 309 -1.65 -5.96 28.47
CA MET D 309 -2.50 -5.90 27.29
C MET D 309 -3.25 -7.21 27.12
N VAL D 310 -4.56 -7.10 26.91
CA VAL D 310 -5.42 -8.24 26.63
C VAL D 310 -5.85 -8.14 25.17
N THR D 311 -5.43 -9.10 24.36
CA THR D 311 -5.59 -9.04 22.92
C THR D 311 -6.38 -10.26 22.42
N SER D 312 -7.33 -9.99 21.54
CA SER D 312 -8.09 -10.98 20.78
C SER D 312 -8.82 -10.27 19.66
N GLY D 313 -9.49 -11.07 18.83
CA GLY D 313 -10.40 -10.55 17.84
C GLY D 313 -11.74 -10.20 18.44
N SER D 314 -12.66 -9.80 17.58
CA SER D 314 -13.99 -9.39 18.04
C SER D 314 -14.82 -10.61 18.41
N GLY D 315 -15.49 -10.53 19.56
CA GLY D 315 -16.32 -11.61 20.02
C GLY D 315 -15.60 -12.74 20.69
N MET D 316 -14.28 -12.65 20.83
CA MET D 316 -13.51 -13.74 21.40
C MET D 316 -13.52 -13.74 22.93
N GLY D 317 -14.13 -12.73 23.55
CA GLY D 317 -14.22 -12.71 24.99
C GLY D 317 -13.06 -12.05 25.70
N LYS D 318 -12.88 -10.75 25.44
CA LYS D 318 -11.83 -9.92 26.09
C LYS D 318 -12.42 -9.32 27.36
N SER D 319 -13.54 -8.60 27.22
CA SER D 319 -14.24 -8.01 28.35
C SER D 319 -14.82 -9.08 29.26
N THR D 320 -15.17 -10.22 28.65
CA THR D 320 -15.68 -11.40 29.39
C THR D 320 -14.54 -11.92 30.27
N PHE D 321 -13.32 -11.96 29.74
CA PHE D 321 -12.17 -12.41 30.51
C PHE D 321 -11.77 -11.43 31.60
N VAL D 322 -11.84 -10.12 31.35
CA VAL D 322 -11.34 -9.16 32.31
C VAL D 322 -12.39 -8.83 33.40
N ARG D 323 -13.67 -9.05 33.08
CA ARG D 323 -14.76 -8.83 34.06
C ARG D 323 -14.60 -9.85 35.19
N GLN D 324 -14.29 -11.10 34.83
CA GLN D 324 -14.07 -12.17 35.80
C GLN D 324 -12.87 -11.87 36.69
N GLN D 325 -11.81 -11.29 36.13
CA GLN D 325 -10.65 -10.94 36.94
C GLN D 325 -10.96 -9.79 37.87
N ALA D 326 -11.77 -8.83 37.40
CA ALA D 326 -12.23 -7.75 38.27
C ALA D 326 -13.11 -8.27 39.41
N LEU D 327 -13.83 -9.36 39.15
CA LEU D 327 -14.63 -9.96 40.22
C LEU D 327 -13.76 -10.69 41.23
N GLN D 328 -12.84 -11.52 40.76
CA GLN D 328 -11.97 -12.28 41.66
C GLN D 328 -10.96 -11.41 42.40
N TRP D 329 -10.67 -10.20 41.89
CA TRP D 329 -9.77 -9.28 42.58
C TRP D 329 -10.52 -8.25 43.42
N GLY D 330 -11.84 -8.33 43.49
CA GLY D 330 -12.61 -7.37 44.24
C GLY D 330 -13.37 -7.99 45.41
N THR D 331 -13.51 -9.31 45.40
CA THR D 331 -14.20 -10.02 46.45
C THR D 331 -13.26 -10.90 47.27
N ALA D 332 -12.56 -11.83 46.61
CA ALA D 332 -11.70 -12.76 47.33
C ALA D 332 -10.41 -12.12 47.81
N MET D 333 -9.93 -11.08 47.13
CA MET D 333 -8.68 -10.43 47.51
C MET D 333 -8.91 -9.15 48.30
N GLY D 334 -10.09 -8.53 48.17
CA GLY D 334 -10.41 -7.33 48.90
C GLY D 334 -9.85 -6.05 48.33
N LYS D 335 -9.11 -6.11 47.23
CA LYS D 335 -8.44 -4.94 46.68
C LYS D 335 -9.43 -4.01 46.00
N LYS D 336 -9.20 -2.70 46.15
CA LYS D 336 -10.05 -1.70 45.53
C LYS D 336 -9.90 -1.73 44.02
N VAL D 337 -10.99 -2.02 43.31
CA VAL D 337 -10.99 -2.22 41.87
C VAL D 337 -11.74 -1.07 41.22
N GLY D 338 -11.17 -0.52 40.15
CA GLY D 338 -11.85 0.47 39.34
C GLY D 338 -11.99 0.04 37.90
N LEU D 339 -13.23 -0.17 37.47
CA LEU D 339 -13.51 -0.52 36.08
C LEU D 339 -13.74 0.75 35.28
N ALA D 340 -13.31 0.74 34.02
CA ALA D 340 -13.55 1.82 33.08
C ALA D 340 -13.98 1.14 31.78
N MET D 341 -15.29 0.96 31.65
CA MET D 341 -15.89 0.33 30.49
C MET D 341 -16.39 1.45 29.58
N LEU D 342 -15.54 1.90 28.67
CA LEU D 342 -15.98 2.86 27.67
C LEU D 342 -16.83 2.20 26.59
N GLN D 343 -16.78 0.87 26.51
CA GLN D 343 -17.51 0.10 25.47
C GLN D 343 -18.99 -0.05 25.82
N GLU D 344 -19.36 0.14 27.09
CA GLU D 344 -20.74 0.00 27.55
C GLU D 344 -21.07 0.98 28.67
N SER D 345 -22.18 0.77 29.36
CA SER D 345 -22.58 1.65 30.45
C SER D 345 -22.34 0.98 31.80
N VAL D 346 -22.75 1.68 32.87
CA VAL D 346 -22.45 1.19 34.21
C VAL D 346 -23.46 0.14 34.68
N GLU D 347 -24.72 0.26 34.25
CA GLU D 347 -25.74 -0.66 34.73
C GLU D 347 -25.57 -2.03 34.12
N GLU D 348 -25.12 -2.10 32.87
CA GLU D 348 -24.95 -3.39 32.22
C GLU D 348 -23.79 -4.17 32.83
N THR D 349 -22.66 -3.51 33.07
CA THR D 349 -21.55 -4.20 33.71
C THR D 349 -21.85 -4.50 35.19
N ALA D 350 -22.67 -3.68 35.84
CA ALA D 350 -23.06 -3.98 37.22
C ALA D 350 -23.96 -5.21 37.29
N GLU D 351 -24.94 -5.30 36.38
CA GLU D 351 -25.79 -6.49 36.28
C GLU D 351 -24.98 -7.72 35.90
N ASP D 352 -23.95 -7.57 35.06
CA ASP D 352 -23.16 -8.72 34.67
C ASP D 352 -22.28 -9.19 35.83
N LEU D 353 -21.78 -8.26 36.65
CA LEU D 353 -21.03 -8.66 37.85
C LEU D 353 -21.93 -9.38 38.85
N ILE D 354 -23.15 -8.88 39.05
CA ILE D 354 -24.10 -9.51 39.97
C ILE D 354 -24.45 -10.91 39.51
N GLY D 355 -24.73 -11.07 38.23
CA GLY D 355 -25.05 -12.39 37.71
C GLY D 355 -23.86 -13.33 37.69
N LEU D 356 -22.66 -12.79 37.46
CA LEU D 356 -21.46 -13.62 37.44
C LEU D 356 -21.11 -14.12 38.82
N HIS D 357 -21.29 -13.29 39.85
CA HIS D 357 -21.01 -13.77 41.20
C HIS D 357 -22.09 -14.71 41.69
N ASN D 358 -23.34 -14.51 41.26
CA ASN D 358 -24.44 -15.36 41.71
C ASN D 358 -24.63 -16.60 40.84
N ARG D 359 -23.67 -16.91 39.96
CA ARG D 359 -23.61 -18.11 39.12
C ARG D 359 -24.78 -18.25 38.15
N VAL D 360 -25.50 -17.17 37.86
CA VAL D 360 -26.68 -17.20 37.00
C VAL D 360 -26.50 -16.14 35.94
N ARG D 361 -26.57 -16.54 34.66
CA ARG D 361 -26.43 -15.62 33.55
C ARG D 361 -27.62 -14.65 33.54
N LEU D 362 -27.39 -13.42 34.00
CA LEU D 362 -28.48 -12.54 34.40
C LEU D 362 -29.15 -11.84 33.24
N ARG D 363 -28.39 -11.05 32.46
CA ARG D 363 -28.98 -10.19 31.44
C ARG D 363 -29.57 -10.98 30.29
N GLN D 364 -29.07 -12.20 30.06
CA GLN D 364 -29.51 -13.04 28.95
C GLN D 364 -30.70 -13.93 29.30
N SER D 365 -31.51 -13.54 30.30
CA SER D 365 -32.69 -14.31 30.67
C SER D 365 -33.70 -13.37 31.33
N ASP D 366 -34.82 -13.14 30.66
CA ASP D 366 -35.82 -12.19 31.14
C ASP D 366 -36.85 -12.84 32.06
N SER D 367 -36.86 -14.18 32.15
CA SER D 367 -37.76 -14.85 33.09
C SER D 367 -37.29 -14.71 34.53
N LEU D 368 -36.05 -14.28 34.75
CA LEU D 368 -35.49 -14.13 36.08
C LEU D 368 -35.24 -12.67 36.47
N LYS D 369 -35.16 -11.77 35.48
CA LYS D 369 -34.91 -10.36 35.74
C LYS D 369 -36.07 -9.70 36.48
N ARG D 370 -37.31 -10.06 36.16
CA ARG D 370 -38.46 -9.58 36.91
C ARG D 370 -38.81 -10.50 38.07
N GLU D 371 -38.32 -11.74 38.04
CA GLU D 371 -38.53 -12.68 39.14
C GLU D 371 -37.80 -12.23 40.39
N ILE D 372 -36.50 -11.91 40.28
CA ILE D 372 -35.73 -11.57 41.47
C ILE D 372 -35.99 -10.16 41.96
N ILE D 373 -36.76 -9.35 41.24
CA ILE D 373 -37.01 -7.99 41.70
C ILE D 373 -38.33 -7.89 42.46
N GLU D 374 -39.22 -8.89 42.32
CA GLU D 374 -40.39 -8.98 43.17
C GLU D 374 -40.25 -10.03 44.26
N ASN D 375 -39.25 -10.91 44.16
CA ASN D 375 -38.96 -11.87 45.21
C ASN D 375 -38.24 -11.22 46.37
N GLY D 376 -37.65 -10.05 46.17
CA GLY D 376 -36.96 -9.33 47.21
C GLY D 376 -35.50 -9.69 47.39
N LYS D 377 -35.00 -10.71 46.68
CA LYS D 377 -33.62 -11.13 46.81
C LYS D 377 -32.68 -10.40 45.86
N PHE D 378 -33.17 -9.40 45.13
CA PHE D 378 -32.28 -8.51 44.41
C PHE D 378 -31.39 -7.73 45.35
N ASP D 379 -31.96 -7.16 46.41
CA ASP D 379 -31.13 -6.42 47.36
C ASP D 379 -30.32 -7.36 48.24
N GLN D 380 -30.73 -8.62 48.36
CA GLN D 380 -29.87 -9.62 48.97
C GLN D 380 -28.65 -9.91 48.09
N TRP D 381 -28.84 -9.95 46.78
CA TRP D 381 -27.72 -10.14 45.87
C TRP D 381 -26.88 -8.89 45.66
N PHE D 382 -27.45 -7.71 45.92
CA PHE D 382 -26.74 -6.46 45.64
C PHE D 382 -25.64 -6.19 46.66
N ASP D 383 -26.01 -6.11 47.95
CA ASP D 383 -25.03 -5.79 48.98
C ASP D 383 -24.20 -6.99 49.41
N GLU D 384 -24.45 -8.17 48.86
CA GLU D 384 -23.58 -9.32 49.11
C GLU D 384 -22.19 -9.10 48.52
N LEU D 385 -22.12 -8.47 47.36
CA LEU D 385 -20.85 -8.18 46.71
C LEU D 385 -20.53 -6.70 46.60
N PHE D 386 -21.54 -5.84 46.55
CA PHE D 386 -21.34 -4.39 46.57
C PHE D 386 -21.47 -3.81 47.97
N GLY D 387 -21.33 -4.64 49.01
CA GLY D 387 -21.46 -4.14 50.37
C GLY D 387 -20.28 -3.30 50.82
N ASN D 388 -19.07 -3.71 50.44
CA ASN D 388 -17.88 -2.92 50.70
C ASN D 388 -17.82 -1.75 49.72
N ASP D 389 -16.84 -0.88 49.90
CA ASP D 389 -16.63 0.24 48.99
C ASP D 389 -15.63 -0.12 47.89
N THR D 390 -15.62 -1.38 47.47
CA THR D 390 -14.56 -1.90 46.61
C THR D 390 -14.71 -1.42 45.17
N PHE D 391 -15.79 -1.77 44.52
CA PHE D 391 -15.93 -1.56 43.08
C PHE D 391 -16.28 -0.12 42.80
N HIS D 392 -15.49 0.52 41.94
CA HIS D 392 -15.78 1.87 41.47
C HIS D 392 -15.79 1.85 39.95
N LEU D 393 -16.82 2.45 39.36
CA LEU D 393 -17.01 2.38 37.92
C LEU D 393 -16.80 3.76 37.29
N TYR D 394 -16.56 3.76 35.98
CA TYR D 394 -16.41 4.99 35.22
C TYR D 394 -17.58 5.12 34.25
N ASP D 395 -18.22 6.28 34.26
CA ASP D 395 -19.43 6.52 33.48
C ASP D 395 -19.16 7.67 32.53
N SER D 396 -19.15 7.36 31.22
CA SER D 396 -18.87 8.37 30.20
C SER D 396 -20.03 9.35 30.06
N THR D 402 -9.27 12.94 26.25
CA THR D 402 -8.10 12.17 26.61
C THR D 402 -7.50 12.66 27.93
N ASP D 403 -7.28 13.98 28.02
CA ASP D 403 -6.84 14.59 29.27
C ASP D 403 -7.87 14.43 30.38
N ARG D 404 -9.15 14.43 30.03
CA ARG D 404 -10.19 14.16 31.01
C ARG D 404 -10.12 12.72 31.49
N LEU D 405 -9.79 11.79 30.58
CA LEU D 405 -9.61 10.39 30.98
C LEU D 405 -8.43 10.22 31.92
N LEU D 406 -7.32 10.92 31.65
CA LEU D 406 -6.16 10.82 32.53
C LEU D 406 -6.43 11.47 33.88
N ALA D 407 -7.19 12.58 33.90
CA ALA D 407 -7.55 13.22 35.16
C ALA D 407 -8.51 12.34 35.98
N LYS D 408 -9.39 11.60 35.30
CA LYS D 408 -10.30 10.72 36.02
C LYS D 408 -9.58 9.47 36.55
N LEU D 409 -8.61 8.95 35.81
CA LEU D 409 -7.80 7.85 36.34
C LEU D 409 -6.94 8.31 37.51
N ALA D 410 -6.45 9.55 37.46
CA ALA D 410 -5.72 10.11 38.60
C ALA D 410 -6.63 10.33 39.80
N TYR D 411 -7.89 10.70 39.57
CA TYR D 411 -8.82 10.86 40.68
C TYR D 411 -9.23 9.51 41.28
N MET D 412 -9.23 8.46 40.46
CA MET D 412 -9.42 7.12 40.99
C MET D 412 -8.23 6.68 41.84
N ARG D 413 -7.02 7.08 41.43
CA ARG D 413 -5.78 6.63 42.13
C ARG D 413 -5.54 7.41 43.43
N SER D 414 -5.67 8.73 43.40
CA SER D 414 -5.36 9.56 44.57
C SER D 414 -6.57 9.63 45.51
N GLY D 415 -7.72 10.02 45.00
CA GLY D 415 -8.90 10.24 45.81
C GLY D 415 -9.67 9.01 46.23
N LEU D 416 -9.30 7.82 45.74
CA LEU D 416 -10.00 6.60 46.13
C LEU D 416 -9.09 5.44 46.49
N GLY D 417 -7.84 5.43 46.03
CA GLY D 417 -6.92 4.36 46.40
C GLY D 417 -7.17 3.03 45.74
N CYS D 418 -7.27 3.02 44.41
CA CYS D 418 -7.56 1.78 43.69
C CYS D 418 -6.31 0.95 43.53
N ASP D 419 -6.44 -0.36 43.69
CA ASP D 419 -5.31 -1.26 43.50
C ASP D 419 -5.22 -1.79 42.08
N VAL D 420 -6.37 -1.98 41.42
CA VAL D 420 -6.45 -2.42 40.03
C VAL D 420 -7.29 -1.40 39.28
N ILE D 421 -6.83 -0.99 38.09
CA ILE D 421 -7.63 -0.16 37.20
C ILE D 421 -7.68 -0.85 35.85
N ILE D 422 -8.90 -1.08 35.35
CA ILE D 422 -9.14 -1.79 34.10
C ILE D 422 -9.74 -0.81 33.10
N LEU D 423 -9.23 -0.84 31.86
CA LEU D 423 -9.72 0.00 30.78
C LEU D 423 -10.09 -0.88 29.60
N ASP D 424 -11.35 -0.78 29.16
CA ASP D 424 -11.97 -1.74 28.26
C ASP D 424 -11.60 -1.52 26.79
N HIS D 425 -11.43 -0.28 26.37
CA HIS D 425 -11.34 0.02 24.95
C HIS D 425 -10.45 1.24 24.78
N ILE D 426 -9.26 1.02 24.22
CA ILE D 426 -8.31 2.11 24.02
C ILE D 426 -8.63 2.94 22.77
N SER D 427 -9.39 2.38 21.83
CA SER D 427 -9.47 2.96 20.50
C SER D 427 -10.37 4.20 20.43
N ILE D 428 -11.50 4.21 21.15
CA ILE D 428 -12.39 5.37 21.08
C ILE D 428 -11.92 6.53 21.95
N VAL D 429 -10.79 6.39 22.63
CA VAL D 429 -10.13 7.55 23.20
C VAL D 429 -9.60 8.46 22.11
N VAL D 430 -9.16 7.86 21.00
CA VAL D 430 -8.58 8.59 19.88
C VAL D 430 -9.67 9.35 19.12
N SER D 431 -9.48 10.65 18.95
CA SER D 431 -10.42 11.48 18.21
C SER D 431 -10.36 11.19 16.72
N ARG D 439 -0.78 7.64 14.97
CA ARG D 439 0.37 6.94 15.55
C ARG D 439 1.03 7.78 16.63
N LYS D 440 1.16 9.08 16.37
CA LYS D 440 1.75 9.99 17.37
C LYS D 440 0.84 10.16 18.57
N MET D 441 -0.47 10.27 18.35
CA MET D 441 -1.45 10.39 19.43
C MET D 441 -1.61 9.09 20.21
N ILE D 442 -1.08 7.99 19.73
CA ILE D 442 -1.15 6.70 20.41
C ILE D 442 0.16 6.46 21.14
N ASP D 443 1.27 6.93 20.56
CA ASP D 443 2.54 6.88 21.27
C ASP D 443 2.53 7.77 22.49
N ASN D 444 1.99 8.99 22.36
CA ASN D 444 1.90 9.90 23.50
C ASN D 444 0.97 9.36 24.57
N LEU D 445 -0.12 8.71 24.16
CA LEU D 445 -1.07 8.10 25.09
C LEU D 445 -0.43 6.96 25.86
N MET D 446 0.28 6.06 25.17
CA MET D 446 0.90 4.93 25.84
C MET D 446 2.06 5.36 26.74
N THR D 447 2.84 6.37 26.35
CA THR D 447 3.88 6.90 27.24
C THR D 447 3.29 7.53 28.49
N LYS D 448 2.18 8.27 28.32
CA LYS D 448 1.59 8.94 29.48
C LYS D 448 0.95 7.94 30.44
N LEU D 449 0.32 6.89 29.90
CA LEU D 449 -0.25 5.85 30.78
C LEU D 449 0.84 5.04 31.46
N LYS D 450 1.95 4.75 30.77
CA LYS D 450 3.06 4.05 31.42
C LYS D 450 3.70 4.90 32.50
N GLY D 451 3.80 6.21 32.27
CA GLY D 451 4.30 7.11 33.30
C GLY D 451 3.40 7.18 34.52
N PHE D 452 2.08 7.17 34.30
CA PHE D 452 1.13 7.15 35.41
C PHE D 452 1.22 5.84 36.21
N ALA D 453 1.33 4.71 35.51
CA ALA D 453 1.45 3.42 36.18
C ALA D 453 2.76 3.29 36.95
N LYS D 454 3.86 3.78 36.40
CA LYS D 454 5.14 3.70 37.10
C LYS D 454 5.20 4.66 38.28
N SER D 455 4.59 5.84 38.14
CA SER D 455 4.60 6.82 39.23
C SER D 455 3.75 6.35 40.40
N THR D 456 2.50 5.94 40.15
CA THR D 456 1.61 5.61 41.25
C THR D 456 1.70 4.15 41.68
N GLY D 457 2.16 3.26 40.81
CA GLY D 457 2.28 1.86 41.19
C GLY D 457 1.00 1.07 41.15
N VAL D 458 0.01 1.54 40.40
CA VAL D 458 -1.28 0.85 40.32
C VAL D 458 -1.23 -0.16 39.18
N VAL D 459 -1.84 -1.32 39.39
CA VAL D 459 -1.88 -2.36 38.37
C VAL D 459 -2.88 -1.93 37.31
N LEU D 460 -2.39 -1.65 36.12
CA LEU D 460 -3.19 -1.12 35.03
C LEU D 460 -3.36 -2.17 33.96
N VAL D 461 -4.62 -2.50 33.63
CA VAL D 461 -4.94 -3.42 32.55
C VAL D 461 -5.62 -2.62 31.45
N VAL D 462 -5.10 -2.73 30.23
CA VAL D 462 -5.61 -2.00 29.06
C VAL D 462 -5.94 -3.03 27.99
N ILE D 463 -7.11 -2.92 27.37
CA ILE D 463 -7.52 -3.85 26.32
C ILE D 463 -7.42 -3.15 24.97
N CYS D 464 -6.92 -3.85 23.96
CA CYS D 464 -6.81 -3.33 22.60
C CYS D 464 -7.19 -4.41 21.58
N HIS D 465 -7.38 -3.97 20.34
CA HIS D 465 -7.82 -4.84 19.25
C HIS D 465 -6.68 -5.14 18.27
N LEU D 466 -7.00 -5.96 17.28
CA LEU D 466 -6.01 -6.49 16.34
C LEU D 466 -6.25 -5.90 14.96
N LYS D 467 -5.21 -5.90 14.14
CA LYS D 467 -5.34 -5.35 12.79
C LYS D 467 -5.94 -6.39 11.85
N ASN D 468 -6.36 -5.92 10.68
CA ASN D 468 -6.89 -6.78 9.64
C ASN D 468 -5.72 -7.43 8.93
N PRO D 469 -5.58 -8.76 8.96
CA PRO D 469 -4.47 -9.40 8.25
C PRO D 469 -4.69 -9.34 6.75
N ASP D 470 -3.58 -9.40 6.01
CA ASP D 470 -3.62 -9.28 4.56
C ASP D 470 -3.90 -10.59 3.84
N LYS D 471 -3.58 -11.73 4.45
CA LYS D 471 -3.62 -13.00 3.75
C LYS D 471 -4.04 -14.10 4.71
N GLY D 472 -4.96 -14.94 4.26
CA GLY D 472 -5.38 -16.08 5.04
C GLY D 472 -6.63 -15.83 5.85
N LYS D 473 -6.78 -16.54 6.95
CA LYS D 473 -7.97 -16.45 7.80
C LYS D 473 -7.95 -15.16 8.59
N ALA D 474 -9.06 -14.85 9.24
CA ALA D 474 -9.10 -13.83 10.26
C ALA D 474 -8.78 -14.47 11.60
N HIS D 475 -8.66 -13.63 12.64
CA HIS D 475 -8.40 -14.18 13.96
C HIS D 475 -9.61 -14.90 14.52
N GLU D 476 -10.81 -14.53 14.07
CA GLU D 476 -12.06 -15.09 14.58
C GLU D 476 -12.27 -16.54 14.15
N GLU D 477 -11.61 -17.02 13.11
CA GLU D 477 -11.68 -18.42 12.71
C GLU D 477 -10.52 -19.21 13.29
N GLY D 478 -9.86 -18.66 14.31
CA GLY D 478 -8.86 -19.42 15.05
C GLY D 478 -7.44 -19.28 14.57
N ARG D 479 -7.09 -18.17 13.94
CA ARG D 479 -5.71 -17.95 13.57
C ARG D 479 -4.94 -17.43 14.78
N PRO D 480 -3.74 -17.96 15.05
CA PRO D 480 -2.96 -17.47 16.20
C PRO D 480 -2.45 -16.05 15.99
N VAL D 481 -2.43 -15.30 17.09
CA VAL D 481 -2.18 -13.87 17.06
C VAL D 481 -0.69 -13.61 17.26
N SER D 482 -0.11 -12.78 16.41
CA SER D 482 1.25 -12.31 16.59
C SER D 482 1.26 -10.93 17.21
N ILE D 483 2.43 -10.53 17.71
CA ILE D 483 2.56 -9.27 18.43
C ILE D 483 2.57 -8.07 17.48
N THR D 484 2.72 -8.31 16.18
CA THR D 484 2.58 -7.25 15.19
C THR D 484 1.14 -6.75 15.12
N ASP D 485 0.17 -7.66 15.27
CA ASP D 485 -1.24 -7.37 15.08
C ASP D 485 -1.74 -6.53 16.26
N LEU D 486 -1.56 -5.22 16.17
CA LEU D 486 -2.05 -4.28 17.15
C LEU D 486 -2.36 -2.98 16.42
N ARG D 487 -3.61 -2.54 16.47
CA ARG D 487 -4.02 -1.41 15.66
C ARG D 487 -3.48 -0.09 16.20
N GLY D 488 -3.25 0.85 15.29
CA GLY D 488 -2.78 2.16 15.64
C GLY D 488 -1.29 2.36 15.48
N SER D 489 -0.47 1.59 16.19
CA SER D 489 0.97 1.76 16.15
C SER D 489 1.63 0.45 16.58
N GLY D 490 2.93 0.52 16.86
CA GLY D 490 3.68 -0.64 17.29
C GLY D 490 4.29 -0.43 18.66
N ALA D 491 4.02 0.74 19.24
CA ALA D 491 4.48 1.02 20.60
C ALA D 491 3.53 0.46 21.65
N LEU D 492 2.46 -0.20 21.25
CA LEU D 492 1.59 -0.87 22.20
C LEU D 492 2.29 -2.11 22.79
N ARG D 493 3.26 -2.67 22.05
CA ARG D 493 4.04 -3.79 22.53
C ARG D 493 5.38 -3.37 23.12
N GLN D 494 5.78 -2.11 22.94
CA GLN D 494 7.08 -1.65 23.40
C GLN D 494 7.03 -1.02 24.78
N LEU D 495 5.84 -0.80 25.34
CA LEU D 495 5.72 -0.10 26.62
C LEU D 495 4.87 -0.85 27.62
N SER D 496 4.31 -1.99 27.25
CA SER D 496 3.57 -2.83 28.18
C SER D 496 4.48 -3.94 28.67
N ASP D 497 4.13 -4.53 29.80
CA ASP D 497 5.01 -5.52 30.41
C ASP D 497 4.60 -6.94 30.10
N THR D 498 3.32 -7.19 29.80
CA THR D 498 2.91 -8.51 29.35
C THR D 498 1.70 -8.40 28.42
N ILE D 499 1.58 -9.37 27.53
CA ILE D 499 0.53 -9.45 26.52
C ILE D 499 -0.09 -10.83 26.59
N ILE D 500 -1.41 -10.86 26.79
CA ILE D 500 -2.19 -12.09 26.90
C ILE D 500 -3.14 -12.14 25.74
N ALA D 501 -3.02 -13.16 24.89
CA ALA D 501 -3.89 -13.30 23.72
C ALA D 501 -4.81 -14.50 23.88
N LEU D 502 -6.05 -14.36 23.41
CA LEU D 502 -7.02 -15.45 23.49
C LEU D 502 -7.57 -15.72 22.09
N GLU D 503 -7.48 -16.97 21.65
CA GLU D 503 -7.99 -17.37 20.35
C GLU D 503 -9.03 -18.47 20.50
N ARG D 504 -10.17 -18.29 19.83
CA ARG D 504 -11.29 -19.27 19.86
C ARG D 504 -11.85 -19.43 18.44
N ASN D 505 -12.14 -20.67 18.03
CA ASN D 505 -12.68 -20.94 16.69
C ASN D 505 -14.16 -20.67 16.71
N GLN D 506 -14.57 -19.48 16.24
CA GLN D 506 -15.93 -19.02 16.44
C GLN D 506 -16.93 -19.78 15.56
N GLN D 507 -16.66 -19.85 14.26
CA GLN D 507 -17.45 -20.69 13.38
C GLN D 507 -16.76 -22.06 13.24
N GLY D 508 -16.82 -22.81 14.33
CA GLY D 508 -16.16 -24.11 14.37
C GLY D 508 -17.00 -25.18 15.04
N ASP D 509 -16.34 -26.22 15.55
CA ASP D 509 -17.07 -27.28 16.24
C ASP D 509 -17.25 -26.97 17.72
N MET D 510 -16.35 -26.18 18.31
CA MET D 510 -16.61 -25.62 19.62
C MET D 510 -16.16 -24.15 19.66
N PRO D 511 -17.10 -23.22 19.77
CA PRO D 511 -16.73 -21.81 19.90
C PRO D 511 -16.54 -21.38 21.35
N ASN D 512 -16.41 -22.33 22.26
CA ASN D 512 -16.27 -22.03 23.66
C ASN D 512 -14.86 -22.24 24.20
N LEU D 513 -14.16 -23.28 23.72
CA LEU D 513 -12.79 -23.54 24.13
C LEU D 513 -11.87 -22.46 23.59
N VAL D 514 -11.19 -21.74 24.49
CA VAL D 514 -10.25 -20.72 24.08
C VAL D 514 -8.83 -21.20 24.38
N LEU D 515 -7.88 -20.65 23.64
CA LEU D 515 -6.47 -20.86 23.88
C LEU D 515 -5.87 -19.55 24.34
N VAL D 516 -5.02 -19.61 25.36
CA VAL D 516 -4.37 -18.44 25.92
C VAL D 516 -2.87 -18.53 25.62
N ARG D 517 -2.36 -17.51 24.94
CA ARG D 517 -0.97 -17.44 24.54
C ARG D 517 -0.36 -16.20 25.17
N ILE D 518 0.67 -16.40 25.98
CA ILE D 518 1.41 -15.30 26.55
C ILE D 518 2.49 -14.91 25.54
N LEU D 519 2.45 -13.66 25.10
CA LEU D 519 3.33 -13.20 24.03
C LEU D 519 4.58 -12.52 24.54
N LYS D 520 4.51 -11.78 25.63
CA LYS D 520 5.68 -11.12 26.18
C LYS D 520 5.61 -11.22 27.70
N CYS D 521 6.77 -11.41 28.31
CA CYS D 521 6.88 -11.35 29.76
C CYS D 521 8.26 -10.81 30.10
N ARG D 522 8.31 -9.56 30.58
CA ARG D 522 9.61 -8.89 30.90
C ARG D 522 10.09 -9.23 32.32
N PHE D 523 9.22 -9.75 33.19
CA PHE D 523 9.66 -10.04 34.54
C PHE D 523 9.99 -11.51 34.77
N THR D 524 9.64 -12.42 33.86
CA THR D 524 10.15 -13.77 33.95
C THR D 524 10.90 -14.20 32.70
N GLY D 525 10.31 -14.03 31.52
CA GLY D 525 10.94 -14.36 30.26
C GLY D 525 10.22 -15.44 29.47
N ASP D 526 9.57 -16.36 30.16
CA ASP D 526 8.90 -17.48 29.49
C ASP D 526 7.62 -17.03 28.79
N THR D 527 7.45 -17.46 27.55
CA THR D 527 6.29 -17.14 26.72
C THR D 527 5.82 -18.40 26.01
N GLY D 528 4.61 -18.34 25.46
CA GLY D 528 4.07 -19.44 24.68
C GLY D 528 2.64 -19.77 25.08
N ILE D 529 2.25 -21.01 24.79
CA ILE D 529 0.87 -21.44 25.04
C ILE D 529 0.73 -21.84 26.50
N ALA D 530 -0.12 -21.13 27.24
CA ALA D 530 -0.23 -21.38 28.68
C ALA D 530 -1.32 -22.41 28.99
N GLY D 531 -2.57 -22.12 28.64
CA GLY D 531 -3.65 -23.00 28.99
C GLY D 531 -4.92 -22.84 28.18
N TYR D 532 -6.01 -23.41 28.68
CA TYR D 532 -7.28 -23.44 27.97
C TYR D 532 -8.41 -23.15 28.94
N MET D 533 -9.42 -22.45 28.46
CA MET D 533 -10.59 -22.13 29.28
C MET D 533 -11.85 -22.48 28.50
N GLU D 534 -12.59 -23.45 28.99
CA GLU D 534 -13.92 -23.69 28.48
C GLU D 534 -14.85 -22.65 29.09
N TYR D 535 -16.01 -22.47 28.49
CA TYR D 535 -16.82 -21.33 28.87
C TYR D 535 -18.03 -21.69 29.74
N ASN D 536 -18.59 -22.89 29.58
CA ASN D 536 -19.68 -23.42 30.41
C ASN D 536 -20.91 -22.49 30.33
N LYS D 537 -21.56 -22.54 29.16
CA LYS D 537 -22.62 -21.62 28.73
C LYS D 537 -23.76 -21.42 29.73
N GLU D 538 -23.98 -22.38 30.63
CA GLU D 538 -25.04 -22.24 31.62
C GLU D 538 -24.70 -21.18 32.66
N THR D 539 -23.42 -21.11 33.07
CA THR D 539 -23.01 -20.22 34.15
C THR D 539 -22.37 -18.93 33.66
N GLY D 540 -21.29 -19.03 32.89
CA GLY D 540 -20.56 -17.86 32.43
C GLY D 540 -19.19 -17.68 33.02
N TRP D 541 -18.62 -18.72 33.63
CA TRP D 541 -17.29 -18.67 34.21
C TRP D 541 -16.30 -19.33 33.27
N LEU D 542 -15.25 -18.61 32.89
CA LEU D 542 -14.15 -19.18 32.11
C LEU D 542 -13.42 -20.16 33.02
N GLU D 543 -13.67 -21.44 32.85
CA GLU D 543 -13.03 -22.35 33.78
C GLU D 543 -12.03 -23.26 33.06
N PRO D 544 -10.92 -23.63 33.70
CA PRO D 544 -9.85 -24.32 32.98
C PRO D 544 -10.20 -25.75 32.62
N SER D 545 -9.57 -26.25 31.55
CA SER D 545 -9.82 -27.58 31.04
C SER D 545 -8.51 -28.28 30.75
N SER D 546 -8.63 -29.56 30.37
CA SER D 546 -7.49 -30.35 29.92
C SER D 546 -7.60 -30.54 28.41
N TYR D 547 -6.57 -30.11 27.68
CA TYR D 547 -6.54 -30.25 26.23
C TYR D 547 -5.09 -30.29 25.80
N SER D 548 -4.60 -31.49 25.44
CA SER D 548 -3.18 -31.65 25.18
C SER D 548 -2.81 -31.18 23.77
N GLY D 549 -3.35 -31.84 22.76
CA GLY D 549 -3.01 -31.50 21.39
C GLY D 549 -3.65 -32.38 20.34
N ASP E 263 42.08 30.37 10.12
CA ASP E 263 42.21 29.18 9.28
C ASP E 263 42.23 27.90 10.11
N GLY E 264 42.04 26.77 9.43
CA GLY E 264 42.15 25.47 10.05
C GLY E 264 42.80 24.48 9.11
N VAL E 265 43.45 25.00 8.06
CA VAL E 265 44.06 24.18 7.03
C VAL E 265 45.42 23.68 7.49
N VAL E 266 45.64 22.38 7.34
CA VAL E 266 46.86 21.71 7.79
C VAL E 266 47.35 20.84 6.65
N SER E 267 48.61 21.05 6.25
CA SER E 267 49.22 20.22 5.22
C SER E 267 49.48 18.81 5.75
N ALA E 268 49.62 17.87 4.82
CA ALA E 268 49.98 16.50 5.20
C ALA E 268 51.44 16.36 5.57
N LEU E 269 52.27 17.35 5.26
CA LEU E 269 53.69 17.26 5.61
C LEU E 269 53.92 17.71 7.05
N SER E 270 53.17 18.70 7.52
CA SER E 270 53.27 19.19 8.90
C SER E 270 52.39 18.40 9.85
N LEU E 271 52.52 17.08 9.81
CA LEU E 271 51.66 16.21 10.61
C LEU E 271 52.44 15.01 11.16
N ARG E 272 53.76 15.02 11.05
CA ARG E 272 54.57 13.87 11.45
C ARG E 272 54.54 13.65 12.95
N GLU E 273 54.36 14.73 13.72
CA GLU E 273 54.31 14.63 15.18
C GLU E 273 53.04 13.93 15.63
N ARG E 274 51.87 14.46 15.25
CA ARG E 274 50.58 14.03 15.80
C ARG E 274 50.19 12.62 15.37
N ILE E 275 50.84 12.07 14.35
CA ILE E 275 50.62 10.68 13.97
C ILE E 275 51.53 9.76 14.78
N ARG E 276 52.75 10.22 15.11
CA ARG E 276 53.73 9.38 15.80
C ARG E 276 53.25 9.01 17.20
N GLU E 277 52.55 9.92 17.86
CA GLU E 277 51.97 9.64 19.16
C GLU E 277 50.66 8.85 19.08
N HIS E 278 50.13 8.63 17.88
CA HIS E 278 48.79 8.08 17.74
C HIS E 278 48.79 6.57 17.55
N LEU E 279 49.71 6.04 16.76
CA LEU E 279 49.67 4.63 16.39
C LEU E 279 50.57 3.73 17.23
N SER E 280 50.99 4.19 18.41
CA SER E 280 51.76 3.31 19.29
C SER E 280 50.83 2.50 20.18
N VAL E 285 42.99 -2.71 20.31
CA VAL E 285 41.78 -3.50 20.14
C VAL E 285 40.61 -2.78 20.79
N GLY E 286 40.65 -2.64 22.11
CA GLY E 286 39.62 -1.95 22.84
C GLY E 286 38.84 -2.87 23.77
N LEU E 287 37.67 -2.40 24.17
CA LEU E 287 36.87 -3.05 25.18
C LEU E 287 36.17 -4.28 24.62
N LEU E 288 36.55 -5.45 25.11
CA LEU E 288 36.01 -6.72 24.63
C LEU E 288 34.58 -6.92 25.10
N PHE E 289 33.94 -7.95 24.56
CA PHE E 289 32.60 -8.34 24.98
C PHE E 289 32.62 -9.71 25.64
N SER E 290 31.67 -9.93 26.55
CA SER E 290 31.47 -11.23 27.18
C SER E 290 30.22 -11.87 26.61
N GLY E 291 30.32 -13.15 26.25
CA GLY E 291 29.26 -13.84 25.53
C GLY E 291 29.37 -13.55 24.04
N CYS E 292 29.07 -14.56 23.21
CA CYS E 292 29.19 -14.55 21.75
C CYS E 292 30.53 -13.97 21.29
N THR E 293 31.58 -14.77 21.55
CA THR E 293 32.97 -14.39 21.28
C THR E 293 33.32 -14.13 19.81
N GLY E 294 32.38 -14.27 18.90
CA GLY E 294 32.57 -13.83 17.53
C GLY E 294 32.13 -12.40 17.27
N ILE E 295 32.15 -11.55 18.31
CA ILE E 295 31.90 -10.13 18.11
C ILE E 295 33.22 -9.39 18.19
N ASN E 296 33.93 -9.55 19.31
CA ASN E 296 35.28 -9.04 19.43
C ASN E 296 36.28 -9.78 18.54
N ASP E 297 35.91 -10.95 18.04
CA ASP E 297 36.63 -11.56 16.92
C ASP E 297 36.36 -10.83 15.61
N LYS E 298 35.21 -10.16 15.50
CA LYS E 298 34.74 -9.62 14.24
C LYS E 298 34.88 -8.10 14.16
N THR E 299 34.33 -7.36 15.12
CA THR E 299 34.47 -5.92 15.14
C THR E 299 35.51 -5.43 16.14
N LEU E 300 36.24 -6.36 16.78
CA LEU E 300 37.36 -6.07 17.69
C LEU E 300 36.92 -5.24 18.90
N GLY E 301 35.69 -5.42 19.33
CA GLY E 301 35.20 -4.74 20.52
C GLY E 301 35.00 -3.25 20.35
N ALA E 302 34.72 -2.60 21.48
CA ALA E 302 34.35 -1.20 21.47
C ALA E 302 35.57 -0.31 21.58
N ARG E 303 35.41 0.95 21.16
CA ARG E 303 36.48 1.94 21.14
C ARG E 303 35.90 3.29 21.52
N GLY E 304 36.81 4.23 21.80
CA GLY E 304 36.38 5.55 22.23
C GLY E 304 35.81 6.38 21.09
N GLY E 305 34.99 7.35 21.47
CA GLY E 305 34.41 8.29 20.53
C GLY E 305 33.26 7.77 19.71
N GLU E 306 32.88 6.50 19.86
CA GLU E 306 31.93 5.86 18.98
C GLU E 306 30.49 6.05 19.44
N VAL E 307 29.57 5.56 18.60
CA VAL E 307 28.15 5.41 18.93
C VAL E 307 27.77 4.00 18.49
N ILE E 308 27.25 3.19 19.40
CA ILE E 308 26.95 1.79 19.14
C ILE E 308 25.45 1.58 19.25
N MET E 309 24.86 0.80 18.35
CA MET E 309 23.43 0.50 18.40
C MET E 309 23.22 -1.00 18.62
N VAL E 310 22.60 -1.35 19.73
CA VAL E 310 22.12 -2.71 19.97
C VAL E 310 20.61 -2.65 19.78
N THR E 311 20.10 -3.27 18.71
CA THR E 311 18.68 -3.19 18.37
C THR E 311 18.12 -4.57 18.15
N SER E 312 16.90 -4.80 18.65
CA SER E 312 16.14 -6.01 18.41
C SER E 312 14.67 -5.69 18.69
N GLY E 313 13.82 -6.72 18.67
CA GLY E 313 12.42 -6.56 18.97
C GLY E 313 12.17 -6.47 20.45
N SER E 314 10.90 -6.24 20.80
CA SER E 314 10.50 -6.11 22.19
C SER E 314 10.48 -7.48 22.86
N GLY E 315 11.19 -7.60 23.98
CA GLY E 315 11.30 -8.86 24.68
C GLY E 315 12.36 -9.79 24.16
N MET E 316 13.14 -9.37 23.17
CA MET E 316 14.19 -10.20 22.60
C MET E 316 15.40 -10.34 23.53
N GLY E 317 15.55 -9.45 24.50
CA GLY E 317 16.69 -9.52 25.39
C GLY E 317 17.79 -8.52 25.06
N LYS E 318 17.41 -7.26 24.85
CA LYS E 318 18.39 -6.22 24.60
C LYS E 318 19.06 -5.77 25.88
N SER E 319 18.25 -5.37 26.87
CA SER E 319 18.78 -4.78 28.08
C SER E 319 19.48 -5.80 28.95
N THR E 320 19.13 -7.08 28.83
CA THR E 320 19.87 -8.14 29.53
C THR E 320 21.30 -8.24 29.00
N PHE E 321 21.45 -8.23 27.68
CA PHE E 321 22.75 -8.21 27.02
C PHE E 321 23.56 -6.97 27.42
N VAL E 322 22.96 -5.78 27.32
CA VAL E 322 23.73 -4.58 27.60
C VAL E 322 24.02 -4.41 29.09
N ARG E 323 23.20 -5.01 29.96
CA ARG E 323 23.48 -4.96 31.39
C ARG E 323 24.58 -5.93 31.75
N GLN E 324 24.65 -7.07 31.06
CA GLN E 324 25.78 -7.97 31.22
C GLN E 324 27.08 -7.32 30.78
N GLN E 325 27.03 -6.53 29.70
CA GLN E 325 28.24 -5.83 29.26
C GLN E 325 28.63 -4.71 30.24
N ALA E 326 27.63 -4.02 30.82
CA ALA E 326 27.90 -3.00 31.83
C ALA E 326 28.50 -3.62 33.09
N LEU E 327 28.13 -4.85 33.40
CA LEU E 327 28.75 -5.55 34.53
C LEU E 327 30.18 -5.93 34.22
N GLN E 328 30.42 -6.56 33.06
CA GLN E 328 31.76 -7.03 32.74
C GLN E 328 32.73 -5.90 32.38
N TRP E 329 32.26 -4.68 32.17
CA TRP E 329 33.15 -3.55 31.96
C TRP E 329 33.33 -2.73 33.23
N GLY E 330 33.01 -3.29 34.39
CA GLY E 330 33.15 -2.57 35.64
C GLY E 330 33.73 -3.40 36.77
N THR E 331 33.92 -4.69 36.52
CA THR E 331 34.52 -5.59 37.49
C THR E 331 35.89 -6.10 37.04
N ALA E 332 35.99 -6.64 35.83
CA ALA E 332 37.27 -7.07 35.31
C ALA E 332 38.08 -5.92 34.74
N MET E 333 37.44 -4.85 34.28
CA MET E 333 38.12 -3.73 33.64
C MET E 333 38.37 -2.58 34.57
N GLY E 334 37.37 -2.14 35.33
CA GLY E 334 37.54 -1.07 36.27
C GLY E 334 37.23 0.31 35.73
N LYS E 335 36.67 0.41 34.54
CA LYS E 335 36.36 1.71 33.95
C LYS E 335 35.07 2.26 34.55
N LYS E 336 35.01 3.60 34.65
CA LYS E 336 33.83 4.26 35.19
C LYS E 336 32.65 4.12 34.22
N VAL E 337 31.64 3.35 34.62
CA VAL E 337 30.49 3.04 33.78
C VAL E 337 29.31 3.86 34.26
N GLY E 338 28.73 4.64 33.35
CA GLY E 338 27.53 5.38 33.63
C GLY E 338 26.32 4.82 32.92
N LEU E 339 25.35 4.33 33.69
CA LEU E 339 24.13 3.77 33.15
C LEU E 339 23.07 4.87 33.03
N ALA E 340 22.22 4.75 32.01
CA ALA E 340 21.07 5.63 31.84
C ALA E 340 19.89 4.74 31.42
N MET E 341 19.20 4.21 32.42
CA MET E 341 18.02 3.37 32.21
C MET E 341 16.81 4.25 32.46
N LEU E 342 16.35 4.92 31.41
CA LEU E 342 15.12 5.70 31.55
C LEU E 342 13.87 4.84 31.48
N GLN E 343 14.05 3.54 31.20
CA GLN E 343 12.90 2.60 31.05
C GLN E 343 12.39 2.10 32.42
N GLU E 344 13.27 1.97 33.42
CA GLU E 344 12.86 1.46 34.72
C GLU E 344 13.57 2.26 35.80
N SER E 345 13.47 1.79 37.05
CA SER E 345 13.93 2.53 38.21
C SER E 345 15.39 2.23 38.53
N VAL E 346 15.98 3.11 39.34
CA VAL E 346 17.39 2.97 39.71
C VAL E 346 17.65 1.83 40.67
N GLU E 347 16.63 1.35 41.38
CA GLU E 347 16.79 0.24 42.30
C GLU E 347 16.78 -1.09 41.59
N GLU E 348 15.91 -1.25 40.59
CA GLU E 348 15.78 -2.52 39.89
C GLU E 348 17.01 -2.83 39.05
N THR E 349 17.59 -1.80 38.42
CA THR E 349 18.79 -1.99 37.63
C THR E 349 20.03 -2.26 38.46
N ALA E 350 19.99 -1.97 39.76
CA ALA E 350 21.09 -2.35 40.65
C ALA E 350 20.87 -3.73 41.26
N GLU E 351 19.60 -4.06 41.56
CA GLU E 351 19.26 -5.39 42.03
C GLU E 351 19.55 -6.45 40.98
N ASP E 352 19.36 -6.11 39.71
CA ASP E 352 19.69 -7.06 38.66
C ASP E 352 21.20 -7.24 38.52
N LEU E 353 21.98 -6.17 38.72
CA LEU E 353 23.44 -6.31 38.69
C LEU E 353 23.95 -7.15 39.85
N ILE E 354 23.35 -6.99 41.03
CA ILE E 354 23.73 -7.78 42.20
C ILE E 354 23.38 -9.25 41.98
N GLY E 355 22.19 -9.52 41.47
CA GLY E 355 21.80 -10.90 41.17
C GLY E 355 22.62 -11.53 40.06
N LEU E 356 23.06 -10.72 39.09
CA LEU E 356 23.83 -11.25 37.98
C LEU E 356 25.27 -11.55 38.39
N HIS E 357 25.86 -10.71 39.26
CA HIS E 357 27.19 -11.00 39.76
C HIS E 357 27.17 -12.19 40.70
N ASN E 358 26.15 -12.31 41.53
CA ASN E 358 26.12 -13.37 42.53
C ASN E 358 25.54 -14.68 42.01
N ARG E 359 25.38 -14.81 40.69
CA ARG E 359 25.07 -16.05 39.96
C ARG E 359 23.68 -16.63 40.28
N VAL E 360 22.87 -15.92 41.05
CA VAL E 360 21.52 -16.36 41.41
C VAL E 360 20.58 -15.19 41.15
N ARG E 361 19.53 -15.45 40.36
CA ARG E 361 18.56 -14.44 39.93
C ARG E 361 17.81 -13.90 41.13
N LEU E 362 17.70 -12.57 41.23
CA LEU E 362 17.25 -11.95 42.46
C LEU E 362 15.75 -11.67 42.48
N ARG E 363 15.25 -10.90 41.52
CA ARG E 363 13.90 -10.34 41.62
C ARG E 363 12.81 -11.31 41.20
N GLN E 364 13.10 -12.61 41.12
CA GLN E 364 12.12 -13.60 40.72
C GLN E 364 11.88 -14.70 41.75
N SER E 365 12.87 -15.03 42.56
CA SER E 365 12.66 -15.94 43.69
C SER E 365 12.37 -15.08 44.92
N ASP E 366 11.12 -15.11 45.38
CA ASP E 366 10.71 -14.19 46.44
C ASP E 366 11.16 -14.67 47.81
N SER E 367 11.47 -15.96 47.95
CA SER E 367 11.98 -16.48 49.20
C SER E 367 13.39 -15.96 49.48
N LEU E 368 14.22 -15.89 48.45
CA LEU E 368 15.61 -15.48 48.61
C LEU E 368 15.75 -13.99 48.89
N LYS E 369 14.77 -13.17 48.48
CA LYS E 369 14.81 -11.74 48.74
C LYS E 369 14.74 -11.43 50.23
N ARG E 370 14.04 -12.24 51.01
CA ARG E 370 14.06 -12.11 52.46
C ARG E 370 15.00 -13.11 53.13
N GLU E 371 15.49 -14.11 52.40
CA GLU E 371 16.52 -14.97 52.95
C GLU E 371 17.85 -14.24 53.07
N ILE E 372 18.18 -13.36 52.11
CA ILE E 372 19.47 -12.69 52.13
C ILE E 372 19.45 -11.51 53.09
N ILE E 373 18.28 -11.12 53.56
CA ILE E 373 18.20 -9.97 54.46
C ILE E 373 17.74 -10.43 55.85
N LYS E 377 23.29 -11.44 54.53
CA LYS E 377 24.47 -11.29 53.70
C LYS E 377 24.20 -10.33 52.55
N PHE E 378 23.20 -9.47 52.75
CA PHE E 378 22.89 -8.43 51.76
C PHE E 378 24.02 -7.43 51.61
N ASP E 379 24.56 -6.93 52.71
CA ASP E 379 25.67 -5.98 52.60
C ASP E 379 26.94 -6.68 52.14
N GLN E 380 27.10 -7.98 52.44
CA GLN E 380 28.22 -8.74 51.92
C GLN E 380 28.15 -8.87 50.40
N TRP E 381 26.95 -9.05 49.84
CA TRP E 381 26.81 -9.04 48.39
C TRP E 381 26.87 -7.64 47.81
N PHE E 382 26.47 -6.62 48.58
CA PHE E 382 26.47 -5.25 48.09
C PHE E 382 27.89 -4.72 47.93
N ASP E 383 28.69 -4.79 49.00
CA ASP E 383 30.02 -4.19 48.97
C ASP E 383 31.01 -4.98 48.11
N GLU E 384 30.76 -6.27 47.89
CA GLU E 384 31.64 -7.10 47.06
C GLU E 384 31.69 -6.61 45.62
N LEU E 385 30.62 -5.96 45.15
CA LEU E 385 30.58 -5.41 43.81
C LEU E 385 30.48 -3.89 43.75
N PHE E 386 30.23 -3.22 44.89
CA PHE E 386 30.30 -1.77 44.93
C PHE E 386 31.41 -1.24 45.83
N GLY E 387 32.46 -2.05 46.08
CA GLY E 387 33.55 -1.59 46.91
C GLY E 387 34.43 -0.54 46.25
N ASN E 388 34.39 -0.46 44.93
CA ASN E 388 35.04 0.62 44.22
C ASN E 388 34.04 1.78 44.09
N ASP E 389 34.36 2.77 43.26
CA ASP E 389 33.41 3.81 42.92
C ASP E 389 33.10 3.74 41.43
N THR E 390 32.86 2.52 40.95
CA THR E 390 32.79 2.26 39.52
C THR E 390 31.49 2.77 38.91
N PHE E 391 30.37 2.19 39.32
CA PHE E 391 29.11 2.40 38.62
C PHE E 391 28.49 3.73 39.02
N HIS E 392 27.75 4.32 38.07
CA HIS E 392 26.99 5.55 38.33
C HIS E 392 25.66 5.44 37.61
N LEU E 393 24.57 5.43 38.39
CA LEU E 393 23.24 5.35 37.82
C LEU E 393 22.69 6.76 37.59
N TYR E 394 21.53 6.83 36.95
CA TYR E 394 20.88 8.10 36.67
C TYR E 394 19.41 8.04 37.07
N ASP E 395 18.98 8.99 37.90
CA ASP E 395 17.61 8.99 38.38
C ASP E 395 16.75 9.92 37.52
N ARG E 404 19.16 18.91 28.31
CA ARG E 404 19.05 18.43 29.68
C ARG E 404 19.79 17.10 29.86
N LEU E 405 19.39 16.09 29.09
CA LEU E 405 20.09 14.81 29.13
C LEU E 405 21.51 14.95 28.59
N LEU E 406 21.71 15.82 27.59
CA LEU E 406 23.05 16.09 27.11
C LEU E 406 23.89 16.83 28.14
N ALA E 407 23.28 17.72 28.92
CA ALA E 407 24.01 18.39 29.99
C ALA E 407 24.38 17.41 31.11
N LYS E 408 23.49 16.46 31.40
CA LYS E 408 23.79 15.44 32.39
C LYS E 408 24.91 14.50 31.91
N LEU E 409 24.94 14.19 30.61
CA LEU E 409 26.02 13.37 30.09
C LEU E 409 27.34 14.14 30.05
N ALA E 410 27.28 15.45 29.79
CA ALA E 410 28.49 16.28 29.87
C ALA E 410 29.01 16.38 31.30
N TYR E 411 28.10 16.40 32.29
CA TYR E 411 28.53 16.33 33.68
C TYR E 411 29.16 14.98 34.01
N MET E 412 28.52 13.87 33.60
CA MET E 412 29.06 12.54 33.83
C MET E 412 30.41 12.34 33.17
N ARG E 413 30.68 13.11 32.10
CA ARG E 413 31.96 12.99 31.35
C ARG E 413 33.06 13.88 31.93
N SER E 414 32.74 15.13 32.31
CA SER E 414 33.75 16.07 32.81
C SER E 414 33.99 15.93 34.31
N GLY E 415 32.92 15.95 35.11
CA GLY E 415 33.13 15.91 36.54
C GLY E 415 33.33 14.53 37.12
N LEU E 416 33.13 13.46 36.34
CA LEU E 416 33.12 12.12 36.90
C LEU E 416 34.01 11.11 36.19
N GLY E 417 34.60 11.44 35.04
CA GLY E 417 35.53 10.55 34.39
C GLY E 417 34.94 9.28 33.81
N CYS E 418 33.73 9.33 33.27
CA CYS E 418 33.09 8.15 32.72
C CYS E 418 33.74 7.71 31.42
N ASP E 419 34.11 6.43 31.36
CA ASP E 419 34.66 5.81 30.15
C ASP E 419 33.61 5.16 29.28
N VAL E 420 32.57 4.60 29.89
CA VAL E 420 31.47 3.96 29.19
C VAL E 420 30.19 4.66 29.60
N ILE E 421 29.34 4.97 28.63
CA ILE E 421 28.00 5.48 28.91
C ILE E 421 27.01 4.64 28.12
N ILE E 422 26.03 4.07 28.81
CA ILE E 422 24.99 3.25 28.19
C ILE E 422 23.66 3.98 28.34
N LEU E 423 22.90 4.05 27.25
CA LEU E 423 21.60 4.72 27.23
C LEU E 423 20.58 3.74 26.68
N ASP E 424 19.52 3.50 27.45
CA ASP E 424 18.55 2.46 27.10
C ASP E 424 17.31 3.02 26.40
N HIS E 425 16.94 4.27 26.66
CA HIS E 425 15.69 4.81 26.14
C HIS E 425 15.96 6.13 25.41
N ILE E 426 15.87 6.11 24.09
CA ILE E 426 16.02 7.30 23.27
C ILE E 426 14.69 7.86 22.82
N SER E 427 13.59 7.12 22.99
CA SER E 427 12.36 7.33 22.24
C SER E 427 11.66 8.65 22.58
N ILE E 428 11.51 8.97 23.87
CA ILE E 428 10.87 10.24 24.23
C ILE E 428 11.84 11.40 24.23
N VAL E 429 13.13 11.15 24.07
CA VAL E 429 14.12 12.22 24.10
C VAL E 429 14.23 12.84 22.72
N ARG E 439 11.49 12.91 12.71
CA ARG E 439 12.61 12.89 11.79
C ARG E 439 13.65 13.93 12.15
N LYS E 440 13.24 15.21 12.13
CA LYS E 440 14.18 16.31 12.32
C LYS E 440 14.71 16.35 13.74
N MET E 441 13.83 16.15 14.73
CA MET E 441 14.25 16.13 16.12
C MET E 441 14.89 14.81 16.55
N ILE E 442 15.05 13.87 15.63
CA ILE E 442 15.81 12.66 15.89
C ILE E 442 17.16 12.79 15.20
N ASP E 443 17.15 13.43 14.02
CA ASP E 443 18.39 13.74 13.33
C ASP E 443 19.25 14.71 14.13
N ASN E 444 18.62 15.74 14.71
CA ASN E 444 19.35 16.70 15.53
C ASN E 444 19.92 16.05 16.78
N LEU E 445 19.14 15.15 17.38
CA LEU E 445 19.61 14.42 18.55
C LEU E 445 20.78 13.51 18.22
N MET E 446 20.74 12.85 17.07
CA MET E 446 21.81 11.92 16.73
C MET E 446 23.08 12.67 16.30
N THR E 447 22.94 13.81 15.61
CA THR E 447 24.11 14.67 15.36
C THR E 447 24.71 15.19 16.65
N LYS E 448 23.87 15.56 17.63
CA LYS E 448 24.37 16.10 18.88
C LYS E 448 25.05 15.01 19.72
N LEU E 449 24.50 13.80 19.70
CA LEU E 449 25.15 12.68 20.40
C LEU E 449 26.47 12.30 19.75
N LYS E 450 26.55 12.33 18.42
CA LYS E 450 27.81 12.02 17.75
C LYS E 450 28.84 13.10 17.98
N GLY E 451 28.43 14.37 18.02
CA GLY E 451 29.34 15.45 18.36
C GLY E 451 29.85 15.37 19.78
N PHE E 452 28.99 14.99 20.73
CA PHE E 452 29.42 14.79 22.11
C PHE E 452 30.40 13.63 22.23
N ALA E 453 30.12 12.51 21.54
CA ALA E 453 31.03 11.37 21.59
C ALA E 453 32.37 11.70 20.93
N LYS E 454 32.35 12.47 19.84
CA LYS E 454 33.59 12.90 19.19
C LYS E 454 34.39 13.85 20.08
N SER E 455 33.71 14.72 20.82
CA SER E 455 34.40 15.67 21.68
C SER E 455 35.00 14.99 22.90
N THR E 456 34.34 13.97 23.43
CA THR E 456 34.79 13.44 24.71
C THR E 456 35.60 12.14 24.58
N GLY E 457 35.44 11.39 23.51
CA GLY E 457 36.18 10.14 23.39
C GLY E 457 35.60 9.02 24.24
N VAL E 458 34.30 9.06 24.52
CA VAL E 458 33.66 8.09 25.41
C VAL E 458 33.06 6.96 24.56
N VAL E 459 33.14 5.75 25.10
CA VAL E 459 32.39 4.64 24.50
C VAL E 459 30.92 4.85 24.83
N LEU E 460 30.06 4.81 23.82
CA LEU E 460 28.68 5.21 23.96
C LEU E 460 27.77 4.18 23.32
N VAL E 461 26.93 3.53 24.13
CA VAL E 461 25.97 2.55 23.65
C VAL E 461 24.59 3.19 23.71
N VAL E 462 23.84 3.10 22.61
CA VAL E 462 22.49 3.65 22.52
C VAL E 462 21.56 2.53 22.04
N ILE E 463 20.40 2.39 22.70
CA ILE E 463 19.41 1.39 22.29
C ILE E 463 18.17 2.08 21.76
N CYS E 464 17.69 1.63 20.59
CA CYS E 464 16.38 1.96 20.06
C CYS E 464 15.72 0.68 19.53
N HIS E 465 14.44 0.79 19.18
CA HIS E 465 13.65 -0.40 18.75
C HIS E 465 13.54 -0.49 17.23
N LEU E 466 12.98 -1.60 16.76
CA LEU E 466 12.77 -1.90 15.35
C LEU E 466 11.44 -1.31 14.89
N LYS E 467 11.31 -1.19 13.57
CA LYS E 467 10.07 -0.69 12.94
C LYS E 467 9.04 -1.82 12.88
N ASN E 468 7.85 -1.51 12.39
CA ASN E 468 6.77 -2.48 12.28
C ASN E 468 6.75 -3.05 10.88
N PRO E 469 7.04 -4.34 10.68
CA PRO E 469 7.10 -4.89 9.33
C PRO E 469 5.72 -5.03 8.72
N ASP E 470 5.58 -4.59 7.47
CA ASP E 470 4.27 -4.50 6.84
C ASP E 470 3.87 -5.74 6.08
N LYS E 471 4.79 -6.66 5.81
CA LYS E 471 4.43 -7.89 5.12
C LYS E 471 5.33 -9.01 5.60
N GLY E 472 4.72 -10.12 5.98
CA GLY E 472 5.46 -11.27 6.44
C GLY E 472 5.30 -11.49 7.94
N LYS E 473 6.27 -12.21 8.50
CA LYS E 473 6.22 -12.57 9.91
C LYS E 473 6.60 -11.37 10.78
N ALA E 474 6.55 -11.57 12.09
CA ALA E 474 7.11 -10.64 13.04
C ALA E 474 8.59 -10.97 13.26
N HIS E 475 9.30 -10.02 13.88
CA HIS E 475 10.71 -10.28 14.22
C HIS E 475 10.83 -11.31 15.33
N GLU E 476 9.76 -11.54 16.08
CA GLU E 476 9.82 -12.36 17.28
C GLU E 476 9.72 -13.85 16.98
N GLU E 477 9.36 -14.24 15.76
CA GLU E 477 9.43 -15.64 15.35
C GLU E 477 10.63 -15.94 14.47
N GLY E 478 11.76 -15.26 14.72
CA GLY E 478 12.98 -15.60 14.00
C GLY E 478 13.15 -14.94 12.65
N ARG E 479 12.69 -13.72 12.50
CA ARG E 479 12.88 -13.01 11.23
C ARG E 479 14.17 -12.20 11.29
N PRO E 480 15.08 -12.37 10.33
CA PRO E 480 16.35 -11.62 10.36
C PRO E 480 16.15 -10.15 10.06
N VAL E 481 16.90 -9.32 10.78
CA VAL E 481 16.70 -7.88 10.80
C VAL E 481 17.53 -7.22 9.71
N SER E 482 16.90 -6.39 8.89
CA SER E 482 17.59 -5.55 7.93
C SER E 482 17.91 -4.20 8.56
N ILE E 483 18.77 -3.44 7.88
CA ILE E 483 19.19 -2.15 8.43
C ILE E 483 18.12 -1.09 8.22
N THR E 484 17.09 -1.40 7.41
CA THR E 484 15.93 -0.54 7.29
C THR E 484 15.12 -0.51 8.58
N ASP E 485 15.10 -1.63 9.30
CA ASP E 485 14.20 -1.83 10.44
C ASP E 485 14.59 -0.99 11.64
N LEU E 486 14.42 0.33 11.54
CA LEU E 486 14.74 1.25 12.63
C LEU E 486 13.77 2.41 12.56
N ARG E 487 13.13 2.72 13.69
CA ARG E 487 12.06 3.71 13.67
C ARG E 487 12.62 5.12 13.55
N GLY E 488 11.73 6.09 13.40
CA GLY E 488 12.11 7.48 13.43
C GLY E 488 12.61 8.05 12.11
N SER E 489 13.84 7.71 11.75
CA SER E 489 14.45 8.17 10.51
C SER E 489 15.58 7.21 10.15
N GLY E 490 16.44 7.64 9.23
CA GLY E 490 17.54 6.83 8.76
C GLY E 490 18.89 7.16 9.35
N ALA E 491 18.98 8.19 10.19
CA ALA E 491 20.25 8.58 10.79
C ALA E 491 20.80 7.56 11.77
N LEU E 492 19.96 6.64 12.25
CA LEU E 492 20.39 5.66 13.24
C LEU E 492 21.40 4.68 12.65
N ARG E 493 21.39 4.49 11.33
CA ARG E 493 22.41 3.70 10.66
C ARG E 493 23.47 4.56 9.98
N GLN E 494 23.23 5.86 9.83
CA GLN E 494 24.15 6.75 9.13
C GLN E 494 25.16 7.42 10.05
N LEU E 495 24.85 7.55 11.34
CA LEU E 495 25.70 8.30 12.25
C LEU E 495 26.28 7.46 13.36
N SER E 496 25.99 6.16 13.38
CA SER E 496 26.58 5.27 14.37
C SER E 496 27.83 4.62 13.78
N ASP E 497 28.39 3.67 14.53
CA ASP E 497 29.61 3.01 14.09
C ASP E 497 29.52 1.50 14.05
N THR E 498 28.64 0.89 14.82
CA THR E 498 28.34 -0.53 14.67
C THR E 498 26.92 -0.81 15.15
N ILE E 499 26.34 -1.88 14.61
CA ILE E 499 24.97 -2.28 14.90
C ILE E 499 24.94 -3.79 15.16
N ILE E 500 24.45 -4.16 16.33
CA ILE E 500 24.35 -5.55 16.77
C ILE E 500 22.87 -5.88 16.92
N ALA E 501 22.45 -7.02 16.37
CA ALA E 501 21.06 -7.44 16.42
C ALA E 501 20.95 -8.86 16.99
N LEU E 502 19.93 -9.07 17.80
CA LEU E 502 19.63 -10.36 18.40
C LEU E 502 18.30 -10.85 17.86
N GLU E 503 18.27 -12.07 17.33
CA GLU E 503 17.04 -12.66 16.83
C GLU E 503 16.82 -14.01 17.48
N ARG E 504 15.63 -14.20 18.06
CA ARG E 504 15.29 -15.48 18.74
C ARG E 504 13.81 -15.82 18.47
N ASN E 505 13.54 -17.11 18.22
CA ASN E 505 12.17 -17.58 17.94
C ASN E 505 11.43 -17.65 19.27
N GLN E 506 10.67 -16.60 19.58
CA GLN E 506 10.13 -16.44 20.92
C GLN E 506 8.97 -17.39 21.18
N GLN E 507 7.98 -17.43 20.30
CA GLN E 507 6.93 -18.45 20.38
C GLN E 507 7.32 -19.70 19.61
N GLY E 508 8.39 -20.37 20.02
CA GLY E 508 8.85 -21.54 19.30
C GLY E 508 9.24 -22.70 20.20
N ASP E 509 10.15 -23.56 19.71
CA ASP E 509 10.61 -24.68 20.52
C ASP E 509 11.85 -24.32 21.34
N MET E 510 12.72 -23.46 20.80
CA MET E 510 13.90 -22.97 21.52
C MET E 510 13.79 -21.46 21.64
N PRO E 511 13.12 -20.92 22.65
CA PRO E 511 13.04 -19.47 22.82
C PRO E 511 14.25 -18.86 23.54
N ASN E 512 15.24 -19.66 23.91
CA ASN E 512 16.40 -19.19 24.65
C ASN E 512 17.68 -19.38 23.84
N LEU E 513 17.64 -19.04 22.56
CA LEU E 513 18.81 -19.18 21.69
C LEU E 513 18.81 -17.97 20.74
N VAL E 514 19.57 -16.95 21.10
CA VAL E 514 19.70 -15.77 20.26
C VAL E 514 20.72 -16.02 19.17
N LEU E 515 20.45 -15.46 18.00
CA LEU E 515 21.41 -15.35 16.91
C LEU E 515 21.87 -13.91 16.87
N VAL E 516 23.18 -13.70 16.82
CA VAL E 516 23.78 -12.38 16.88
C VAL E 516 24.24 -12.01 15.47
N ARG E 517 23.87 -10.82 15.03
CA ARG E 517 24.12 -10.37 13.68
C ARG E 517 24.77 -8.99 13.70
N ILE E 518 25.91 -8.86 13.04
CA ILE E 518 26.57 -7.58 12.85
C ILE E 518 26.05 -6.98 11.54
N LEU E 519 25.60 -5.72 11.61
CA LEU E 519 25.03 -5.05 10.45
C LEU E 519 25.93 -3.97 9.87
N LYS E 520 26.93 -3.49 10.61
CA LYS E 520 27.76 -2.37 10.20
C LYS E 520 28.99 -2.34 11.09
N CYS E 521 30.14 -1.97 10.49
CA CYS E 521 31.38 -1.75 11.24
C CYS E 521 32.31 -0.88 10.41
N ARG E 522 32.46 0.39 10.81
CA ARG E 522 33.31 1.37 10.07
C ARG E 522 34.80 0.99 10.13
N PHE E 523 35.24 0.32 11.20
CA PHE E 523 36.65 -0.03 11.33
C PHE E 523 37.03 -1.27 10.51
N THR E 524 36.18 -2.29 10.51
CA THR E 524 36.54 -3.50 9.80
C THR E 524 35.74 -3.73 8.54
N GLY E 525 34.41 -3.69 8.61
CA GLY E 525 33.57 -4.12 7.51
C GLY E 525 33.08 -5.54 7.63
N ASP E 526 33.64 -6.31 8.55
CA ASP E 526 33.21 -7.70 8.75
C ASP E 526 31.83 -7.73 9.40
N THR E 527 30.84 -8.19 8.65
CA THR E 527 29.45 -8.23 9.10
C THR E 527 28.91 -9.66 8.99
N GLY E 528 27.68 -9.85 9.45
CA GLY E 528 27.02 -11.13 9.30
C GLY E 528 26.70 -11.87 10.58
N ILE E 529 26.51 -13.18 10.47
CA ILE E 529 26.13 -14.02 11.61
C ILE E 529 27.38 -14.34 12.43
N ALA E 530 27.32 -14.07 13.73
CA ALA E 530 28.47 -14.28 14.60
C ALA E 530 28.45 -15.63 15.31
N GLY E 531 27.43 -15.87 16.14
CA GLY E 531 27.41 -17.08 16.92
C GLY E 531 26.07 -17.28 17.60
N TYR E 532 26.07 -18.17 18.59
CA TYR E 532 24.85 -18.57 19.29
C TYR E 532 25.08 -18.58 20.79
N MET E 533 24.17 -17.95 21.51
CA MET E 533 24.21 -17.87 22.97
C MET E 533 22.98 -18.53 23.57
N GLU E 534 23.17 -19.40 24.53
CA GLU E 534 22.07 -19.91 25.34
C GLU E 534 21.92 -19.02 26.56
N TYR E 535 20.72 -19.03 27.15
CA TYR E 535 20.42 -18.05 28.17
C TYR E 535 20.66 -18.55 29.59
N ASN E 536 20.39 -19.83 29.85
CA ASN E 536 20.57 -20.47 31.16
C ASN E 536 19.73 -19.75 32.23
N LYS E 537 18.41 -19.90 32.11
CA LYS E 537 17.40 -19.25 32.99
C LYS E 537 17.80 -19.35 34.47
N GLU E 538 18.34 -20.49 34.89
CA GLU E 538 18.68 -20.67 36.31
C GLU E 538 19.65 -19.58 36.78
N THR E 539 20.59 -19.18 35.94
CA THR E 539 21.64 -18.23 36.31
C THR E 539 21.40 -16.82 35.79
N GLY E 540 21.07 -16.67 34.51
CA GLY E 540 20.91 -15.38 33.89
C GLY E 540 22.06 -14.95 33.01
N TRP E 541 23.09 -15.77 32.86
CA TRP E 541 24.27 -15.43 32.08
C TRP E 541 24.14 -15.95 30.65
N LEU E 542 24.22 -15.05 29.68
CA LEU E 542 24.29 -15.42 28.28
C LEU E 542 25.60 -16.13 28.02
N GLU E 543 25.54 -17.45 27.80
CA GLU E 543 26.80 -18.15 27.62
C GLU E 543 26.83 -18.89 26.29
N PRO E 544 28.00 -18.97 25.65
CA PRO E 544 28.06 -19.58 24.31
C PRO E 544 27.99 -21.09 24.36
N SER E 545 27.68 -21.68 23.21
CA SER E 545 27.61 -23.13 23.05
C SER E 545 27.99 -23.54 21.63
N GLY F 264 16.43 18.76 -27.61
CA GLY F 264 16.95 17.41 -27.66
C GLY F 264 16.57 16.67 -28.94
N VAL F 265 15.82 17.36 -29.80
CA VAL F 265 15.35 16.80 -31.06
C VAL F 265 16.38 17.13 -32.13
N VAL F 266 17.00 16.09 -32.68
CA VAL F 266 18.13 16.23 -33.60
C VAL F 266 17.65 15.93 -35.01
N SER F 267 17.92 16.84 -35.93
CA SER F 267 17.55 16.63 -37.33
C SER F 267 18.52 15.66 -38.00
N ALA F 268 18.19 15.28 -39.24
CA ALA F 268 19.01 14.32 -39.96
C ALA F 268 20.24 14.94 -40.61
N LEU F 269 20.32 16.27 -40.70
CA LEU F 269 21.47 16.91 -41.32
C LEU F 269 22.61 17.14 -40.34
N SER F 270 22.35 17.10 -39.04
CA SER F 270 23.35 17.49 -38.06
C SER F 270 24.39 16.41 -37.77
N LEU F 271 24.29 15.25 -38.41
CA LEU F 271 25.27 14.18 -38.26
C LEU F 271 26.09 14.02 -39.54
N ARG F 272 26.46 15.15 -40.14
CA ARG F 272 27.09 15.13 -41.45
C ARG F 272 28.53 14.65 -41.36
N GLU F 273 29.23 15.01 -40.29
CA GLU F 273 30.60 14.54 -40.04
C GLU F 273 30.74 13.69 -38.80
N ARG F 274 29.70 13.61 -37.96
CA ARG F 274 29.80 13.08 -36.61
C ARG F 274 29.70 11.55 -36.62
N ILE F 275 29.14 10.97 -37.69
CA ILE F 275 29.15 9.52 -37.83
C ILE F 275 30.56 9.08 -38.21
N ARG F 276 31.25 9.91 -39.02
CA ARG F 276 32.69 9.75 -39.23
C ARG F 276 33.46 9.85 -37.93
N GLU F 277 32.98 10.69 -37.00
CA GLU F 277 33.56 10.78 -35.67
C GLU F 277 33.38 9.48 -34.88
N HIS F 278 32.36 8.68 -35.23
CA HIS F 278 32.22 7.37 -34.62
C HIS F 278 33.08 6.32 -35.35
N LEU F 279 33.53 6.62 -36.56
CA LEU F 279 34.30 5.64 -37.33
C LEU F 279 35.80 5.68 -37.01
N SER F 280 36.23 6.56 -36.12
CA SER F 280 37.63 6.66 -35.76
C SER F 280 37.86 6.31 -34.29
N VAL F 285 40.14 13.60 -22.48
CA VAL F 285 39.68 12.60 -21.53
C VAL F 285 39.69 13.20 -20.12
N GLY F 286 40.88 13.40 -19.57
CA GLY F 286 41.03 13.91 -18.23
C GLY F 286 41.57 12.87 -17.27
N LEU F 287 41.22 13.04 -16.00
CA LEU F 287 41.74 12.20 -14.93
C LEU F 287 41.08 10.83 -14.95
N LEU F 288 41.89 9.79 -14.78
CA LEU F 288 41.43 8.41 -14.89
C LEU F 288 41.12 7.82 -13.52
N PHE F 289 40.31 6.76 -13.53
CA PHE F 289 39.90 6.07 -12.31
C PHE F 289 40.65 4.75 -12.15
N SER F 290 40.58 4.21 -10.94
CA SER F 290 41.30 2.99 -10.56
C SER F 290 40.32 1.89 -10.18
N GLY F 291 40.58 0.68 -10.66
CA GLY F 291 39.73 -0.46 -10.38
C GLY F 291 38.54 -0.53 -11.29
N CYS F 292 38.29 -1.71 -11.86
CA CYS F 292 37.22 -2.02 -12.84
C CYS F 292 37.16 -0.97 -13.96
N THR F 293 38.20 -0.99 -14.80
CA THR F 293 38.55 0.09 -15.72
C THR F 293 37.51 0.47 -16.77
N GLY F 294 36.31 -0.12 -16.73
CA GLY F 294 35.19 0.36 -17.50
C GLY F 294 34.44 1.52 -16.88
N ILE F 295 35.08 2.27 -15.98
CA ILE F 295 34.49 3.48 -15.41
C ILE F 295 34.80 4.62 -16.36
N ASN F 296 36.08 4.94 -16.49
CA ASN F 296 36.59 5.94 -17.41
C ASN F 296 36.55 5.49 -18.87
N ASP F 297 36.27 4.21 -19.11
CA ASP F 297 35.93 3.73 -20.44
C ASP F 297 34.48 4.06 -20.81
N LYS F 298 33.70 4.52 -19.83
CA LYS F 298 32.28 4.80 -20.00
C LYS F 298 31.94 6.27 -19.80
N THR F 299 32.56 6.93 -18.81
CA THR F 299 32.34 8.36 -18.59
C THR F 299 33.49 9.23 -19.10
N LEU F 300 34.46 8.63 -19.80
CA LEU F 300 35.64 9.30 -20.35
C LEU F 300 36.45 10.03 -19.27
N GLY F 301 36.54 9.43 -18.09
CA GLY F 301 37.35 9.97 -17.01
C GLY F 301 36.77 11.22 -16.37
N ALA F 302 37.45 11.65 -15.30
CA ALA F 302 37.04 12.82 -14.57
C ALA F 302 37.56 14.09 -15.22
N ARG F 303 36.87 15.20 -14.99
CA ARG F 303 37.19 16.47 -15.63
C ARG F 303 37.02 17.61 -14.65
N GLY F 304 37.68 18.73 -14.98
CA GLY F 304 37.56 19.92 -14.16
C GLY F 304 36.22 20.60 -14.38
N GLY F 305 35.78 21.31 -13.33
CA GLY F 305 34.48 21.94 -13.34
C GLY F 305 33.33 21.04 -12.98
N GLU F 306 33.56 19.76 -12.79
CA GLU F 306 32.51 18.80 -12.52
C GLU F 306 32.18 18.75 -11.03
N VAL F 307 31.03 18.15 -10.72
CA VAL F 307 30.66 17.75 -9.37
C VAL F 307 30.30 16.28 -9.46
N ILE F 308 31.23 15.41 -9.05
CA ILE F 308 31.08 13.97 -9.18
C ILE F 308 30.51 13.43 -7.87
N MET F 309 29.43 12.69 -7.94
CA MET F 309 28.76 12.14 -6.77
C MET F 309 29.04 10.65 -6.70
N VAL F 310 29.42 10.17 -5.51
CA VAL F 310 29.55 8.74 -5.25
C VAL F 310 28.57 8.45 -4.12
N THR F 311 27.43 7.84 -4.45
CA THR F 311 26.35 7.64 -3.48
C THR F 311 25.96 6.17 -3.42
N SER F 312 25.96 5.63 -2.21
CA SER F 312 25.55 4.25 -1.99
C SER F 312 25.04 4.14 -0.55
N GLY F 313 24.78 2.91 -0.11
CA GLY F 313 24.29 2.67 1.24
C GLY F 313 25.41 2.74 2.27
N SER F 314 25.00 2.63 3.53
CA SER F 314 25.93 2.73 4.64
C SER F 314 26.73 1.43 4.77
N GLY F 315 28.05 1.53 4.68
CA GLY F 315 28.92 0.39 4.69
C GLY F 315 29.32 -0.11 3.32
N MET F 316 28.79 0.48 2.25
CA MET F 316 29.11 0.05 0.89
C MET F 316 30.51 0.42 0.46
N GLY F 317 31.14 1.40 1.10
CA GLY F 317 32.50 1.77 0.75
C GLY F 317 32.62 3.00 -0.12
N LYS F 318 31.92 4.07 0.24
CA LYS F 318 32.09 5.33 -0.48
C LYS F 318 33.42 5.98 -0.14
N SER F 319 33.72 6.08 1.16
CA SER F 319 34.96 6.69 1.61
C SER F 319 36.18 5.88 1.20
N THR F 320 36.06 4.55 1.18
CA THR F 320 37.14 3.69 0.69
C THR F 320 37.43 3.95 -0.78
N PHE F 321 36.38 4.04 -1.60
CA PHE F 321 36.52 4.29 -3.03
C PHE F 321 37.16 5.64 -3.30
N VAL F 322 36.64 6.69 -2.66
CA VAL F 322 37.15 8.02 -2.94
C VAL F 322 38.52 8.24 -2.31
N ARG F 323 38.89 7.47 -1.27
CA ARG F 323 40.22 7.59 -0.69
C ARG F 323 41.25 6.86 -1.54
N GLN F 324 40.84 5.72 -2.12
CA GLN F 324 41.69 5.03 -3.10
C GLN F 324 41.95 5.91 -4.32
N GLN F 325 40.92 6.64 -4.78
CA GLN F 325 41.13 7.54 -5.92
C GLN F 325 41.98 8.74 -5.51
N ALA F 326 41.85 9.21 -4.27
CA ALA F 326 42.71 10.29 -3.78
C ALA F 326 44.17 9.87 -3.71
N LEU F 327 44.41 8.61 -3.36
CA LEU F 327 45.79 8.10 -3.38
C LEU F 327 46.31 7.98 -4.80
N GLN F 328 45.52 7.40 -5.71
CA GLN F 328 45.97 7.22 -7.08
C GLN F 328 45.98 8.50 -7.90
N TRP F 329 45.49 9.61 -7.37
CA TRP F 329 45.65 10.90 -8.03
C TRP F 329 46.73 11.75 -7.36
N GLY F 330 47.55 11.15 -6.51
CA GLY F 330 48.60 11.88 -5.82
C GLY F 330 49.94 11.18 -5.85
N THR F 331 49.96 9.94 -6.35
CA THR F 331 51.18 9.18 -6.55
C THR F 331 51.43 8.85 -8.02
N ALA F 332 50.36 8.59 -8.78
CA ALA F 332 50.50 8.32 -10.19
C ALA F 332 50.48 9.58 -11.03
N MET F 333 49.70 10.60 -10.64
CA MET F 333 49.57 11.83 -11.42
C MET F 333 50.37 12.97 -10.83
N GLY F 334 50.50 13.03 -9.51
CA GLY F 334 51.22 14.10 -8.87
C GLY F 334 50.44 15.39 -8.72
N LYS F 335 49.15 15.39 -9.00
CA LYS F 335 48.33 16.58 -8.87
C LYS F 335 48.06 16.86 -7.39
N LYS F 336 47.89 18.13 -7.06
CA LYS F 336 47.67 18.52 -5.68
C LYS F 336 46.24 18.17 -5.28
N VAL F 337 46.12 17.36 -4.23
CA VAL F 337 44.84 16.77 -3.81
C VAL F 337 44.46 17.32 -2.45
N GLY F 338 43.24 17.83 -2.33
CA GLY F 338 42.71 18.28 -1.06
C GLY F 338 41.59 17.38 -0.57
N LEU F 339 41.72 16.91 0.67
CA LEU F 339 40.72 16.03 1.25
C LEU F 339 39.84 16.82 2.22
N ALA F 340 38.61 16.33 2.40
CA ALA F 340 37.71 16.83 3.46
C ALA F 340 37.00 15.60 4.02
N MET F 341 37.64 14.97 5.01
CA MET F 341 37.09 13.81 5.70
C MET F 341 36.48 14.31 7.01
N LEU F 342 35.30 14.92 6.89
CA LEU F 342 34.60 15.40 8.08
C LEU F 342 33.93 14.28 8.86
N GLN F 343 34.07 13.05 8.36
CA GLN F 343 33.48 11.86 9.02
C GLN F 343 34.45 11.34 10.08
N GLU F 344 35.70 11.81 10.06
CA GLU F 344 36.71 11.37 11.03
C GLU F 344 37.71 12.51 11.24
N SER F 345 38.87 12.18 11.81
CA SER F 345 39.90 13.15 12.11
C SER F 345 41.06 13.07 11.11
N VAL F 346 41.99 14.03 11.22
CA VAL F 346 43.06 14.16 10.24
C VAL F 346 44.18 13.15 10.40
N GLU F 347 44.27 12.49 11.55
CA GLU F 347 45.31 11.48 11.74
C GLU F 347 44.89 10.12 11.20
N GLU F 348 43.60 9.80 11.35
CA GLU F 348 43.08 8.53 10.88
C GLU F 348 43.10 8.44 9.36
N THR F 349 42.71 9.52 8.69
CA THR F 349 42.70 9.56 7.23
C THR F 349 44.10 9.64 6.64
N ALA F 350 45.12 9.94 7.43
CA ALA F 350 46.50 9.88 6.96
C ALA F 350 47.12 8.51 7.17
N GLU F 351 46.82 7.88 8.32
CA GLU F 351 47.25 6.51 8.56
C GLU F 351 46.63 5.55 7.57
N ASP F 352 45.38 5.82 7.16
CA ASP F 352 44.72 4.98 6.18
C ASP F 352 45.38 5.11 4.80
N LEU F 353 45.80 6.33 4.42
CA LEU F 353 46.50 6.51 3.15
C LEU F 353 47.86 5.82 3.15
N ILE F 354 48.59 5.89 4.28
CA ILE F 354 49.88 5.22 4.39
C ILE F 354 49.71 3.70 4.30
N GLY F 355 48.71 3.17 4.99
CA GLY F 355 48.46 1.73 4.92
C GLY F 355 47.96 1.26 3.58
N LEU F 356 47.21 2.11 2.88
CA LEU F 356 46.74 1.74 1.55
C LEU F 356 47.88 1.76 0.54
N HIS F 357 48.81 2.73 0.66
CA HIS F 357 49.93 2.77 -0.26
C HIS F 357 50.91 1.63 -0.01
N ASN F 358 51.16 1.29 1.25
CA ASN F 358 52.16 0.28 1.58
C ASN F 358 51.62 -1.14 1.58
N ARG F 359 50.43 -1.37 1.00
CA ARG F 359 49.80 -2.68 0.81
C ARG F 359 49.52 -3.43 2.11
N VAL F 360 49.47 -2.73 3.25
CA VAL F 360 49.31 -3.36 4.55
C VAL F 360 48.21 -2.64 5.31
N ARG F 361 47.18 -3.38 5.73
CA ARG F 361 46.09 -2.85 6.53
C ARG F 361 46.63 -2.39 7.88
N LEU F 362 46.65 -1.08 8.09
CA LEU F 362 47.40 -0.49 9.19
C LEU F 362 46.61 -0.38 10.49
N ARG F 363 45.49 0.35 10.46
CA ARG F 363 44.78 0.70 11.68
C ARG F 363 43.99 -0.45 12.29
N GLN F 364 44.01 -1.61 11.62
CA GLN F 364 43.23 -2.79 12.11
C GLN F 364 44.16 -3.86 12.71
N SER F 365 45.47 -3.75 12.47
CA SER F 365 46.41 -4.73 12.98
C SER F 365 47.14 -4.12 14.17
N ASP F 366 46.87 -4.64 15.37
CA ASP F 366 47.36 -4.04 16.60
C ASP F 366 48.86 -4.23 16.78
N SER F 367 49.39 -5.38 16.36
CA SER F 367 50.81 -5.68 16.54
C SER F 367 51.69 -4.83 15.62
N LEU F 368 51.29 -4.68 14.37
CA LEU F 368 52.11 -3.99 13.38
C LEU F 368 52.17 -2.48 13.61
N LYS F 369 51.16 -1.90 14.27
CA LYS F 369 51.18 -0.47 14.59
C LYS F 369 52.31 -0.12 15.55
N ARG F 370 52.67 -1.02 16.46
CA ARG F 370 53.83 -0.81 17.31
C ARG F 370 55.08 -1.49 16.78
N GLU F 371 54.93 -2.41 15.82
CA GLU F 371 56.09 -3.01 15.19
C GLU F 371 56.80 -2.03 14.26
N ILE F 372 56.05 -1.19 13.55
CA ILE F 372 56.70 -0.32 12.58
C ILE F 372 57.07 1.02 13.18
N ILE F 373 56.92 1.17 14.50
CA ILE F 373 57.34 2.40 15.16
C ILE F 373 58.20 2.07 16.37
N LYS F 377 61.07 2.86 10.82
CA LYS F 377 60.68 2.82 9.41
C LYS F 377 59.40 3.62 9.19
N PHE F 378 58.91 4.24 10.27
CA PHE F 378 57.71 5.07 10.15
C PHE F 378 57.97 6.30 9.30
N ASP F 379 59.08 7.00 9.52
CA ASP F 379 59.38 8.16 8.67
C ASP F 379 59.75 7.72 7.26
N GLN F 380 60.29 6.51 7.11
CA GLN F 380 60.57 5.96 5.79
C GLN F 380 59.28 5.71 5.01
N TRP F 381 58.23 5.23 5.68
CA TRP F 381 56.94 5.11 5.01
C TRP F 381 56.22 6.45 4.89
N PHE F 382 56.53 7.40 5.78
CA PHE F 382 55.91 8.72 5.72
C PHE F 382 56.38 9.49 4.49
N ASP F 383 57.70 9.71 4.39
CA ASP F 383 58.25 10.64 3.40
C ASP F 383 58.14 10.15 1.97
N GLU F 384 58.13 8.83 1.76
CA GLU F 384 58.04 8.26 0.41
C GLU F 384 56.72 8.63 -0.27
N LEU F 385 55.65 8.85 0.51
CA LEU F 385 54.38 9.24 -0.04
C LEU F 385 53.94 10.66 0.32
N PHE F 386 54.57 11.32 1.30
CA PHE F 386 54.25 12.70 1.65
C PHE F 386 55.42 13.66 1.44
N GLY F 387 56.42 13.29 0.64
CA GLY F 387 57.58 14.14 0.49
C GLY F 387 57.35 15.35 -0.38
N ASN F 388 56.29 15.36 -1.16
CA ASN F 388 55.93 16.53 -1.94
C ASN F 388 54.97 17.38 -1.11
N ASP F 389 54.39 18.40 -1.73
CA ASP F 389 53.37 19.23 -1.09
C ASP F 389 52.02 18.90 -1.69
N THR F 390 51.79 17.60 -1.92
CA THR F 390 50.64 17.13 -2.66
C THR F 390 49.35 17.30 -1.87
N PHE F 391 49.23 16.61 -0.74
CA PHE F 391 47.96 16.50 -0.04
C PHE F 391 47.70 17.72 0.85
N HIS F 392 46.43 17.99 1.09
CA HIS F 392 46.00 19.07 1.98
C HIS F 392 44.76 18.59 2.74
N LEU F 393 44.93 18.37 4.04
CA LEU F 393 43.86 17.82 4.87
C LEU F 393 43.09 18.93 5.56
N TYR F 394 42.07 18.54 6.34
CA TYR F 394 41.20 19.51 7.00
C TYR F 394 40.54 18.85 8.22
N ASP F 395 40.52 19.57 9.33
CA ASP F 395 39.91 19.06 10.56
C ASP F 395 38.61 19.80 10.85
N ARG F 404 32.31 30.30 5.90
CA ARG F 404 33.45 29.70 6.57
C ARG F 404 34.04 28.56 5.74
N LEU F 405 33.23 27.51 5.52
CA LEU F 405 33.68 26.36 4.75
C LEU F 405 33.91 26.73 3.29
N LEU F 406 33.11 27.66 2.75
CA LEU F 406 33.31 28.11 1.38
C LEU F 406 34.61 28.88 1.23
N ALA F 407 34.95 29.72 2.22
CA ALA F 407 36.22 30.44 2.18
C ALA F 407 37.40 29.48 2.35
N LYS F 408 37.22 28.42 3.16
CA LYS F 408 38.26 27.40 3.29
C LYS F 408 38.49 26.64 1.98
N LEU F 409 37.40 26.32 1.27
CA LEU F 409 37.53 25.66 -0.03
C LEU F 409 38.16 26.58 -1.07
N ALA F 410 37.82 27.87 -1.02
CA ALA F 410 38.43 28.84 -1.93
C ALA F 410 39.91 29.03 -1.66
N TYR F 411 40.31 28.98 -0.37
CA TYR F 411 41.74 29.03 -0.05
C TYR F 411 42.46 27.79 -0.53
N MET F 412 41.89 26.59 -0.30
CA MET F 412 42.50 25.34 -0.76
C MET F 412 42.63 25.30 -2.27
N ARG F 413 41.72 25.93 -3.00
CA ARG F 413 41.92 26.08 -4.43
C ARG F 413 43.04 27.07 -4.73
N SER F 414 42.83 28.35 -4.38
CA SER F 414 43.68 29.44 -4.87
C SER F 414 45.07 29.42 -4.27
N GLY F 415 45.16 29.52 -2.94
CA GLY F 415 46.48 29.65 -2.33
C GLY F 415 47.23 28.34 -2.19
N LEU F 416 46.66 27.22 -2.62
CA LEU F 416 47.30 25.92 -2.46
C LEU F 416 47.36 25.08 -3.73
N GLY F 417 46.76 25.52 -4.83
CA GLY F 417 46.98 24.84 -6.10
C GLY F 417 46.32 23.49 -6.24
N CYS F 418 45.31 23.18 -5.44
CA CYS F 418 44.67 21.88 -5.49
C CYS F 418 43.78 21.76 -6.72
N ASP F 419 44.06 20.75 -7.54
CA ASP F 419 43.25 20.47 -8.72
C ASP F 419 42.13 19.48 -8.44
N VAL F 420 42.20 18.75 -7.34
CA VAL F 420 41.15 17.82 -6.92
C VAL F 420 40.75 18.20 -5.50
N ILE F 421 39.46 18.33 -5.25
CA ILE F 421 38.91 18.56 -3.92
C ILE F 421 37.86 17.49 -3.65
N ILE F 422 37.93 16.86 -2.47
CA ILE F 422 37.03 15.79 -2.08
C ILE F 422 36.30 16.20 -0.80
N LEU F 423 34.98 15.99 -0.76
CA LEU F 423 34.16 16.25 0.41
C LEU F 423 33.37 14.99 0.74
N ASP F 424 33.57 14.46 1.94
CA ASP F 424 33.02 13.15 2.30
C ASP F 424 31.72 13.21 3.08
N HIS F 425 31.40 14.34 3.71
CA HIS F 425 30.23 14.42 4.56
C HIS F 425 29.51 15.73 4.33
N ILE F 426 28.35 15.66 3.68
CA ILE F 426 27.49 16.83 3.48
C ILE F 426 26.20 16.72 4.29
N SER F 427 26.00 15.61 5.02
CA SER F 427 24.75 15.35 5.72
C SER F 427 24.49 16.34 6.85
N ILE F 428 25.54 16.91 7.45
CA ILE F 428 25.36 17.96 8.45
C ILE F 428 25.52 19.35 7.88
N VAL F 429 26.19 19.50 6.73
CA VAL F 429 26.34 20.80 6.13
C VAL F 429 25.44 20.90 4.92
N LYS F 440 15.85 23.59 1.60
CA LYS F 440 16.32 24.91 1.14
C LYS F 440 17.79 25.13 1.48
N MET F 441 18.21 24.71 2.67
CA MET F 441 19.59 24.89 3.09
C MET F 441 20.56 23.97 2.34
N ILE F 442 20.05 22.94 1.66
CA ILE F 442 20.89 22.05 0.87
C ILE F 442 20.87 22.56 -0.56
N ASP F 443 19.74 23.12 -1.00
CA ASP F 443 19.66 23.68 -2.35
C ASP F 443 20.52 24.93 -2.50
N ASN F 444 20.49 25.80 -1.48
CA ASN F 444 21.38 26.97 -1.46
C ASN F 444 22.84 26.55 -1.46
N LEU F 445 23.18 25.52 -0.67
CA LEU F 445 24.55 25.02 -0.60
C LEU F 445 25.00 24.44 -1.93
N MET F 446 24.12 23.71 -2.61
CA MET F 446 24.52 23.06 -3.86
C MET F 446 24.63 24.08 -4.99
N THR F 447 23.76 25.10 -5.02
CA THR F 447 23.92 26.19 -5.99
C THR F 447 25.21 26.96 -5.73
N LYS F 448 25.57 27.16 -4.45
CA LYS F 448 26.79 27.90 -4.13
C LYS F 448 28.04 27.09 -4.49
N LEU F 449 28.03 25.78 -4.21
CA LEU F 449 29.11 24.89 -4.65
C LEU F 449 29.25 24.85 -6.16
N LYS F 450 28.13 24.81 -6.88
CA LYS F 450 28.20 24.72 -8.34
C LYS F 450 28.67 26.04 -8.95
N GLY F 451 28.27 27.18 -8.37
CA GLY F 451 28.80 28.45 -8.80
C GLY F 451 30.29 28.61 -8.53
N PHE F 452 30.76 28.11 -7.39
CA PHE F 452 32.19 28.10 -7.10
C PHE F 452 32.96 27.23 -8.11
N ALA F 453 32.42 26.05 -8.42
CA ALA F 453 33.10 25.18 -9.38
C ALA F 453 33.09 25.76 -10.79
N LYS F 454 32.00 26.45 -11.17
CA LYS F 454 31.93 27.14 -12.45
C LYS F 454 32.93 28.29 -12.52
N SER F 455 33.10 29.03 -11.42
CA SER F 455 34.02 30.15 -11.41
C SER F 455 35.48 29.67 -11.45
N THR F 456 35.76 28.53 -10.81
CA THR F 456 37.15 28.09 -10.73
C THR F 456 37.54 27.14 -11.85
N GLY F 457 36.91 25.97 -11.93
CA GLY F 457 37.40 24.94 -12.85
C GLY F 457 38.23 23.88 -12.17
N VAL F 458 37.75 23.35 -11.06
CA VAL F 458 38.48 22.37 -10.26
C VAL F 458 37.66 21.08 -10.20
N VAL F 459 38.36 19.93 -10.25
CA VAL F 459 37.70 18.65 -10.06
C VAL F 459 37.17 18.58 -8.64
N LEU F 460 35.87 18.35 -8.50
CA LEU F 460 35.20 18.40 -7.20
C LEU F 460 34.36 17.15 -7.02
N VAL F 461 34.59 16.43 -5.93
CA VAL F 461 33.83 15.22 -5.60
C VAL F 461 33.09 15.48 -4.31
N VAL F 462 31.78 15.22 -4.30
CA VAL F 462 30.92 15.42 -3.15
C VAL F 462 30.19 14.13 -2.88
N ILE F 463 30.15 13.69 -1.61
CA ILE F 463 29.46 12.46 -1.23
C ILE F 463 28.29 12.79 -0.30
N CYS F 464 27.11 12.27 -0.63
CA CYS F 464 25.93 12.31 0.22
C CYS F 464 25.40 10.89 0.41
N HIS F 465 24.22 10.78 1.02
CA HIS F 465 23.64 9.49 1.39
C HIS F 465 22.32 9.24 0.66
N LEU F 466 21.90 7.98 0.64
CA LEU F 466 20.67 7.55 0.00
C LEU F 466 19.51 7.72 0.95
N LYS F 467 18.31 7.54 0.38
CA LYS F 467 17.03 7.60 1.14
C LYS F 467 16.68 6.19 1.63
N ASN F 468 15.65 6.09 2.47
CA ASN F 468 15.22 4.82 3.02
C ASN F 468 14.28 4.14 2.03
N PRO F 469 14.54 2.91 1.61
CA PRO F 469 13.59 2.21 0.73
C PRO F 469 12.30 1.89 1.46
N ASP F 470 11.18 2.10 0.77
CA ASP F 470 9.87 1.93 1.38
C ASP F 470 9.29 0.54 1.25
N LYS F 471 9.71 -0.22 0.25
CA LYS F 471 9.13 -1.54 0.02
C LYS F 471 10.16 -2.43 -0.64
N GLY F 472 10.30 -3.65 -0.14
CA GLY F 472 11.21 -4.62 -0.70
C GLY F 472 12.43 -4.85 0.16
N LYS F 473 13.57 -4.93 -0.51
CA LYS F 473 14.84 -5.10 0.17
C LYS F 473 15.44 -3.72 0.50
N ALA F 474 16.56 -3.73 1.20
CA ALA F 474 17.36 -2.54 1.42
C ALA F 474 18.52 -2.52 0.43
N HIS F 475 19.21 -1.37 0.38
CA HIS F 475 20.31 -1.21 -0.56
C HIS F 475 21.49 -2.10 -0.19
N GLU F 476 21.56 -2.54 1.06
CA GLU F 476 22.70 -3.29 1.56
C GLU F 476 22.58 -4.78 1.29
N GLU F 477 21.41 -5.28 0.90
CA GLU F 477 21.26 -6.69 0.56
C GLU F 477 21.06 -6.91 -0.94
N GLY F 478 21.58 -6.01 -1.77
CA GLY F 478 21.55 -6.23 -3.21
C GLY F 478 20.39 -5.62 -3.95
N ARG F 479 19.83 -4.52 -3.48
CA ARG F 479 18.82 -3.82 -4.24
C ARG F 479 19.46 -2.73 -5.09
N PRO F 480 19.21 -2.70 -6.40
CA PRO F 480 19.85 -1.70 -7.26
C PRO F 480 19.29 -0.30 -7.05
N VAL F 481 20.21 0.66 -7.03
CA VAL F 481 19.92 2.04 -6.67
C VAL F 481 19.37 2.76 -7.88
N SER F 482 18.23 3.44 -7.72
CA SER F 482 17.72 4.34 -8.73
C SER F 482 18.19 5.76 -8.43
N ILE F 483 17.99 6.65 -9.40
CA ILE F 483 18.50 8.01 -9.24
C ILE F 483 17.61 8.83 -8.31
N THR F 484 16.42 8.33 -7.97
CA THR F 484 15.51 9.10 -7.12
C THR F 484 15.93 9.01 -5.65
N ASP F 485 16.68 7.97 -5.27
CA ASP F 485 16.99 7.70 -3.87
C ASP F 485 18.03 8.66 -3.29
N LEU F 486 17.71 9.95 -3.18
CA LEU F 486 18.64 10.93 -2.62
C LEU F 486 17.90 11.82 -1.64
N ARG F 487 18.44 11.95 -0.43
CA ARG F 487 17.77 12.67 0.65
C ARG F 487 17.81 14.17 0.44
N GLY F 488 17.27 14.89 1.41
CA GLY F 488 17.35 16.35 1.45
C GLY F 488 16.42 17.04 0.49
N SER F 489 16.73 16.94 -0.81
CA SER F 489 15.93 17.57 -1.85
C SER F 489 16.19 16.81 -3.15
N GLY F 490 15.68 17.35 -4.25
CA GLY F 490 15.85 16.75 -5.55
C GLY F 490 16.88 17.40 -6.43
N ALA F 491 17.60 18.41 -5.93
CA ALA F 491 18.62 19.09 -6.71
C ALA F 491 19.96 18.37 -6.70
N LEU F 492 20.10 17.30 -5.91
CA LEU F 492 21.35 16.56 -5.86
C LEU F 492 21.64 15.85 -7.17
N ARG F 493 20.61 15.47 -7.92
CA ARG F 493 20.78 14.89 -9.24
C ARG F 493 20.52 15.88 -10.37
N GLN F 494 20.21 17.13 -10.06
CA GLN F 494 19.98 18.14 -11.09
C GLN F 494 21.05 19.22 -11.13
N LEU F 495 21.90 19.33 -10.11
CA LEU F 495 23.05 20.22 -10.16
C LEU F 495 24.37 19.46 -10.07
N SER F 496 24.36 18.16 -10.28
CA SER F 496 25.56 17.35 -10.37
C SER F 496 25.87 17.06 -11.83
N ASP F 497 26.98 16.37 -12.07
CA ASP F 497 27.39 16.06 -13.43
C ASP F 497 27.55 14.58 -13.73
N THR F 498 27.99 13.78 -12.75
CA THR F 498 27.95 12.34 -12.90
C THR F 498 27.74 11.69 -11.54
N ILE F 499 27.14 10.50 -11.54
CA ILE F 499 26.77 9.79 -10.33
C ILE F 499 27.23 8.33 -10.44
N ILE F 500 28.00 7.89 -9.46
CA ILE F 500 28.48 6.51 -9.38
C ILE F 500 27.83 5.89 -8.14
N ALA F 501 27.51 4.61 -8.21
CA ALA F 501 26.93 3.89 -7.10
C ALA F 501 27.51 2.49 -7.00
N LEU F 502 27.47 1.92 -5.79
CA LEU F 502 27.98 0.59 -5.53
C LEU F 502 26.88 -0.26 -4.91
N GLU F 503 26.86 -1.55 -5.26
CA GLU F 503 25.92 -2.51 -4.70
C GLU F 503 26.66 -3.79 -4.34
N ARG F 504 26.42 -4.29 -3.12
CA ARG F 504 27.05 -5.53 -2.62
C ARG F 504 26.12 -6.19 -1.59
N ASN F 505 25.95 -7.51 -1.66
CA ASN F 505 25.07 -8.22 -0.73
C ASN F 505 25.81 -8.36 0.59
N GLN F 506 25.61 -7.40 1.49
CA GLN F 506 26.43 -7.28 2.70
C GLN F 506 26.17 -8.40 3.69
N GLN F 507 24.90 -8.67 3.99
CA GLN F 507 24.55 -9.85 4.78
C GLN F 507 24.28 -11.06 3.89
N GLY F 508 25.22 -11.38 3.01
CA GLY F 508 24.95 -12.36 1.98
C GLY F 508 25.99 -13.45 1.81
N ASP F 509 25.97 -14.07 0.62
CA ASP F 509 26.86 -15.20 0.36
C ASP F 509 28.29 -14.75 0.10
N MET F 510 28.48 -13.69 -0.67
CA MET F 510 29.79 -13.08 -0.87
C MET F 510 29.62 -11.56 -0.71
N PRO F 511 29.98 -11.00 0.43
CA PRO F 511 29.85 -9.53 0.62
C PRO F 511 30.99 -8.73 0.04
N ASN F 512 32.01 -9.39 -0.53
CA ASN F 512 33.20 -8.71 -1.07
C ASN F 512 33.27 -8.82 -2.59
N LEU F 513 32.13 -8.79 -3.27
CA LEU F 513 32.08 -8.85 -4.74
C LEU F 513 31.12 -7.75 -5.18
N VAL F 514 31.64 -6.54 -5.36
CA VAL F 514 30.77 -5.38 -5.56
C VAL F 514 30.33 -5.33 -7.01
N LEU F 515 29.37 -4.45 -7.28
CA LEU F 515 28.91 -4.13 -8.63
C LEU F 515 28.76 -2.62 -8.71
N VAL F 516 29.29 -2.03 -9.79
CA VAL F 516 29.35 -0.58 -9.93
C VAL F 516 28.33 -0.16 -10.99
N ARG F 517 27.62 0.92 -10.70
CA ARG F 517 26.60 1.43 -11.61
C ARG F 517 26.87 2.90 -11.89
N ILE F 518 26.79 3.28 -13.16
CA ILE F 518 26.78 4.67 -13.57
C ILE F 518 25.32 5.09 -13.73
N LEU F 519 24.93 6.18 -13.08
CA LEU F 519 23.54 6.62 -13.11
C LEU F 519 23.30 7.85 -13.95
N LYS F 520 24.34 8.64 -14.23
CA LYS F 520 24.22 9.87 -14.97
C LYS F 520 25.60 10.24 -15.50
N CYS F 521 25.64 10.76 -16.72
CA CYS F 521 26.90 11.23 -17.31
C CYS F 521 26.57 12.23 -18.41
N ARG F 522 26.68 13.53 -18.11
CA ARG F 522 26.27 14.56 -19.07
C ARG F 522 27.12 14.59 -20.33
N PHE F 523 28.38 14.17 -20.27
CA PHE F 523 29.19 14.13 -21.47
C PHE F 523 28.79 12.97 -22.38
N THR F 524 28.87 11.76 -21.88
CA THR F 524 28.68 10.58 -22.73
C THR F 524 27.23 10.15 -22.85
N GLY F 525 26.51 9.96 -21.73
CA GLY F 525 25.22 9.34 -21.76
C GLY F 525 25.25 7.84 -21.52
N ASP F 526 26.43 7.23 -21.60
CA ASP F 526 26.56 5.80 -21.35
C ASP F 526 26.40 5.52 -19.86
N THR F 527 25.28 4.91 -19.48
CA THR F 527 24.97 4.58 -18.10
C THR F 527 24.87 3.08 -17.94
N GLY F 528 24.71 2.62 -16.70
CA GLY F 528 24.46 1.21 -16.45
C GLY F 528 25.56 0.49 -15.71
N ILE F 529 25.57 -0.84 -15.83
CA ILE F 529 26.50 -1.70 -15.11
C ILE F 529 27.89 -1.52 -15.70
N ALA F 530 28.87 -1.25 -14.85
CA ALA F 530 30.22 -0.97 -15.32
C ALA F 530 31.15 -2.18 -15.15
N GLY F 531 31.29 -2.69 -13.93
CA GLY F 531 32.23 -3.77 -13.71
C GLY F 531 32.14 -4.35 -12.32
N TYR F 532 33.12 -5.19 -12.01
CA TYR F 532 33.15 -5.98 -10.79
C TYR F 532 34.52 -5.83 -10.11
N MET F 533 34.50 -5.70 -8.79
CA MET F 533 35.71 -5.58 -7.98
C MET F 533 35.62 -6.48 -6.77
N GLU F 534 36.74 -7.09 -6.40
CA GLU F 534 36.86 -7.75 -5.11
C GLU F 534 37.75 -6.93 -4.20
N TYR F 535 37.54 -7.06 -2.90
CA TYR F 535 38.10 -6.09 -1.97
C TYR F 535 39.49 -6.46 -1.48
N ASN F 536 39.81 -7.75 -1.38
CA ASN F 536 41.10 -8.28 -0.95
C ASN F 536 41.44 -7.76 0.46
N LYS F 537 40.70 -8.31 1.43
CA LYS F 537 40.73 -7.91 2.85
C LYS F 537 42.12 -7.74 3.44
N GLU F 538 43.10 -8.49 2.96
CA GLU F 538 44.45 -8.42 3.51
C GLU F 538 45.17 -7.16 3.04
N THR F 539 44.76 -6.60 1.91
CA THR F 539 45.44 -5.44 1.33
C THR F 539 44.61 -4.16 1.39
N GLY F 540 43.32 -4.23 1.06
CA GLY F 540 42.46 -3.06 1.07
C GLY F 540 42.27 -2.38 -0.26
N TRP F 541 42.79 -2.96 -1.35
CA TRP F 541 42.66 -2.37 -2.68
C TRP F 541 41.49 -3.00 -3.41
N LEU F 542 40.62 -2.17 -3.97
CA LEU F 542 39.54 -2.67 -4.81
C LEU F 542 40.12 -3.13 -6.14
N GLU F 543 40.37 -4.43 -6.27
CA GLU F 543 41.02 -4.93 -7.46
C GLU F 543 40.01 -5.62 -8.38
N PRO F 544 40.14 -5.46 -9.69
CA PRO F 544 39.12 -6.01 -10.60
C PRO F 544 39.24 -7.52 -10.74
N SER F 545 38.09 -8.16 -10.95
CA SER F 545 38.02 -9.60 -11.17
C SER F 545 36.81 -9.95 -12.02
PA TTP H . -14.90 -1.33 -31.01
O1A TTP H . -16.19 -1.99 -30.59
O2A TTP H . -15.08 0.16 -31.15
O3A TTP H . -13.75 -1.65 -29.88
PB TTP H . -13.88 -1.97 -28.28
O1B TTP H . -14.60 -0.83 -27.62
O2B TTP H . -14.61 -3.27 -28.09
O3B TTP H . -12.38 -2.09 -27.60
PG TTP H . -11.34 -0.94 -27.23
O1G TTP H . -12.11 0.32 -26.90
O2G TTP H . -10.44 -0.68 -28.42
O3G TTP H . -10.50 -1.39 -26.07
O5' TTP H . -14.43 -1.95 -32.46
C5' TTP H . -14.06 -3.29 -32.53
C4' TTP H . -14.15 -3.76 -33.99
O4' TTP H . -14.29 -5.18 -34.00
C3' TTP H . -15.46 -3.25 -34.60
O3' TTP H . -15.22 -1.99 -35.31
C2' TTP H . -15.82 -4.34 -35.61
C1' TTP H . -15.11 -5.57 -35.09
N1 TTP H . -16.05 -6.58 -34.57
C2 TTP H . -15.98 -7.98 -35.04
O2 TTP H . -15.15 -8.22 -35.84
N3 TTP H . -16.82 -9.01 -34.63
C4 TTP H . -17.74 -8.64 -33.72
O4 TTP H . -18.51 -9.52 -33.32
C5 TTP H . -17.91 -7.28 -33.15
C5M TTP H . -18.99 -6.96 -32.13
C6 TTP H . -17.05 -6.29 -33.60
MG MG I . -14.09 1.09 -27.51
PA TTP J . -31.84 -4.87 -3.96
O1A TTP J . -32.50 -5.35 -2.68
O2A TTP J . -32.05 -3.39 -4.10
O3A TTP J . -30.23 -5.21 -3.90
PB TTP J . -29.12 -5.16 -2.68
O1B TTP J . -29.60 -4.22 -1.60
O2B TTP J . -28.94 -6.54 -2.11
O3B TTP J . -27.68 -4.62 -3.27
PG TTP J . -27.28 -3.34 -4.14
O1G TTP J . -28.02 -2.12 -3.64
O2G TTP J . -27.63 -3.57 -5.59
O3G TTP J . -25.79 -3.10 -4.02
O5' TTP J . -32.52 -5.65 -5.24
C5' TTP J . -32.52 -7.05 -5.26
C4' TTP J . -33.49 -7.55 -6.36
O4' TTP J . -33.27 -8.96 -6.62
C3' TTP J . -34.94 -7.40 -5.88
O3' TTP J . -35.80 -7.05 -7.01
C2' TTP J . -35.28 -8.80 -5.38
C1' TTP J . -34.45 -9.69 -6.30
N1 TTP J . -34.04 -10.91 -5.58
C2 TTP J . -34.01 -12.23 -6.26
O2 TTP J . -34.32 -12.27 -7.40
N3 TTP J . -33.63 -13.43 -5.66
C4 TTP J . -33.29 -13.31 -4.36
O4 TTP J . -32.94 -14.35 -3.76
C5 TTP J . -33.29 -12.05 -3.56
C5M TTP J . -32.87 -12.04 -2.09
C6 TTP J . -33.66 -10.89 -4.21
MG MG K . -29.49 -2.15 -2.12
PA TTP L . -17.05 -10.45 24.57
O1A TTP L . -16.38 -10.86 25.87
O2A TTP L . -17.82 -9.17 24.78
O3A TTP L . -15.92 -10.24 23.39
PB TTP L . -14.91 -9.01 22.99
O1B TTP L . -13.52 -9.55 22.83
O2B TTP L . -14.97 -7.93 24.05
O3B TTP L . -15.41 -8.34 21.56
PG TTP L . -15.86 -6.86 21.23
O1G TTP L . -14.99 -6.28 20.14
O2G TTP L . -15.75 -6.01 22.46
O3G TTP L . -17.30 -6.88 20.75
O5' TTP L . -18.06 -11.64 24.09
C5' TTP L . -19.42 -11.52 24.34
C4' TTP L . -20.04 -12.93 24.34
O4' TTP L . -19.08 -13.91 23.88
C3' TTP L . -20.32 -13.38 25.76
O3' TTP L . -21.64 -12.94 26.18
C2' TTP L . -20.28 -14.90 25.60
C1' TTP L . -19.59 -15.16 24.28
N1 TTP L . -18.49 -16.13 24.46
C2 TTP L . -18.67 -17.56 24.09
O2 TTP L . -19.72 -17.89 23.65
N3 TTP L . -17.69 -18.52 24.22
C4 TTP L . -16.50 -18.12 24.72
O4 TTP L . -15.62 -18.96 24.85
C5 TTP L . -16.21 -16.71 25.12
C5M TTP L . -14.84 -16.34 25.68
C6 TTP L . -17.21 -15.77 24.97
MG MG M . -15.30 -5.76 24.67
PA TTP N . 13.94 -7.29 28.39
O1A TTP N . 15.29 -7.59 27.78
O2A TTP N . 14.09 -6.24 29.47
O3A TTP N . 12.95 -6.74 27.21
PB TTP N . 13.22 -5.52 26.15
O1B TTP N . 13.75 -6.11 24.87
O2B TTP N . 14.22 -4.58 26.75
O3B TTP N . 11.85 -4.67 25.85
PG TTP N . 11.58 -3.12 26.06
O1G TTP N . 11.54 -2.43 24.72
O2G TTP N . 12.72 -2.55 26.88
O3G TTP N . 10.27 -2.92 26.77
O5' TTP N . 13.39 -8.69 29.06
C5' TTP N . 14.37 -9.57 29.45
C4' TTP N . 13.78 -10.99 29.53
O4' TTP N . 14.16 -11.72 28.36
C3' TTP N . 14.48 -11.74 30.66
O3' TTP N . 13.67 -11.63 31.87
C2' TTP N . 14.50 -13.19 30.17
C1' TTP N . 14.05 -13.08 28.72
N1 TTP N . 14.95 -13.83 27.85
C2 TTP N . 14.82 -15.31 27.68
O2 TTP N . 13.97 -15.85 28.29
N3 TTP N . 15.63 -16.09 26.87
C4 TTP N . 16.58 -15.40 26.21
O4 TTP N . 17.32 -16.04 25.47
C5 TTP N . 16.80 -13.92 26.28
C5M TTP N . 17.91 -13.24 25.49
C6 TTP N . 15.98 -13.19 27.11
MG MG O . 14.80 -2.69 27.66
PA TTP P . 33.65 2.91 4.38
O1A TTP P . 34.10 3.32 2.99
O2A TTP P . 34.59 3.49 5.40
O3A TTP P . 32.13 3.48 4.64
PB TTP P . 31.52 5.01 4.84
O1B TTP P . 31.25 5.62 3.49
O2B TTP P . 32.54 5.85 5.58
O3B TTP P . 30.13 4.93 5.71
PG TTP P . 28.98 6.01 6.00
O1G TTP P . 27.65 5.47 5.52
O2G TTP P . 29.29 7.29 5.27
O3G TTP P . 28.90 6.28 7.48
O5' TTP P . 33.65 1.27 4.48
C5' TTP P . 33.63 0.69 5.76
C4' TTP P . 34.35 -0.68 5.71
O4' TTP P . 33.75 -1.52 4.71
C3' TTP P . 35.79 -0.50 5.26
O3' TTP P . 36.69 -0.47 6.42
C2' TTP P . 36.07 -1.75 4.42
C1' TTP P . 34.73 -2.48 4.41
N1 TTP P . 34.45 -3.00 3.06
C2 TTP P . 34.37 -4.46 2.79
O2 TTP P . 34.54 -5.20 3.71
N3 TTP P . 34.11 -5.05 1.55
C4 TTP P . 33.93 -4.14 0.56
O4 TTP P . 33.70 -4.60 -0.58
C5 TTP P . 33.99 -2.66 0.70
C5M TTP P . 33.76 -1.75 -0.51
C6 TTP P . 34.24 -2.15 1.94
MG MG Q . 31.71 7.48 4.63
#